data_1IQT
#
_entry.id   1IQT
#
_cell.length_a   ?
_cell.length_b   ?
_cell.length_c   ?
_cell.angle_alpha   ?
_cell.angle_beta   ?
_cell.angle_gamma   ?
#
_entity_poly.entity_id   1
_entity_poly.type   'polypeptide(L)'
_entity_poly.pdbx_seq_one_letter_code
;KIFVGGLSPDTPEEKIREYFGGFGEVESIELPMDNKTNKRRGFCFITFKEEEPVKKIMEKKYHNVGLSKCEIKVA
;
_entity_poly.pdbx_strand_id   A
#
# COMPACT_ATOMS: atom_id res chain seq x y z
N LYS A 1 6.73 -6.46 -1.66
CA LYS A 1 5.38 -5.84 -1.79
C LYS A 1 4.96 -5.39 -0.40
N ILE A 2 4.05 -4.48 -0.28
CA ILE A 2 3.65 -4.07 1.08
C ILE A 2 2.12 -4.07 1.21
N PHE A 3 1.61 -3.90 2.41
CA PHE A 3 0.13 -3.90 2.58
C PHE A 3 -0.31 -2.68 3.42
N VAL A 4 -1.34 -2.01 2.99
CA VAL A 4 -1.83 -0.83 3.73
C VAL A 4 -3.19 -1.11 4.36
N GLY A 5 -3.51 -0.43 5.42
CA GLY A 5 -4.85 -0.62 6.04
C GLY A 5 -5.69 0.60 5.69
N GLY A 6 -5.42 1.13 4.53
CA GLY A 6 -6.17 2.32 4.05
C GLY A 6 -7.55 1.88 3.59
N LEU A 7 -7.62 0.71 3.01
CA LEU A 7 -8.93 0.14 2.54
C LEU A 7 -9.93 1.24 2.19
N SER A 8 -9.47 2.29 1.58
CA SER A 8 -10.36 3.40 1.21
C SER A 8 -11.28 2.96 0.05
N PRO A 9 -12.28 3.75 -0.23
CA PRO A 9 -13.22 3.42 -1.31
C PRO A 9 -12.47 3.22 -2.63
N ASP A 10 -11.36 3.87 -2.80
CA ASP A 10 -10.57 3.70 -4.06
C ASP A 10 -9.07 3.91 -3.78
N THR A 11 -8.30 2.86 -3.79
CA THR A 11 -6.85 3.00 -3.53
C THR A 11 -6.24 4.01 -4.51
N PRO A 12 -5.84 5.16 -3.99
CA PRO A 12 -5.24 6.23 -4.84
C PRO A 12 -3.96 5.76 -5.53
N GLU A 13 -4.01 4.71 -6.30
CA GLU A 13 -2.80 4.19 -7.00
C GLU A 13 -1.91 5.31 -7.47
N GLU A 14 -2.37 6.09 -8.41
CA GLU A 14 -1.52 7.15 -8.93
C GLU A 14 -0.89 7.90 -7.76
N LYS A 15 -1.66 8.15 -6.75
CA LYS A 15 -1.11 8.85 -5.55
C LYS A 15 -0.28 7.83 -4.76
N ILE A 16 -0.64 6.58 -4.89
CA ILE A 16 0.11 5.51 -4.19
C ILE A 16 1.52 5.45 -4.78
N ARG A 17 1.61 5.35 -6.07
CA ARG A 17 2.95 5.32 -6.73
C ARG A 17 3.72 6.56 -6.29
N GLU A 18 3.06 7.68 -6.18
CA GLU A 18 3.76 8.92 -5.74
C GLU A 18 4.44 8.66 -4.41
N TYR A 19 3.82 7.97 -3.52
CA TYR A 19 4.49 7.73 -2.24
C TYR A 19 5.26 6.41 -2.31
N PHE A 20 4.55 5.32 -2.32
CA PHE A 20 5.24 4.01 -2.39
C PHE A 20 6.18 3.99 -3.58
N GLY A 21 5.66 4.25 -4.76
CA GLY A 21 6.55 4.29 -5.94
C GLY A 21 7.70 5.23 -5.62
N GLY A 22 7.48 6.13 -4.70
CA GLY A 22 8.55 7.06 -4.29
C GLY A 22 9.65 6.28 -3.61
N PHE A 23 9.30 5.39 -2.71
CA PHE A 23 10.35 4.57 -2.04
C PHE A 23 11.16 3.83 -3.10
N GLY A 24 10.51 3.52 -4.19
CA GLY A 24 11.19 2.79 -5.30
C GLY A 24 10.16 2.55 -6.39
N GLU A 25 10.53 2.65 -7.64
CA GLU A 25 9.54 2.43 -8.73
C GLU A 25 8.68 1.21 -8.41
N VAL A 26 7.41 1.29 -8.71
CA VAL A 26 6.51 0.15 -8.42
C VAL A 26 6.32 -0.72 -9.66
N GLU A 27 6.16 -1.99 -9.47
CA GLU A 27 5.90 -2.88 -10.63
C GLU A 27 4.39 -2.88 -10.81
N SER A 28 3.67 -3.26 -9.79
CA SER A 28 2.20 -3.23 -9.85
C SER A 28 1.67 -3.06 -8.44
N ILE A 29 0.45 -2.69 -8.27
CA ILE A 29 -0.04 -2.53 -6.88
C ILE A 29 -1.10 -3.59 -6.58
N GLU A 30 -1.75 -3.46 -5.47
CA GLU A 30 -2.80 -4.43 -5.10
C GLU A 30 -3.84 -3.77 -4.21
N LEU A 31 -5.09 -4.05 -4.43
CA LEU A 31 -6.14 -3.42 -3.57
C LEU A 31 -6.79 -4.49 -2.71
N PRO A 32 -7.79 -4.11 -1.96
CA PRO A 32 -8.42 -5.08 -1.09
C PRO A 32 -9.09 -6.20 -1.91
N MET A 33 -9.43 -7.30 -1.28
CA MET A 33 -10.08 -8.41 -2.03
C MET A 33 -11.51 -8.02 -2.43
N ASP A 34 -12.19 -8.89 -3.12
CA ASP A 34 -13.59 -8.58 -3.53
C ASP A 34 -14.59 -9.18 -2.55
N ASN A 35 -15.79 -9.44 -3.00
CA ASN A 35 -16.82 -10.02 -2.10
C ASN A 35 -17.05 -9.13 -0.88
N LYS A 36 -16.19 -9.21 0.10
CA LYS A 36 -16.34 -8.36 1.31
C LYS A 36 -17.59 -8.78 2.08
N THR A 37 -17.72 -10.05 2.35
CA THR A 37 -18.91 -10.54 3.10
C THR A 37 -18.53 -11.73 3.98
N ASN A 38 -17.50 -11.57 4.77
CA ASN A 38 -17.06 -12.69 5.66
C ASN A 38 -16.52 -12.12 6.98
N LYS A 39 -15.25 -11.80 7.02
CA LYS A 39 -14.66 -11.25 8.26
C LYS A 39 -14.13 -9.84 8.02
N ARG A 40 -13.80 -9.13 9.07
CA ARG A 40 -13.27 -7.74 8.88
C ARG A 40 -11.81 -7.79 8.44
N ARG A 41 -11.56 -8.02 7.19
CA ARG A 41 -10.15 -8.08 6.69
C ARG A 41 -10.05 -7.43 5.31
N GLY A 42 -10.19 -6.13 5.25
CA GLY A 42 -10.10 -5.44 3.94
C GLY A 42 -8.96 -4.42 3.97
N PHE A 43 -8.06 -4.48 3.04
CA PHE A 43 -6.91 -3.52 3.00
C PHE A 43 -6.48 -3.34 1.54
N CYS A 44 -5.31 -2.84 1.31
CA CYS A 44 -4.84 -2.67 -0.10
C CYS A 44 -3.32 -2.90 -0.13
N PHE A 45 -2.84 -3.86 -0.88
CA PHE A 45 -1.36 -4.08 -0.91
C PHE A 45 -0.75 -3.38 -2.14
N ILE A 46 0.50 -3.66 -2.39
CA ILE A 46 1.19 -3.08 -3.56
C ILE A 46 2.48 -3.88 -3.77
N THR A 47 2.81 -4.26 -4.98
CA THR A 47 4.06 -5.04 -5.15
C THR A 47 5.10 -4.20 -5.86
N PHE A 48 6.32 -4.35 -5.51
CA PHE A 48 7.37 -3.52 -6.19
C PHE A 48 8.28 -4.40 -7.06
N LYS A 49 9.57 -4.14 -7.06
CA LYS A 49 10.49 -4.94 -7.92
C LYS A 49 11.65 -5.58 -7.13
N GLU A 50 12.55 -4.80 -6.61
CA GLU A 50 13.74 -5.36 -5.88
C GLU A 50 13.38 -5.99 -4.51
N GLU A 51 13.31 -5.19 -3.46
CA GLU A 51 13.02 -5.73 -2.08
C GLU A 51 13.47 -4.68 -1.04
N GLU A 52 14.44 -3.89 -1.41
CA GLU A 52 15.00 -2.84 -0.49
C GLU A 52 13.92 -1.87 0.02
N PRO A 53 13.16 -1.28 -0.86
CA PRO A 53 12.13 -0.31 -0.43
C PRO A 53 11.22 -0.92 0.63
N VAL A 54 10.80 -2.15 0.44
CA VAL A 54 9.95 -2.77 1.50
C VAL A 54 10.69 -2.62 2.82
N LYS A 55 11.94 -2.93 2.82
CA LYS A 55 12.72 -2.79 4.07
C LYS A 55 12.43 -1.42 4.66
N LYS A 56 12.42 -0.42 3.82
CA LYS A 56 12.16 0.95 4.31
C LYS A 56 10.71 1.09 4.72
N ILE A 57 9.83 0.95 3.77
CA ILE A 57 8.39 1.07 4.07
C ILE A 57 8.08 0.30 5.36
N MET A 58 8.26 -0.99 5.34
CA MET A 58 8.00 -1.79 6.57
C MET A 58 8.62 -1.10 7.78
N GLU A 59 9.75 -0.46 7.62
CA GLU A 59 10.39 0.23 8.78
C GLU A 59 9.54 1.40 9.26
N LYS A 60 8.47 1.72 8.57
CA LYS A 60 7.60 2.83 9.00
C LYS A 60 6.14 2.41 8.86
N LYS A 61 5.81 1.27 9.42
CA LYS A 61 4.42 0.72 9.34
C LYS A 61 3.35 1.81 9.25
N TYR A 62 3.56 2.96 9.84
CA TYR A 62 2.50 4.01 9.76
C TYR A 62 3.02 5.24 9.00
N HIS A 63 2.98 5.22 7.69
CA HIS A 63 3.46 6.41 6.92
C HIS A 63 2.30 7.39 6.68
N ASN A 64 2.36 8.13 5.62
CA ASN A 64 1.28 9.11 5.30
C ASN A 64 1.04 9.17 3.79
N VAL A 65 -0.18 9.31 3.36
CA VAL A 65 -0.45 9.37 1.89
C VAL A 65 -1.43 10.50 1.58
N GLY A 66 -1.00 11.47 0.83
CA GLY A 66 -1.90 12.59 0.47
C GLY A 66 -2.47 13.22 1.75
N LEU A 67 -3.59 12.73 2.22
CA LEU A 67 -4.18 13.30 3.45
C LEU A 67 -4.60 12.18 4.41
N SER A 68 -3.90 11.08 4.39
CA SER A 68 -4.26 9.95 5.31
C SER A 68 -3.01 9.16 5.67
N LYS A 69 -3.00 8.52 6.81
CA LYS A 69 -1.80 7.74 7.21
C LYS A 69 -2.16 6.26 7.39
N CYS A 70 -2.75 5.66 6.40
CA CYS A 70 -3.11 4.21 6.48
C CYS A 70 -1.97 3.43 7.14
N GLU A 71 -2.21 2.21 7.54
CA GLU A 71 -1.08 1.44 8.15
C GLU A 71 -0.30 0.78 7.03
N ILE A 72 0.82 0.21 7.34
CA ILE A 72 1.63 -0.40 6.24
C ILE A 72 2.41 -1.63 6.72
N LYS A 73 1.84 -2.79 6.59
CA LYS A 73 2.58 -4.02 6.97
C LYS A 73 3.05 -4.65 5.67
N VAL A 74 4.34 -4.68 5.44
CA VAL A 74 4.86 -5.22 4.15
C VAL A 74 4.08 -6.45 3.68
N ALA A 75 4.28 -6.84 2.45
CA ALA A 75 3.56 -8.02 1.90
C ALA A 75 4.47 -8.79 0.94
N LYS A 1 6.74 -6.80 -1.56
CA LYS A 1 5.40 -6.18 -1.68
C LYS A 1 4.98 -5.75 -0.28
N ILE A 2 4.09 -4.82 -0.17
CA ILE A 2 3.67 -4.41 1.19
C ILE A 2 2.14 -4.41 1.30
N PHE A 3 1.64 -4.31 2.49
CA PHE A 3 0.16 -4.29 2.65
C PHE A 3 -0.27 -3.06 3.46
N VAL A 4 -1.29 -2.38 3.01
CA VAL A 4 -1.76 -1.17 3.72
C VAL A 4 -3.13 -1.40 4.34
N GLY A 5 -3.24 -1.24 5.64
CA GLY A 5 -4.57 -1.44 6.28
C GLY A 5 -5.27 -0.10 6.40
N GLY A 6 -5.29 0.63 5.32
CA GLY A 6 -5.95 1.97 5.33
C GLY A 6 -7.05 2.00 4.27
N LEU A 7 -7.06 1.04 3.39
CA LEU A 7 -8.11 0.94 2.30
C LEU A 7 -8.88 2.26 2.13
N SER A 8 -8.19 3.33 1.91
CA SER A 8 -8.88 4.65 1.72
C SER A 8 -10.12 4.47 0.84
N PRO A 9 -10.96 5.49 0.83
CA PRO A 9 -12.22 5.45 0.04
C PRO A 9 -11.92 5.22 -1.45
N ASP A 10 -10.72 5.47 -1.89
CA ASP A 10 -10.41 5.27 -3.34
C ASP A 10 -8.93 4.88 -3.52
N THR A 11 -8.65 3.62 -3.68
CA THR A 11 -7.24 3.17 -3.88
C THR A 11 -6.48 4.16 -4.79
N PRO A 12 -5.79 5.09 -4.18
CA PRO A 12 -5.04 6.13 -4.93
C PRO A 12 -3.80 5.57 -5.64
N GLU A 13 -3.91 4.49 -6.36
CA GLU A 13 -2.73 3.92 -7.07
C GLU A 13 -1.82 4.99 -7.61
N GLU A 14 -2.29 5.74 -8.56
CA GLU A 14 -1.41 6.77 -9.14
C GLU A 14 -0.75 7.55 -8.02
N LYS A 15 -1.52 7.87 -7.02
CA LYS A 15 -0.94 8.59 -5.85
C LYS A 15 -0.10 7.60 -5.04
N ILE A 16 -0.47 6.36 -5.12
CA ILE A 16 0.28 5.29 -4.41
C ILE A 16 1.68 5.22 -5.01
N ARG A 17 1.76 5.04 -6.29
CA ARG A 17 3.08 4.99 -6.97
C ARG A 17 3.87 6.25 -6.58
N GLU A 18 3.20 7.36 -6.47
CA GLU A 18 3.90 8.61 -6.07
C GLU A 18 4.48 8.46 -4.69
N TYR A 19 3.81 7.78 -3.81
CA TYR A 19 4.39 7.64 -2.47
C TYR A 19 5.22 6.37 -2.41
N PHE A 20 4.58 5.24 -2.42
CA PHE A 20 5.33 3.96 -2.37
C PHE A 20 6.30 3.93 -3.55
N GLY A 21 5.81 4.17 -4.73
CA GLY A 21 6.71 4.19 -5.90
C GLY A 21 7.80 5.22 -5.61
N GLY A 22 7.52 6.12 -4.70
CA GLY A 22 8.53 7.16 -4.33
C GLY A 22 9.67 6.47 -3.58
N PHE A 23 9.36 5.62 -2.64
CA PHE A 23 10.44 4.92 -1.89
C PHE A 23 11.34 4.20 -2.88
N GLY A 24 10.75 3.68 -3.91
CA GLY A 24 11.52 2.95 -4.95
C GLY A 24 10.56 2.59 -6.07
N GLU A 25 10.96 2.72 -7.31
CA GLU A 25 10.03 2.38 -8.41
C GLU A 25 9.25 1.11 -8.08
N VAL A 26 8.01 1.07 -8.42
CA VAL A 26 7.19 -0.12 -8.11
C VAL A 26 7.05 -1.02 -9.33
N GLU A 27 6.88 -2.29 -9.12
CA GLU A 27 6.68 -3.19 -10.27
C GLU A 27 5.18 -3.19 -10.54
N SER A 28 4.41 -3.50 -9.54
CA SER A 28 2.94 -3.46 -9.68
C SER A 28 2.35 -3.20 -8.30
N ILE A 29 1.08 -3.00 -8.21
CA ILE A 29 0.50 -2.77 -6.86
C ILE A 29 -0.60 -3.79 -6.61
N GLU A 30 -1.32 -3.63 -5.55
CA GLU A 30 -2.41 -4.58 -5.23
C GLU A 30 -3.49 -3.86 -4.46
N LEU A 31 -4.69 -3.84 -4.94
CA LEU A 31 -5.75 -3.11 -4.19
C LEU A 31 -6.64 -4.06 -3.41
N PRO A 32 -7.50 -3.49 -2.62
CA PRO A 32 -8.39 -4.31 -1.79
C PRO A 32 -9.44 -5.01 -2.65
N MET A 33 -9.02 -5.79 -3.61
CA MET A 33 -10.01 -6.50 -4.47
C MET A 33 -11.01 -5.49 -5.05
N ASP A 34 -10.80 -5.05 -6.26
CA ASP A 34 -11.74 -4.07 -6.88
C ASP A 34 -12.94 -4.79 -7.49
N ASN A 35 -12.87 -6.09 -7.61
CA ASN A 35 -14.03 -6.84 -8.20
C ASN A 35 -15.05 -7.15 -7.11
N LYS A 36 -14.60 -7.57 -5.97
CA LYS A 36 -15.55 -7.88 -4.86
C LYS A 36 -16.45 -9.05 -5.25
N THR A 37 -15.88 -10.08 -5.81
CA THR A 37 -16.68 -11.26 -6.21
C THR A 37 -15.83 -12.53 -6.15
N ASN A 38 -15.01 -12.61 -5.15
CA ASN A 38 -14.13 -13.82 -4.99
C ASN A 38 -13.84 -14.04 -3.51
N LYS A 39 -13.55 -12.99 -2.79
CA LYS A 39 -13.26 -13.12 -1.34
C LYS A 39 -13.71 -11.85 -0.60
N ARG A 40 -13.35 -11.73 0.64
CA ARG A 40 -13.76 -10.51 1.41
C ARG A 40 -12.68 -9.43 1.30
N ARG A 41 -12.87 -8.47 0.44
CA ARG A 41 -11.87 -7.38 0.30
C ARG A 41 -11.54 -6.79 1.67
N GLY A 42 -10.75 -5.74 1.71
CA GLY A 42 -10.41 -5.13 3.01
C GLY A 42 -9.22 -4.18 2.86
N PHE A 43 -8.02 -4.69 2.97
CA PHE A 43 -6.81 -3.82 2.84
C PHE A 43 -6.34 -3.71 1.40
N CYS A 44 -5.31 -2.93 1.18
CA CYS A 44 -4.77 -2.74 -0.20
C CYS A 44 -3.25 -2.99 -0.18
N PHE A 45 -2.74 -3.97 -0.90
CA PHE A 45 -1.26 -4.21 -0.89
C PHE A 45 -0.60 -3.48 -2.07
N ILE A 46 0.64 -3.83 -2.32
CA ILE A 46 1.39 -3.23 -3.46
C ILE A 46 2.65 -4.08 -3.65
N THR A 47 3.07 -4.38 -4.85
CA THR A 47 4.29 -5.23 -5.00
C THR A 47 5.40 -4.43 -5.67
N PHE A 48 6.60 -4.66 -5.25
CA PHE A 48 7.74 -3.90 -5.88
C PHE A 48 8.54 -4.81 -6.84
N LYS A 49 9.77 -4.46 -7.10
CA LYS A 49 10.59 -5.26 -8.04
C LYS A 49 11.66 -6.08 -7.31
N GLU A 50 12.54 -5.43 -6.60
CA GLU A 50 13.62 -6.18 -5.89
C GLU A 50 13.21 -6.55 -4.46
N GLU A 51 13.12 -5.59 -3.58
CA GLU A 51 12.73 -5.87 -2.16
C GLU A 51 13.07 -4.65 -1.28
N GLU A 52 14.06 -3.90 -1.69
CA GLU A 52 14.48 -2.69 -0.92
C GLU A 52 13.33 -1.71 -0.66
N PRO A 53 12.53 -1.43 -1.67
CA PRO A 53 11.42 -0.46 -1.48
C PRO A 53 10.57 -0.82 -0.26
N VAL A 54 10.42 -2.08 0.04
CA VAL A 54 9.63 -2.44 1.25
C VAL A 54 10.49 -2.25 2.48
N LYS A 55 11.77 -2.47 2.35
CA LYS A 55 12.66 -2.27 3.54
C LYS A 55 12.31 -0.92 4.14
N LYS A 56 12.29 0.08 3.31
CA LYS A 56 11.97 1.43 3.81
C LYS A 56 10.51 1.51 4.22
N ILE A 57 9.64 1.24 3.30
CA ILE A 57 8.19 1.31 3.61
C ILE A 57 7.92 0.54 4.92
N MET A 58 8.13 -0.74 4.91
CA MET A 58 7.89 -1.54 6.15
C MET A 58 8.48 -0.80 7.36
N GLU A 59 9.55 -0.09 7.17
CA GLU A 59 10.17 0.67 8.30
C GLU A 59 9.29 1.87 8.69
N LYS A 60 8.17 2.03 8.05
CA LYS A 60 7.26 3.17 8.39
C LYS A 60 5.84 2.64 8.53
N LYS A 61 5.68 1.62 9.32
CA LYS A 61 4.33 0.97 9.55
C LYS A 61 3.16 1.93 9.29
N TYR A 62 3.25 3.16 9.70
CA TYR A 62 2.09 4.08 9.47
C TYR A 62 2.53 5.23 8.54
N HIS A 63 2.16 5.17 7.30
CA HIS A 63 2.55 6.26 6.34
C HIS A 63 1.51 7.37 6.32
N ASN A 64 1.51 8.15 5.27
CA ASN A 64 0.51 9.25 5.15
C ASN A 64 0.06 9.35 3.69
N VAL A 65 -1.23 9.29 3.45
CA VAL A 65 -1.71 9.36 2.04
C VAL A 65 -3.08 10.05 1.99
N GLY A 66 -3.22 11.07 1.19
CA GLY A 66 -4.54 11.77 1.10
C GLY A 66 -4.99 12.20 2.50
N LEU A 67 -4.30 13.11 3.11
CA LEU A 67 -4.70 13.58 4.47
C LEU A 67 -5.03 12.38 5.37
N SER A 68 -4.28 11.32 5.26
CA SER A 68 -4.56 10.12 6.11
C SER A 68 -3.25 9.43 6.46
N LYS A 69 -3.32 8.29 7.09
CA LYS A 69 -2.06 7.56 7.44
C LYS A 69 -2.32 6.05 7.46
N CYS A 70 -2.90 5.52 6.40
CA CYS A 70 -3.17 4.06 6.32
C CYS A 70 -2.03 3.28 7.02
N GLU A 71 -2.29 2.09 7.48
CA GLU A 71 -1.17 1.33 8.13
C GLU A 71 -0.41 0.59 7.05
N ILE A 72 0.71 0.02 7.40
CA ILE A 72 1.50 -0.66 6.33
C ILE A 72 2.30 -1.85 6.87
N LYS A 73 1.81 -3.04 6.65
CA LYS A 73 2.54 -4.26 7.07
C LYS A 73 3.01 -4.93 5.78
N VAL A 74 4.30 -4.96 5.54
CA VAL A 74 4.83 -5.55 4.28
C VAL A 74 4.04 -6.77 3.81
N ALA A 75 4.25 -7.17 2.58
CA ALA A 75 3.53 -8.34 2.02
C ALA A 75 4.46 -9.13 1.09
N LYS A 1 6.80 -6.85 -1.32
CA LYS A 1 5.48 -6.18 -1.51
C LYS A 1 5.01 -5.73 -0.15
N ILE A 2 4.13 -4.79 -0.06
CA ILE A 2 3.68 -4.37 1.27
C ILE A 2 2.15 -4.41 1.34
N PHE A 3 1.60 -4.28 2.51
CA PHE A 3 0.11 -4.30 2.64
C PHE A 3 -0.36 -3.10 3.47
N VAL A 4 -1.36 -2.41 3.01
CA VAL A 4 -1.87 -1.23 3.76
C VAL A 4 -3.23 -1.53 4.38
N GLY A 5 -3.36 -1.35 5.67
CA GLY A 5 -4.68 -1.62 6.31
C GLY A 5 -5.42 -0.29 6.48
N GLY A 6 -5.42 0.50 5.46
CA GLY A 6 -6.11 1.82 5.51
C GLY A 6 -7.00 1.96 4.27
N LEU A 7 -7.04 0.94 3.43
CA LEU A 7 -7.88 0.92 2.19
C LEU A 7 -8.68 2.21 2.00
N SER A 8 -8.02 3.28 1.71
CA SER A 8 -8.73 4.58 1.50
C SER A 8 -10.01 4.36 0.68
N PRO A 9 -10.86 5.35 0.68
CA PRO A 9 -12.14 5.26 -0.07
C PRO A 9 -11.91 4.91 -1.54
N ASP A 10 -10.81 5.34 -2.10
CA ASP A 10 -10.53 5.02 -3.53
C ASP A 10 -9.05 4.67 -3.72
N THR A 11 -8.75 3.40 -3.89
CA THR A 11 -7.33 2.98 -4.09
C THR A 11 -6.60 4.00 -4.97
N PRO A 12 -5.91 4.93 -4.33
CA PRO A 12 -5.19 6.00 -5.06
C PRO A 12 -3.92 5.48 -5.75
N GLU A 13 -4.00 4.38 -6.45
CA GLU A 13 -2.77 3.83 -7.15
C GLU A 13 -1.91 4.94 -7.67
N GLU A 14 -2.38 5.67 -8.62
CA GLU A 14 -1.52 6.74 -9.19
C GLU A 14 -0.91 7.54 -8.04
N LYS A 15 -1.70 7.81 -7.06
CA LYS A 15 -1.17 8.55 -5.87
C LYS A 15 -0.32 7.59 -5.04
N ILE A 16 -0.64 6.32 -5.14
CA ILE A 16 0.13 5.29 -4.40
C ILE A 16 1.54 5.27 -4.97
N ARG A 17 1.65 5.12 -6.27
CA ARG A 17 2.98 5.13 -6.91
C ARG A 17 3.73 6.38 -6.47
N GLU A 18 3.03 7.48 -6.38
CA GLU A 18 3.68 8.74 -5.93
C GLU A 18 4.29 8.56 -4.56
N TYR A 19 3.64 7.86 -3.69
CA TYR A 19 4.25 7.69 -2.36
C TYR A 19 5.08 6.41 -2.36
N PHE A 20 4.43 5.28 -2.36
CA PHE A 20 5.20 4.01 -2.36
C PHE A 20 6.17 4.03 -3.53
N GLY A 21 5.68 4.25 -4.71
CA GLY A 21 6.60 4.32 -5.87
C GLY A 21 7.65 5.38 -5.55
N GLY A 22 7.30 6.27 -4.66
CA GLY A 22 8.27 7.33 -4.25
C GLY A 22 9.42 6.67 -3.52
N PHE A 23 9.13 5.79 -2.59
CA PHE A 23 10.24 5.10 -1.87
C PHE A 23 11.18 4.48 -2.90
N GLY A 24 10.61 3.97 -3.95
CA GLY A 24 11.41 3.34 -5.03
C GLY A 24 10.44 2.92 -6.12
N GLU A 25 10.84 3.03 -7.37
CA GLU A 25 9.90 2.62 -8.46
C GLU A 25 9.18 1.34 -8.09
N VAL A 26 7.93 1.25 -8.42
CA VAL A 26 7.14 0.04 -8.07
C VAL A 26 6.98 -0.86 -9.29
N GLU A 27 6.79 -2.12 -9.06
CA GLU A 27 6.57 -3.04 -10.20
C GLU A 27 5.08 -3.02 -10.47
N SER A 28 4.30 -3.39 -9.49
CA SER A 28 2.83 -3.34 -9.64
C SER A 28 2.24 -3.17 -8.26
N ILE A 29 0.97 -2.90 -8.16
CA ILE A 29 0.39 -2.75 -6.81
C ILE A 29 -0.70 -3.79 -6.60
N GLU A 30 -1.42 -3.67 -5.54
CA GLU A 30 -2.50 -4.64 -5.26
C GLU A 30 -3.61 -3.94 -4.47
N LEU A 31 -4.81 -3.96 -4.95
CA LEU A 31 -5.87 -3.27 -4.19
C LEU A 31 -6.71 -4.26 -3.41
N PRO A 32 -7.61 -3.74 -2.61
CA PRO A 32 -8.43 -4.61 -1.78
C PRO A 32 -9.41 -5.41 -2.64
N MET A 33 -9.01 -6.57 -3.11
CA MET A 33 -9.91 -7.39 -3.95
C MET A 33 -10.59 -8.49 -3.12
N ASP A 34 -11.09 -9.51 -3.76
CA ASP A 34 -11.75 -10.62 -3.01
C ASP A 34 -10.70 -11.55 -2.43
N ASN A 35 -10.94 -12.84 -2.48
CA ASN A 35 -9.95 -13.80 -1.92
C ASN A 35 -9.76 -13.53 -0.42
N LYS A 36 -10.48 -14.23 0.41
CA LYS A 36 -10.34 -14.01 1.89
C LYS A 36 -10.31 -15.36 2.61
N THR A 37 -9.53 -16.27 2.13
CA THR A 37 -9.44 -17.62 2.78
C THR A 37 -7.99 -17.94 3.12
N ASN A 38 -7.27 -16.96 3.60
CA ASN A 38 -5.85 -17.19 3.96
C ASN A 38 -5.43 -16.25 5.10
N LYS A 39 -5.85 -15.02 5.03
CA LYS A 39 -5.49 -14.05 6.10
C LYS A 39 -6.61 -13.03 6.27
N ARG A 40 -6.38 -11.99 7.04
CA ARG A 40 -7.43 -10.96 7.25
C ARG A 40 -7.92 -10.42 5.89
N ARG A 41 -9.07 -9.80 5.87
CA ARG A 41 -9.59 -9.25 4.59
C ARG A 41 -10.02 -7.80 4.77
N GLY A 42 -9.75 -6.95 3.80
CA GLY A 42 -10.16 -5.53 3.92
C GLY A 42 -8.92 -4.63 3.87
N PHE A 43 -8.07 -4.81 2.90
CA PHE A 43 -6.85 -3.96 2.81
C PHE A 43 -6.38 -3.81 1.37
N CYS A 44 -5.35 -3.04 1.15
CA CYS A 44 -4.81 -2.83 -0.22
C CYS A 44 -3.29 -3.09 -0.21
N PHE A 45 -2.81 -4.08 -0.92
CA PHE A 45 -1.33 -4.33 -0.90
C PHE A 45 -0.66 -3.60 -2.08
N ILE A 46 0.59 -3.90 -2.29
CA ILE A 46 1.34 -3.28 -3.41
C ILE A 46 2.63 -4.09 -3.59
N THR A 47 3.02 -4.44 -4.79
CA THR A 47 4.28 -5.22 -4.93
C THR A 47 5.35 -4.36 -5.57
N PHE A 48 6.53 -4.48 -5.10
CA PHE A 48 7.63 -3.64 -5.70
C PHE A 48 8.48 -4.47 -6.66
N LYS A 49 9.62 -3.95 -7.01
CA LYS A 49 10.54 -4.69 -7.92
C LYS A 49 11.51 -5.51 -7.08
N GLU A 50 12.34 -4.84 -6.33
CA GLU A 50 13.30 -5.56 -5.45
C GLU A 50 12.77 -5.54 -4.02
N GLU A 51 13.34 -6.33 -3.15
CA GLU A 51 12.86 -6.35 -1.73
C GLU A 51 13.18 -5.02 -1.03
N GLU A 52 14.13 -4.29 -1.55
CA GLU A 52 14.55 -2.99 -0.91
C GLU A 52 13.38 -2.00 -0.70
N PRO A 53 12.63 -1.70 -1.74
CA PRO A 53 11.51 -0.75 -1.61
C PRO A 53 10.68 -1.04 -0.35
N VAL A 54 10.47 -2.28 -0.01
CA VAL A 54 9.69 -2.55 1.24
C VAL A 54 10.57 -2.28 2.44
N LYS A 55 11.85 -2.53 2.33
CA LYS A 55 12.73 -2.25 3.49
C LYS A 55 12.41 -0.88 4.02
N LYS A 56 12.28 0.06 3.14
CA LYS A 56 11.96 1.44 3.57
C LYS A 56 10.53 1.50 4.07
N ILE A 57 9.60 1.23 3.19
CA ILE A 57 8.18 1.29 3.60
C ILE A 57 7.99 0.55 4.92
N MET A 58 8.21 -0.73 4.92
CA MET A 58 8.05 -1.51 6.18
C MET A 58 8.71 -0.75 7.35
N GLU A 59 9.77 -0.04 7.09
CA GLU A 59 10.45 0.72 8.19
C GLU A 59 9.55 1.86 8.69
N LYS A 60 8.40 2.06 8.09
CA LYS A 60 7.49 3.14 8.53
C LYS A 60 6.06 2.60 8.59
N LYS A 61 5.90 1.49 9.27
CA LYS A 61 4.57 0.82 9.39
C LYS A 61 3.39 1.80 9.24
N TYR A 62 3.47 2.98 9.79
CA TYR A 62 2.32 3.92 9.65
C TYR A 62 2.74 5.13 8.81
N HIS A 63 2.49 5.09 7.52
CA HIS A 63 2.90 6.22 6.65
C HIS A 63 1.77 7.26 6.51
N ASN A 64 1.82 8.03 5.47
CA ASN A 64 0.77 9.06 5.24
C ASN A 64 0.42 9.14 3.75
N VAL A 65 -0.83 9.29 3.41
CA VAL A 65 -1.21 9.36 1.97
C VAL A 65 -2.19 10.51 1.74
N GLY A 66 -1.78 11.52 1.03
CA GLY A 66 -2.69 12.66 0.77
C GLY A 66 -3.05 13.34 2.09
N LEU A 67 -4.08 12.87 2.75
CA LEU A 67 -4.48 13.48 4.04
C LEU A 67 -4.83 12.39 5.06
N SER A 68 -4.25 11.23 4.92
CA SER A 68 -4.53 10.12 5.87
C SER A 68 -3.28 9.25 6.03
N LYS A 69 -3.27 8.35 6.97
CA LYS A 69 -2.06 7.50 7.14
C LYS A 69 -2.44 6.01 7.27
N CYS A 70 -3.02 5.44 6.23
CA CYS A 70 -3.37 3.99 6.28
C CYS A 70 -2.25 3.23 6.99
N GLU A 71 -2.50 2.04 7.46
CA GLU A 71 -1.39 1.30 8.13
C GLU A 71 -0.63 0.54 7.07
N ILE A 72 0.48 -0.02 7.41
CA ILE A 72 1.27 -0.71 6.34
C ILE A 72 2.09 -1.89 6.87
N LYS A 73 1.57 -3.09 6.73
CA LYS A 73 2.33 -4.29 7.15
C LYS A 73 2.84 -4.93 5.87
N VAL A 74 4.13 -4.99 5.69
CA VAL A 74 4.68 -5.56 4.41
C VAL A 74 3.88 -6.76 3.91
N ALA A 75 4.14 -7.15 2.68
CA ALA A 75 3.42 -8.30 2.09
C ALA A 75 4.36 -9.11 1.19
N LYS A 1 6.77 -6.66 -1.54
CA LYS A 1 5.42 -6.05 -1.61
C LYS A 1 5.02 -5.59 -0.22
N ILE A 2 4.10 -4.70 -0.12
CA ILE A 2 3.69 -4.25 1.21
C ILE A 2 2.16 -4.26 1.32
N PHE A 3 1.61 -4.05 2.48
CA PHE A 3 0.12 -4.05 2.60
C PHE A 3 -0.35 -2.85 3.40
N VAL A 4 -1.34 -2.15 2.92
CA VAL A 4 -1.84 -0.97 3.66
C VAL A 4 -3.18 -1.29 4.32
N GLY A 5 -3.30 -1.03 5.59
CA GLY A 5 -4.59 -1.30 6.27
C GLY A 5 -5.32 0.02 6.46
N GLY A 6 -5.41 0.78 5.42
CA GLY A 6 -6.11 2.09 5.49
C GLY A 6 -7.18 2.18 4.41
N LEU A 7 -7.20 1.22 3.49
CA LEU A 7 -8.22 1.16 2.39
C LEU A 7 -9.02 2.47 2.26
N SER A 8 -8.35 3.56 2.07
CA SER A 8 -9.06 4.86 1.95
C SER A 8 -10.31 4.70 1.06
N PRO A 9 -11.16 5.70 1.09
CA PRO A 9 -12.41 5.65 0.29
C PRO A 9 -12.11 5.52 -1.21
N ASP A 10 -10.88 5.72 -1.59
CA ASP A 10 -10.53 5.60 -3.04
C ASP A 10 -9.14 4.98 -3.20
N THR A 11 -9.07 3.67 -3.34
CA THR A 11 -7.75 3.00 -3.50
C THR A 11 -6.83 3.83 -4.40
N PRO A 12 -5.98 4.62 -3.78
CA PRO A 12 -5.06 5.52 -4.52
C PRO A 12 -3.92 4.72 -5.17
N GLU A 13 -3.87 4.67 -6.48
CA GLU A 13 -2.77 3.98 -7.21
C GLU A 13 -1.73 4.98 -7.64
N GLU A 14 -2.08 5.79 -8.59
CA GLU A 14 -1.11 6.77 -9.09
C GLU A 14 -0.53 7.52 -7.90
N LYS A 15 -1.39 7.96 -7.02
CA LYS A 15 -0.89 8.65 -5.79
C LYS A 15 -0.09 7.63 -5.00
N ILE A 16 -0.41 6.39 -5.17
CA ILE A 16 0.32 5.30 -4.48
C ILE A 16 1.73 5.22 -5.04
N ARG A 17 1.84 4.96 -6.31
CA ARG A 17 3.19 4.91 -6.93
C ARG A 17 3.95 6.16 -6.53
N GLU A 18 3.25 7.26 -6.37
CA GLU A 18 3.91 8.53 -5.95
C GLU A 18 4.52 8.36 -4.60
N TYR A 19 3.85 7.72 -3.71
CA TYR A 19 4.47 7.54 -2.38
C TYR A 19 5.26 6.25 -2.38
N PHE A 20 4.57 5.13 -2.40
CA PHE A 20 5.27 3.83 -2.41
C PHE A 20 6.26 3.82 -3.57
N GLY A 21 5.80 4.06 -4.76
CA GLY A 21 6.73 4.09 -5.91
C GLY A 21 7.81 5.12 -5.56
N GLY A 22 7.49 6.03 -4.67
CA GLY A 22 8.47 7.05 -4.24
C GLY A 22 9.59 6.37 -3.47
N PHE A 23 9.26 5.49 -2.54
CA PHE A 23 10.34 4.80 -1.79
C PHE A 23 11.25 4.09 -2.79
N GLY A 24 10.68 3.67 -3.89
CA GLY A 24 11.48 2.97 -4.94
C GLY A 24 10.53 2.59 -6.07
N GLU A 25 10.97 2.66 -7.29
CA GLU A 25 10.05 2.30 -8.42
C GLU A 25 9.28 1.02 -8.06
N VAL A 26 8.06 0.94 -8.47
CA VAL A 26 7.25 -0.25 -8.14
C VAL A 26 7.08 -1.14 -9.37
N GLU A 27 6.86 -2.41 -9.15
CA GLU A 27 6.63 -3.32 -10.29
C GLU A 27 5.13 -3.29 -10.56
N SER A 28 4.35 -3.62 -9.57
CA SER A 28 2.88 -3.55 -9.72
C SER A 28 2.27 -3.33 -8.35
N ILE A 29 1.01 -3.05 -8.26
CA ILE A 29 0.43 -2.86 -6.91
C ILE A 29 -0.66 -3.89 -6.67
N GLU A 30 -1.40 -3.71 -5.63
CA GLU A 30 -2.50 -4.66 -5.32
C GLU A 30 -3.60 -3.93 -4.57
N LEU A 31 -4.79 -3.92 -5.07
CA LEU A 31 -5.86 -3.21 -4.34
C LEU A 31 -6.69 -4.19 -3.53
N PRO A 32 -7.58 -3.67 -2.74
CA PRO A 32 -8.40 -4.53 -1.89
C PRO A 32 -9.33 -5.40 -2.74
N MET A 33 -10.44 -5.82 -2.20
CA MET A 33 -11.38 -6.67 -2.99
C MET A 33 -12.55 -5.83 -3.51
N ASP A 34 -13.42 -6.42 -4.28
CA ASP A 34 -14.57 -5.66 -4.83
C ASP A 34 -15.76 -5.74 -3.86
N ASN A 35 -16.69 -4.83 -3.98
CA ASN A 35 -17.88 -4.85 -3.07
C ASN A 35 -17.43 -4.61 -1.63
N LYS A 36 -16.74 -5.55 -1.04
CA LYS A 36 -16.27 -5.38 0.36
C LYS A 36 -17.49 -5.34 1.30
N THR A 37 -18.35 -6.31 1.18
CA THR A 37 -19.56 -6.34 2.06
C THR A 37 -19.91 -7.79 2.42
N ASN A 38 -18.95 -8.55 2.86
CA ASN A 38 -19.22 -9.96 3.24
C ASN A 38 -18.27 -10.41 4.35
N LYS A 39 -17.04 -9.97 4.29
CA LYS A 39 -16.06 -10.36 5.35
C LYS A 39 -15.40 -9.11 5.94
N ARG A 40 -14.43 -9.29 6.79
CA ARG A 40 -13.75 -8.11 7.40
C ARG A 40 -13.43 -7.06 6.32
N ARG A 41 -13.14 -5.85 6.72
CA ARG A 41 -12.83 -4.80 5.72
C ARG A 41 -11.83 -5.31 4.68
N GLY A 42 -11.50 -4.52 3.70
CA GLY A 42 -10.54 -4.98 2.66
C GLY A 42 -9.34 -4.03 2.61
N PHE A 43 -8.15 -4.57 2.75
CA PHE A 43 -6.93 -3.69 2.70
C PHE A 43 -6.40 -3.58 1.26
N CYS A 44 -5.34 -2.86 1.07
CA CYS A 44 -4.77 -2.70 -0.31
C CYS A 44 -3.26 -2.97 -0.27
N PHE A 45 -2.77 -3.97 -0.97
CA PHE A 45 -1.28 -4.22 -0.95
C PHE A 45 -0.62 -3.55 -2.16
N ILE A 46 0.63 -3.83 -2.35
CA ILE A 46 1.38 -3.28 -3.51
C ILE A 46 2.67 -4.11 -3.66
N THR A 47 3.06 -4.48 -4.84
CA THR A 47 4.30 -5.31 -4.95
C THR A 47 5.40 -4.53 -5.64
N PHE A 48 6.62 -4.75 -5.24
CA PHE A 48 7.73 -4.00 -5.91
C PHE A 48 8.59 -4.91 -6.79
N LYS A 49 9.74 -4.44 -7.17
CA LYS A 49 10.64 -5.21 -8.03
C LYS A 49 11.88 -5.69 -7.27
N GLU A 50 12.71 -4.77 -6.85
CA GLU A 50 13.95 -5.15 -6.12
C GLU A 50 13.60 -5.78 -4.76
N GLU A 51 13.06 -5.00 -3.85
CA GLU A 51 12.69 -5.48 -2.47
C GLU A 51 12.88 -4.29 -1.50
N GLU A 52 13.81 -3.44 -1.83
CA GLU A 52 14.14 -2.26 -0.99
C GLU A 52 12.94 -1.36 -0.67
N PRO A 53 12.12 -1.06 -1.65
CA PRO A 53 10.96 -0.17 -1.40
C PRO A 53 10.18 -0.66 -0.18
N VAL A 54 10.30 -1.92 0.15
CA VAL A 54 9.59 -2.42 1.36
C VAL A 54 10.50 -2.28 2.55
N LYS A 55 11.78 -2.46 2.36
CA LYS A 55 12.72 -2.28 3.50
C LYS A 55 12.37 -0.97 4.18
N LYS A 56 12.24 0.06 3.39
CA LYS A 56 11.91 1.38 3.96
C LYS A 56 10.47 1.42 4.39
N ILE A 57 9.57 1.23 3.47
CA ILE A 57 8.13 1.26 3.82
C ILE A 57 7.90 0.47 5.11
N MET A 58 8.11 -0.81 5.06
CA MET A 58 7.92 -1.63 6.29
C MET A 58 8.52 -0.92 7.51
N GLU A 59 9.70 -0.38 7.38
CA GLU A 59 10.33 0.31 8.54
C GLU A 59 9.44 1.47 9.02
N LYS A 60 8.47 1.84 8.24
CA LYS A 60 7.57 2.96 8.64
C LYS A 60 6.12 2.46 8.61
N LYS A 61 5.91 1.30 9.14
CA LYS A 61 4.54 0.66 9.16
C LYS A 61 3.40 1.69 9.08
N TYR A 62 3.53 2.82 9.72
CA TYR A 62 2.40 3.81 9.67
C TYR A 62 2.85 5.08 8.93
N HIS A 63 2.58 5.18 7.65
CA HIS A 63 2.99 6.41 6.89
C HIS A 63 1.77 7.33 6.67
N ASN A 64 1.75 8.00 5.55
CA ASN A 64 0.61 8.90 5.23
C ASN A 64 0.33 8.88 3.72
N VAL A 65 -0.91 8.99 3.33
CA VAL A 65 -1.22 8.95 1.87
C VAL A 65 -2.30 9.98 1.52
N GLY A 66 -1.93 11.04 0.87
CA GLY A 66 -2.93 12.08 0.51
C GLY A 66 -3.46 12.74 1.77
N LEU A 67 -4.46 12.17 2.38
CA LEU A 67 -5.01 12.77 3.64
C LEU A 67 -5.41 11.66 4.60
N SER A 68 -4.75 10.54 4.54
CA SER A 68 -5.08 9.41 5.46
C SER A 68 -3.80 8.68 5.86
N LYS A 69 -3.61 8.42 7.13
CA LYS A 69 -2.37 7.73 7.55
C LYS A 69 -2.56 6.20 7.53
N CYS A 70 -3.14 5.69 6.48
CA CYS A 70 -3.35 4.21 6.36
C CYS A 70 -2.17 3.47 6.99
N GLU A 71 -2.36 2.27 7.45
CA GLU A 71 -1.20 1.54 8.04
C GLU A 71 -0.46 0.81 6.94
N ILE A 72 0.65 0.23 7.24
CA ILE A 72 1.41 -0.47 6.16
C ILE A 72 2.22 -1.65 6.68
N LYS A 73 1.67 -2.83 6.63
CA LYS A 73 2.44 -4.03 7.06
C LYS A 73 2.95 -4.70 5.79
N VAL A 74 4.24 -4.70 5.58
CA VAL A 74 4.81 -5.28 4.32
C VAL A 74 4.07 -6.55 3.88
N ALA A 75 4.33 -6.97 2.66
CA ALA A 75 3.66 -8.20 2.11
C ALA A 75 4.64 -8.95 1.20
N LYS A 1 6.71 -6.62 -1.71
CA LYS A 1 5.35 -6.01 -1.74
C LYS A 1 4.94 -5.73 -0.31
N ILE A 2 4.01 -4.85 -0.09
CA ILE A 2 3.60 -4.58 1.30
C ILE A 2 2.09 -4.60 1.43
N PHE A 3 1.58 -4.35 2.61
CA PHE A 3 0.10 -4.35 2.80
C PHE A 3 -0.32 -3.12 3.63
N VAL A 4 -1.50 -2.61 3.39
CA VAL A 4 -1.95 -1.42 4.17
C VAL A 4 -3.25 -1.75 4.91
N GLY A 5 -3.27 -1.55 6.21
CA GLY A 5 -4.51 -1.85 6.98
C GLY A 5 -5.29 -0.57 7.19
N GLY A 6 -5.20 0.30 6.24
CA GLY A 6 -5.92 1.60 6.32
C GLY A 6 -6.13 2.14 4.90
N LEU A 7 -5.99 1.29 3.93
CA LEU A 7 -6.18 1.70 2.50
C LEU A 7 -7.28 2.77 2.36
N SER A 8 -7.23 3.53 1.30
CA SER A 8 -8.24 4.61 1.09
C SER A 8 -9.45 4.05 0.33
N PRO A 9 -10.38 4.91 -0.01
CA PRO A 9 -11.59 4.46 -0.74
C PRO A 9 -11.22 3.97 -2.14
N ASP A 10 -10.14 4.43 -2.67
CA ASP A 10 -9.72 3.98 -4.04
C ASP A 10 -8.19 3.99 -4.16
N THR A 11 -7.56 2.93 -3.70
CA THR A 11 -6.06 2.86 -3.79
C THR A 11 -5.58 3.46 -5.11
N PRO A 12 -5.22 4.72 -5.07
CA PRO A 12 -4.76 5.44 -6.27
C PRO A 12 -3.35 4.99 -6.70
N GLU A 13 -3.23 3.84 -7.30
CA GLU A 13 -1.87 3.35 -7.74
C GLU A 13 -1.04 4.51 -8.22
N GLU A 14 -1.63 5.41 -8.92
CA GLU A 14 -0.81 6.52 -9.44
C GLU A 14 -0.33 7.35 -8.25
N LYS A 15 -1.24 7.78 -7.41
CA LYS A 15 -0.85 8.55 -6.22
C LYS A 15 -0.13 7.61 -5.25
N ILE A 16 -0.47 6.35 -5.31
CA ILE A 16 0.21 5.36 -4.44
C ILE A 16 1.68 5.32 -4.84
N ARG A 17 1.92 5.14 -6.10
CA ARG A 17 3.31 5.10 -6.60
C ARG A 17 4.03 6.37 -6.14
N GLU A 18 3.31 7.46 -6.06
CA GLU A 18 3.93 8.73 -5.59
C GLU A 18 4.45 8.55 -4.18
N TYR A 19 3.71 7.89 -3.35
CA TYR A 19 4.23 7.72 -1.98
C TYR A 19 5.03 6.42 -1.91
N PHE A 20 4.36 5.32 -2.02
CA PHE A 20 5.09 4.02 -1.95
C PHE A 20 6.13 3.99 -3.07
N GLY A 21 5.73 4.25 -4.27
CA GLY A 21 6.73 4.28 -5.38
C GLY A 21 7.78 5.30 -4.98
N GLY A 22 7.39 6.25 -4.16
CA GLY A 22 8.36 7.27 -3.70
C GLY A 22 9.49 6.57 -2.97
N PHE A 23 9.17 5.63 -2.12
CA PHE A 23 10.25 4.88 -1.40
C PHE A 23 11.13 4.16 -2.43
N GLY A 24 10.50 3.60 -3.42
CA GLY A 24 11.25 2.87 -4.48
C GLY A 24 10.31 2.61 -5.65
N GLU A 25 10.77 2.74 -6.86
CA GLU A 25 9.87 2.50 -8.03
C GLU A 25 9.02 1.27 -7.78
N VAL A 26 7.79 1.30 -8.22
CA VAL A 26 6.89 0.14 -7.99
C VAL A 26 6.60 -0.56 -9.32
N GLU A 27 6.32 -1.83 -9.25
CA GLU A 27 5.95 -2.56 -10.48
C GLU A 27 4.44 -2.40 -10.63
N SER A 28 3.71 -2.84 -9.65
CA SER A 28 2.24 -2.67 -9.69
C SER A 28 1.74 -2.63 -8.25
N ILE A 29 0.55 -2.17 -8.03
CA ILE A 29 0.06 -2.15 -6.64
C ILE A 29 -1.06 -3.15 -6.45
N GLU A 30 -1.69 -3.10 -5.33
CA GLU A 30 -2.80 -4.07 -5.07
C GLU A 30 -3.82 -3.49 -4.09
N LEU A 31 -5.08 -3.72 -4.33
CA LEU A 31 -6.12 -3.24 -3.38
C LEU A 31 -6.52 -4.43 -2.51
N PRO A 32 -7.46 -4.25 -1.62
CA PRO A 32 -7.87 -5.36 -0.78
C PRO A 32 -8.36 -6.53 -1.65
N MET A 33 -9.56 -6.44 -2.14
CA MET A 33 -10.11 -7.53 -3.02
C MET A 33 -9.72 -8.91 -2.49
N ASP A 34 -8.59 -9.42 -2.91
CA ASP A 34 -8.15 -10.77 -2.46
C ASP A 34 -8.45 -10.97 -0.97
N ASN A 35 -8.37 -12.18 -0.49
CA ASN A 35 -8.67 -12.44 0.94
C ASN A 35 -10.15 -12.20 1.21
N LYS A 36 -10.97 -13.18 0.93
CA LYS A 36 -12.44 -13.01 1.16
C LYS A 36 -13.00 -14.23 1.88
N THR A 37 -12.32 -14.66 2.90
CA THR A 37 -12.81 -15.85 3.67
C THR A 37 -12.37 -15.75 5.13
N ASN A 38 -12.65 -14.65 5.77
CA ASN A 38 -12.26 -14.49 7.19
C ASN A 38 -13.24 -13.56 7.92
N LYS A 39 -12.90 -12.32 8.10
CA LYS A 39 -13.83 -11.39 8.81
C LYS A 39 -13.74 -9.99 8.20
N ARG A 40 -14.32 -9.01 8.84
CA ARG A 40 -14.27 -7.62 8.30
C ARG A 40 -12.87 -7.32 7.76
N ARG A 41 -12.78 -7.04 6.48
CA ARG A 41 -11.45 -6.74 5.89
C ARG A 41 -11.38 -5.26 5.47
N GLY A 42 -10.24 -4.82 4.99
CA GLY A 42 -10.13 -3.40 4.56
C GLY A 42 -8.65 -3.02 4.44
N PHE A 43 -7.97 -3.56 3.48
CA PHE A 43 -6.53 -3.23 3.29
C PHE A 43 -6.14 -3.25 1.82
N CYS A 44 -5.02 -2.70 1.49
CA CYS A 44 -4.57 -2.72 0.08
C CYS A 44 -3.07 -3.03 0.03
N PHE A 45 -2.65 -3.96 -0.76
CA PHE A 45 -1.20 -4.27 -0.82
C PHE A 45 -0.57 -3.52 -1.99
N ILE A 46 0.68 -3.74 -2.23
CA ILE A 46 1.37 -3.07 -3.36
C ILE A 46 2.64 -3.86 -3.67
N THR A 47 2.94 -4.17 -4.90
CA THR A 47 4.16 -4.97 -5.16
C THR A 47 5.20 -4.11 -5.86
N PHE A 48 6.44 -4.32 -5.53
CA PHE A 48 7.53 -3.51 -6.17
C PHE A 48 8.30 -4.32 -7.23
N LYS A 49 9.61 -4.40 -7.14
CA LYS A 49 10.38 -5.14 -8.18
C LYS A 49 11.52 -5.95 -7.55
N GLU A 50 12.39 -5.31 -6.81
CA GLU A 50 13.52 -6.07 -6.17
C GLU A 50 13.12 -6.50 -4.75
N GLU A 51 13.01 -5.57 -3.85
CA GLU A 51 12.62 -5.89 -2.44
C GLU A 51 12.91 -4.66 -1.55
N GLU A 52 13.92 -3.92 -1.91
CA GLU A 52 14.33 -2.70 -1.13
C GLU A 52 13.14 -1.78 -0.80
N PRO A 53 12.33 -1.46 -1.79
CA PRO A 53 11.19 -0.56 -1.54
C PRO A 53 10.37 -1.03 -0.34
N VAL A 54 10.24 -2.33 -0.18
CA VAL A 54 9.47 -2.83 1.00
C VAL A 54 10.27 -2.49 2.26
N LYS A 55 11.55 -2.67 2.20
CA LYS A 55 12.39 -2.36 3.39
C LYS A 55 11.94 -1.03 3.96
N LYS A 56 11.77 -0.08 3.09
CA LYS A 56 11.35 1.26 3.55
C LYS A 56 9.90 1.22 4.00
N ILE A 57 9.03 0.94 3.08
CA ILE A 57 7.58 0.89 3.42
C ILE A 57 7.40 0.13 4.73
N MET A 58 7.73 -1.13 4.76
CA MET A 58 7.59 -1.91 6.02
C MET A 58 8.17 -1.10 7.18
N GLU A 59 9.21 -0.34 6.93
CA GLU A 59 9.83 0.48 8.03
C GLU A 59 9.00 1.77 8.26
N LYS A 60 7.85 1.86 7.66
CA LYS A 60 6.99 3.06 7.84
C LYS A 60 5.56 2.62 8.18
N LYS A 61 5.46 1.73 9.13
CA LYS A 61 4.13 1.18 9.55
C LYS A 61 2.97 2.16 9.29
N TYR A 62 3.17 3.43 9.51
CA TYR A 62 2.04 4.38 9.27
C TYR A 62 2.48 5.46 8.27
N HIS A 63 2.02 5.38 7.05
CA HIS A 63 2.42 6.39 6.02
C HIS A 63 1.45 7.57 6.03
N ASN A 64 1.63 8.48 5.10
CA ASN A 64 0.72 9.66 5.03
C ASN A 64 0.29 9.88 3.57
N VAL A 65 -0.98 9.81 3.29
CA VAL A 65 -1.44 10.00 1.89
C VAL A 65 -2.80 10.70 1.86
N GLY A 66 -2.94 11.72 1.07
CA GLY A 66 -4.25 12.44 0.99
C GLY A 66 -4.77 12.70 2.40
N LEU A 67 -4.09 13.50 3.16
CA LEU A 67 -4.56 13.81 4.55
C LEU A 67 -4.93 12.53 5.30
N SER A 68 -4.31 11.42 4.95
CA SER A 68 -4.62 10.15 5.66
C SER A 68 -3.33 9.40 5.98
N LYS A 69 -3.41 8.35 6.75
CA LYS A 69 -2.17 7.58 7.08
C LYS A 69 -2.48 6.10 7.31
N CYS A 70 -3.13 5.46 6.38
CA CYS A 70 -3.43 4.01 6.52
C CYS A 70 -2.24 3.29 7.16
N GLU A 71 -2.42 2.12 7.70
CA GLU A 71 -1.23 1.43 8.29
C GLU A 71 -0.53 0.66 7.18
N ILE A 72 0.65 0.18 7.43
CA ILE A 72 1.35 -0.52 6.32
C ILE A 72 2.30 -1.61 6.81
N LYS A 73 1.94 -2.85 6.56
CA LYS A 73 2.82 -3.98 6.90
C LYS A 73 3.55 -4.38 5.61
N VAL A 74 3.99 -5.60 5.49
CA VAL A 74 4.66 -5.98 4.23
C VAL A 74 3.95 -7.16 3.57
N ALA A 75 4.27 -7.48 2.35
CA ALA A 75 3.59 -8.61 1.66
C ALA A 75 4.52 -9.26 0.65
N LYS A 1 6.70 -6.68 -1.67
CA LYS A 1 5.35 -6.04 -1.78
C LYS A 1 4.91 -5.66 -0.38
N ILE A 2 4.00 -4.75 -0.25
CA ILE A 2 3.57 -4.37 1.10
C ILE A 2 2.04 -4.40 1.22
N PHE A 3 1.51 -4.15 2.37
CA PHE A 3 0.03 -4.17 2.53
C PHE A 3 -0.44 -3.03 3.43
N VAL A 4 -1.23 -2.14 2.92
CA VAL A 4 -1.73 -1.02 3.75
C VAL A 4 -3.03 -1.42 4.43
N GLY A 5 -3.07 -1.44 5.74
CA GLY A 5 -4.32 -1.84 6.44
C GLY A 5 -5.12 -0.61 6.82
N GLY A 6 -5.16 0.32 5.93
CA GLY A 6 -5.93 1.58 6.17
C GLY A 6 -6.49 2.09 4.85
N LEU A 7 -6.45 1.25 3.83
CA LEU A 7 -6.97 1.62 2.49
C LEU A 7 -8.05 2.72 2.54
N SER A 8 -8.06 3.56 1.55
CA SER A 8 -9.06 4.66 1.49
C SER A 8 -10.28 4.17 0.69
N PRO A 9 -11.21 5.05 0.44
CA PRO A 9 -12.41 4.65 -0.33
C PRO A 9 -12.00 4.21 -1.74
N ASP A 10 -10.89 4.69 -2.22
CA ASP A 10 -10.42 4.31 -3.58
C ASP A 10 -8.89 4.35 -3.64
N THR A 11 -8.22 3.29 -3.25
CA THR A 11 -6.72 3.29 -3.27
C THR A 11 -6.21 3.98 -4.55
N PRO A 12 -5.82 5.22 -4.41
CA PRO A 12 -5.32 6.02 -5.57
C PRO A 12 -3.98 5.48 -6.09
N GLU A 13 -3.99 4.35 -6.75
CA GLU A 13 -2.72 3.76 -7.29
C GLU A 13 -1.80 4.86 -7.81
N GLU A 14 -2.22 5.54 -8.82
CA GLU A 14 -1.33 6.58 -9.39
C GLU A 14 -0.74 7.41 -8.26
N LYS A 15 -1.56 7.77 -7.32
CA LYS A 15 -1.05 8.53 -6.15
C LYS A 15 -0.28 7.58 -5.26
N ILE A 16 -0.66 6.33 -5.28
CA ILE A 16 0.06 5.31 -4.47
C ILE A 16 1.50 5.24 -4.97
N ARG A 17 1.66 5.04 -6.25
CA ARG A 17 3.01 4.99 -6.85
C ARG A 17 3.78 6.24 -6.45
N GLU A 18 3.10 7.36 -6.38
CA GLU A 18 3.79 8.61 -5.98
C GLU A 18 4.37 8.46 -4.60
N TYR A 19 3.68 7.80 -3.71
CA TYR A 19 4.27 7.64 -2.38
C TYR A 19 5.08 6.36 -2.32
N PHE A 20 4.41 5.24 -2.33
CA PHE A 20 5.14 3.96 -2.28
C PHE A 20 6.12 3.90 -3.44
N GLY A 21 5.65 4.12 -4.64
CA GLY A 21 6.57 4.12 -5.79
C GLY A 21 7.66 5.15 -5.49
N GLY A 22 7.37 6.06 -4.61
CA GLY A 22 8.38 7.09 -4.24
C GLY A 22 9.51 6.42 -3.48
N PHE A 23 9.19 5.56 -2.54
CA PHE A 23 10.27 4.86 -1.79
C PHE A 23 11.17 4.13 -2.78
N GLY A 24 10.55 3.52 -3.76
CA GLY A 24 11.32 2.79 -4.80
C GLY A 24 10.37 2.47 -5.94
N GLU A 25 10.80 2.62 -7.16
CA GLU A 25 9.89 2.34 -8.31
C GLU A 25 9.08 1.08 -8.03
N VAL A 26 7.84 1.07 -8.42
CA VAL A 26 6.99 -0.11 -8.16
C VAL A 26 6.82 -0.95 -9.42
N GLU A 27 6.60 -2.22 -9.27
CA GLU A 27 6.36 -3.07 -10.45
C GLU A 27 4.86 -3.01 -10.70
N SER A 28 4.09 -3.35 -9.71
CA SER A 28 2.63 -3.26 -9.83
C SER A 28 2.05 -3.07 -8.45
N ILE A 29 0.80 -2.75 -8.31
CA ILE A 29 0.26 -2.58 -6.95
C ILE A 29 -0.86 -3.58 -6.71
N GLU A 30 -1.55 -3.44 -5.62
CA GLU A 30 -2.65 -4.37 -5.31
C GLU A 30 -3.72 -3.67 -4.47
N LEU A 31 -4.95 -3.78 -4.84
CA LEU A 31 -6.01 -3.11 -4.04
C LEU A 31 -6.72 -4.13 -3.16
N PRO A 32 -7.64 -3.67 -2.36
CA PRO A 32 -8.34 -4.60 -1.48
C PRO A 32 -9.06 -5.68 -2.29
N MET A 33 -8.54 -6.87 -2.31
CA MET A 33 -9.19 -7.95 -3.10
C MET A 33 -9.57 -9.12 -2.18
N ASP A 34 -9.74 -10.29 -2.74
CA ASP A 34 -10.10 -11.47 -1.92
C ASP A 34 -11.50 -11.30 -1.32
N ASN A 35 -12.34 -10.53 -1.95
CA ASN A 35 -13.71 -10.33 -1.43
C ASN A 35 -14.69 -11.28 -2.12
N LYS A 36 -14.31 -12.51 -2.27
CA LYS A 36 -15.21 -13.50 -2.95
C LYS A 36 -15.01 -14.88 -2.33
N THR A 37 -15.02 -14.96 -1.03
CA THR A 37 -14.83 -16.27 -0.36
C THR A 37 -15.61 -16.31 0.95
N ASN A 38 -15.03 -15.74 1.93
CA ASN A 38 -15.66 -15.69 3.28
C ASN A 38 -15.34 -14.37 3.98
N LYS A 39 -14.17 -13.83 3.73
CA LYS A 39 -13.80 -12.55 4.39
C LYS A 39 -14.23 -11.36 3.52
N ARG A 40 -13.83 -10.17 3.89
CA ARG A 40 -14.23 -8.98 3.08
C ARG A 40 -12.98 -8.20 2.66
N ARG A 41 -13.17 -7.01 2.14
CA ARG A 41 -12.00 -6.20 1.70
C ARG A 41 -11.86 -4.96 2.59
N GLY A 42 -10.68 -4.71 3.09
CA GLY A 42 -10.50 -3.51 3.96
C GLY A 42 -9.02 -3.09 3.94
N PHE A 43 -8.32 -3.42 2.88
CA PHE A 43 -6.88 -3.03 2.81
C PHE A 43 -6.45 -2.84 1.35
N CYS A 44 -5.17 -2.76 1.12
CA CYS A 44 -4.66 -2.57 -0.28
C CYS A 44 -3.16 -2.89 -0.29
N PHE A 45 -2.74 -3.88 -1.03
CA PHE A 45 -1.27 -4.19 -1.06
C PHE A 45 -0.61 -3.48 -2.24
N ILE A 46 0.64 -3.74 -2.45
CA ILE A 46 1.37 -3.13 -3.58
C ILE A 46 2.66 -3.93 -3.78
N THR A 47 3.00 -4.32 -4.99
CA THR A 47 4.26 -5.10 -5.14
C THR A 47 5.34 -4.24 -5.76
N PHE A 48 6.53 -4.41 -5.29
CA PHE A 48 7.65 -3.58 -5.85
C PHE A 48 8.46 -4.38 -6.88
N LYS A 49 9.76 -4.20 -6.91
CA LYS A 49 10.58 -4.92 -7.92
C LYS A 49 11.69 -5.76 -7.26
N GLU A 50 12.55 -5.14 -6.49
CA GLU A 50 13.65 -5.91 -5.85
C GLU A 50 13.23 -6.38 -4.45
N GLU A 51 13.11 -5.47 -3.53
CA GLU A 51 12.72 -5.83 -2.13
C GLU A 51 13.05 -4.64 -1.19
N GLU A 52 14.04 -3.88 -1.57
CA GLU A 52 14.47 -2.71 -0.75
C GLU A 52 13.33 -1.69 -0.53
N PRO A 53 12.54 -1.39 -1.53
CA PRO A 53 11.46 -0.41 -1.35
C PRO A 53 10.59 -0.79 -0.15
N VAL A 54 10.44 -2.05 0.14
CA VAL A 54 9.65 -2.43 1.34
C VAL A 54 10.50 -2.19 2.56
N LYS A 55 11.77 -2.44 2.46
CA LYS A 55 12.66 -2.21 3.62
C LYS A 55 12.30 -0.85 4.22
N LYS A 56 12.18 0.11 3.37
CA LYS A 56 11.83 1.47 3.84
C LYS A 56 10.38 1.50 4.30
N ILE A 57 9.49 1.23 3.40
CA ILE A 57 8.06 1.26 3.76
C ILE A 57 7.86 0.53 5.10
N MET A 58 8.10 -0.75 5.11
CA MET A 58 7.94 -1.53 6.38
C MET A 58 8.63 -0.81 7.54
N GLU A 59 9.70 -0.10 7.28
CA GLU A 59 10.40 0.62 8.40
C GLU A 59 9.52 1.73 8.99
N LYS A 60 8.38 1.98 8.41
CA LYS A 60 7.48 3.04 8.95
C LYS A 60 6.02 2.58 8.83
N LYS A 61 5.74 1.42 9.34
CA LYS A 61 4.36 0.83 9.29
C LYS A 61 3.26 1.88 9.19
N TYR A 62 3.39 3.00 9.84
CA TYR A 62 2.30 4.01 9.76
C TYR A 62 2.74 5.21 8.91
N HIS A 63 2.48 5.16 7.62
CA HIS A 63 2.87 6.29 6.74
C HIS A 63 1.72 7.27 6.54
N ASN A 64 1.81 8.12 5.56
CA ASN A 64 0.72 9.09 5.28
C ASN A 64 0.46 9.17 3.78
N VAL A 65 -0.77 9.34 3.38
CA VAL A 65 -1.08 9.41 1.92
C VAL A 65 -2.09 10.53 1.65
N GLY A 66 -1.62 11.66 1.21
CA GLY A 66 -2.56 12.80 0.92
C GLY A 66 -3.17 13.29 2.23
N LEU A 67 -4.22 12.66 2.69
CA LEU A 67 -4.86 13.09 3.95
C LEU A 67 -5.26 11.88 4.79
N SER A 68 -4.60 10.77 4.60
CA SER A 68 -4.93 9.55 5.39
C SER A 68 -3.66 8.77 5.68
N LYS A 69 -3.47 8.33 6.90
CA LYS A 69 -2.23 7.57 7.23
C LYS A 69 -2.52 6.07 7.40
N CYS A 70 -3.10 5.46 6.39
CA CYS A 70 -3.39 3.99 6.48
C CYS A 70 -2.21 3.28 7.14
N GLU A 71 -2.38 2.07 7.61
CA GLU A 71 -1.21 1.38 8.23
C GLU A 71 -0.46 0.64 7.14
N ILE A 72 0.64 0.04 7.46
CA ILE A 72 1.39 -0.66 6.38
C ILE A 72 2.15 -1.89 6.91
N LYS A 73 1.69 -3.05 6.56
CA LYS A 73 2.38 -4.30 6.95
C LYS A 73 2.87 -4.96 5.66
N VAL A 74 4.16 -4.99 5.44
CA VAL A 74 4.70 -5.55 4.16
C VAL A 74 3.92 -6.77 3.66
N ALA A 75 4.16 -7.14 2.44
CA ALA A 75 3.47 -8.31 1.84
C ALA A 75 4.43 -9.06 0.91
N LYS A 1 7.01 -5.90 -1.54
CA LYS A 1 5.61 -5.48 -1.80
C LYS A 1 5.05 -5.06 -0.45
N ILE A 2 4.03 -4.26 -0.41
CA ILE A 2 3.53 -3.86 0.91
C ILE A 2 2.00 -4.08 1.00
N PHE A 3 1.40 -3.81 2.13
CA PHE A 3 -0.08 -4.02 2.24
C PHE A 3 -0.71 -2.99 3.18
N VAL A 4 -1.63 -2.20 2.67
CA VAL A 4 -2.30 -1.17 3.53
C VAL A 4 -3.54 -1.78 4.17
N GLY A 5 -3.61 -1.79 5.48
CA GLY A 5 -4.78 -2.40 6.16
C GLY A 5 -6.02 -1.50 6.11
N GLY A 6 -5.91 -0.32 6.65
CA GLY A 6 -7.06 0.62 6.68
C GLY A 6 -7.32 1.16 5.28
N LEU A 7 -6.35 1.81 4.71
CA LEU A 7 -6.51 2.37 3.34
C LEU A 7 -7.50 3.53 3.35
N SER A 8 -7.33 4.45 2.43
CA SER A 8 -8.26 5.61 2.36
C SER A 8 -9.62 5.14 1.82
N PRO A 9 -10.52 6.07 1.60
CA PRO A 9 -11.86 5.73 1.10
C PRO A 9 -11.80 5.17 -0.33
N ASP A 10 -10.70 5.35 -1.01
CA ASP A 10 -10.60 4.81 -2.40
C ASP A 10 -9.16 4.46 -2.75
N THR A 11 -8.91 3.22 -3.14
CA THR A 11 -7.52 2.80 -3.50
C THR A 11 -6.81 3.91 -4.27
N PRO A 12 -6.04 4.70 -3.56
CA PRO A 12 -5.31 5.85 -4.17
C PRO A 12 -4.14 5.38 -5.05
N GLU A 13 -4.34 4.43 -5.90
CA GLU A 13 -3.22 3.93 -6.76
C GLU A 13 -2.32 5.05 -7.23
N GLU A 14 -2.79 5.86 -8.12
CA GLU A 14 -1.93 6.92 -8.65
C GLU A 14 -1.22 7.63 -7.49
N LYS A 15 -1.93 7.85 -6.43
CA LYS A 15 -1.30 8.50 -5.24
C LYS A 15 -0.44 7.45 -4.54
N ILE A 16 -0.80 6.21 -4.71
CA ILE A 16 -0.04 5.09 -4.10
C ILE A 16 1.32 5.02 -4.78
N ARG A 17 1.32 4.89 -6.08
CA ARG A 17 2.60 4.87 -6.83
C ARG A 17 3.40 6.13 -6.50
N GLU A 18 2.70 7.23 -6.31
CA GLU A 18 3.39 8.50 -5.97
C GLU A 18 4.21 8.33 -4.71
N TYR A 19 3.66 7.76 -3.70
CA TYR A 19 4.47 7.59 -2.49
C TYR A 19 5.20 6.26 -2.54
N PHE A 20 4.50 5.19 -2.39
CA PHE A 20 5.16 3.87 -2.42
C PHE A 20 6.02 3.78 -3.69
N GLY A 21 5.45 4.07 -4.83
CA GLY A 21 6.26 4.04 -6.07
C GLY A 21 7.45 4.96 -5.88
N GLY A 22 7.34 5.88 -4.95
CA GLY A 22 8.46 6.81 -4.66
C GLY A 22 9.56 6.04 -3.93
N PHE A 23 9.20 5.26 -2.94
CA PHE A 23 10.24 4.48 -2.21
C PHE A 23 11.02 3.66 -3.23
N GLY A 24 10.38 3.33 -4.31
CA GLY A 24 11.04 2.54 -5.39
C GLY A 24 10.01 2.30 -6.49
N GLU A 25 10.35 2.59 -7.72
CA GLU A 25 9.37 2.39 -8.82
C GLU A 25 8.58 1.10 -8.59
N VAL A 26 7.32 1.11 -8.89
CA VAL A 26 6.48 -0.10 -8.69
C VAL A 26 6.48 -0.95 -9.95
N GLU A 27 6.53 -2.24 -9.79
CA GLU A 27 6.44 -3.13 -10.96
C GLU A 27 4.96 -3.37 -11.19
N SER A 28 4.26 -3.68 -10.14
CA SER A 28 2.81 -3.86 -10.21
C SER A 28 2.24 -3.54 -8.84
N ILE A 29 0.98 -3.27 -8.72
CA ILE A 29 0.46 -2.97 -7.36
C ILE A 29 -0.60 -3.98 -6.96
N GLU A 30 -1.30 -3.67 -5.93
CA GLU A 30 -2.36 -4.59 -5.45
C GLU A 30 -3.46 -3.81 -4.74
N LEU A 31 -4.69 -4.04 -5.07
CA LEU A 31 -5.77 -3.31 -4.37
C LEU A 31 -6.55 -4.29 -3.53
N PRO A 32 -7.44 -3.81 -2.73
CA PRO A 32 -8.19 -4.71 -1.87
C PRO A 32 -9.00 -5.71 -2.71
N MET A 33 -8.53 -6.91 -2.82
CA MET A 33 -9.26 -7.94 -3.62
C MET A 33 -9.37 -9.26 -2.85
N ASP A 34 -8.33 -10.05 -2.86
CA ASP A 34 -8.39 -11.35 -2.13
C ASP A 34 -7.69 -11.24 -0.76
N ASN A 35 -7.33 -12.34 -0.18
CA ASN A 35 -6.67 -12.31 1.15
C ASN A 35 -7.68 -11.93 2.23
N LYS A 36 -8.43 -12.88 2.71
CA LYS A 36 -9.45 -12.57 3.76
C LYS A 36 -9.13 -13.32 5.04
N THR A 37 -7.88 -13.39 5.38
CA THR A 37 -7.48 -14.12 6.62
C THR A 37 -6.40 -13.32 7.36
N ASN A 38 -6.60 -12.05 7.54
CA ASN A 38 -5.61 -11.21 8.26
C ASN A 38 -6.30 -10.05 8.97
N LYS A 39 -6.73 -9.06 8.23
CA LYS A 39 -7.42 -7.91 8.87
C LYS A 39 -8.81 -7.71 8.26
N ARG A 40 -9.51 -6.69 8.67
CA ARG A 40 -10.87 -6.45 8.11
C ARG A 40 -10.80 -6.33 6.58
N ARG A 41 -11.91 -6.03 5.95
CA ARG A 41 -11.92 -5.89 4.46
C ARG A 41 -11.71 -4.44 4.06
N GLY A 42 -10.62 -4.13 3.41
CA GLY A 42 -10.38 -2.72 2.99
C GLY A 42 -8.88 -2.43 2.96
N PHE A 43 -8.10 -3.31 2.37
CA PHE A 43 -6.62 -3.07 2.31
C PHE A 43 -6.14 -3.18 0.88
N CYS A 44 -4.97 -2.65 0.60
CA CYS A 44 -4.44 -2.75 -0.79
C CYS A 44 -2.93 -3.04 -0.72
N PHE A 45 -2.45 -4.01 -1.46
CA PHE A 45 -0.98 -4.26 -1.41
C PHE A 45 -0.32 -3.57 -2.59
N ILE A 46 0.94 -3.79 -2.78
CA ILE A 46 1.67 -3.17 -3.93
C ILE A 46 2.97 -3.95 -4.11
N THR A 47 3.33 -4.34 -5.30
CA THR A 47 4.59 -5.11 -5.45
C THR A 47 5.62 -4.28 -6.19
N PHE A 48 6.85 -4.52 -5.89
CA PHE A 48 7.94 -3.74 -6.54
C PHE A 48 8.88 -4.66 -7.35
N LYS A 49 10.14 -4.77 -6.97
CA LYS A 49 11.08 -5.64 -7.73
C LYS A 49 12.31 -6.03 -6.88
N GLU A 50 12.93 -5.08 -6.23
CA GLU A 50 14.16 -5.41 -5.42
C GLU A 50 13.78 -5.93 -4.02
N GLU A 51 13.86 -5.10 -3.02
CA GLU A 51 13.50 -5.54 -1.63
C GLU A 51 13.77 -4.40 -0.62
N GLU A 52 14.72 -3.55 -0.94
CA GLU A 52 15.08 -2.43 -0.03
C GLU A 52 13.89 -1.48 0.24
N PRO A 53 13.22 -1.05 -0.80
CA PRO A 53 12.08 -0.11 -0.62
C PRO A 53 11.06 -0.67 0.39
N VAL A 54 11.02 -1.96 0.60
CA VAL A 54 10.07 -2.51 1.62
C VAL A 54 10.71 -2.29 2.98
N LYS A 55 11.95 -2.65 3.11
CA LYS A 55 12.64 -2.43 4.41
C LYS A 55 12.33 -1.03 4.90
N LYS A 56 12.34 -0.10 3.99
CA LYS A 56 12.07 1.30 4.38
C LYS A 56 10.61 1.48 4.72
N ILE A 57 9.76 1.29 3.77
CA ILE A 57 8.30 1.46 4.04
C ILE A 57 7.93 0.63 5.27
N MET A 58 8.10 -0.67 5.19
CA MET A 58 7.77 -1.53 6.36
C MET A 58 8.31 -0.91 7.65
N GLU A 59 9.41 -0.22 7.59
CA GLU A 59 9.97 0.42 8.82
C GLU A 59 9.03 1.50 9.35
N LYS A 60 7.99 1.80 8.63
CA LYS A 60 7.02 2.84 9.08
C LYS A 60 5.59 2.36 8.82
N LYS A 61 5.29 1.16 9.27
CA LYS A 61 3.93 0.56 9.04
C LYS A 61 2.84 1.60 8.83
N TYR A 62 2.85 2.68 9.55
CA TYR A 62 1.77 3.70 9.36
C TYR A 62 2.34 4.92 8.64
N HIS A 63 2.25 4.95 7.33
CA HIS A 63 2.80 6.12 6.57
C HIS A 63 1.74 7.21 6.40
N ASN A 64 1.94 8.06 5.43
CA ASN A 64 0.96 9.15 5.16
C ASN A 64 0.76 9.25 3.64
N VAL A 65 -0.45 9.24 3.17
CA VAL A 65 -0.68 9.32 1.70
C VAL A 65 -1.97 10.09 1.40
N GLY A 66 -1.93 10.96 0.43
CA GLY A 66 -3.15 11.74 0.08
C GLY A 66 -3.86 12.21 1.35
N LEU A 67 -3.28 13.14 2.06
CA LEU A 67 -3.92 13.64 3.31
C LEU A 67 -4.48 12.46 4.11
N SER A 68 -3.81 11.34 4.10
CA SER A 68 -4.30 10.16 4.87
C SER A 68 -3.12 9.38 5.43
N LYS A 69 -3.36 8.50 6.37
CA LYS A 69 -2.22 7.72 6.93
C LYS A 69 -2.62 6.24 7.09
N CYS A 70 -3.21 5.69 6.09
CA CYS A 70 -3.61 4.25 6.13
C CYS A 70 -2.49 3.44 6.81
N GLU A 71 -2.78 2.28 7.37
CA GLU A 71 -1.66 1.52 7.98
C GLU A 71 -1.05 0.66 6.91
N ILE A 72 0.10 0.13 7.13
CA ILE A 72 0.73 -0.68 6.06
C ILE A 72 1.62 -1.79 6.58
N LYS A 73 1.20 -3.01 6.41
CA LYS A 73 2.05 -4.15 6.80
C LYS A 73 2.68 -4.67 5.51
N VAL A 74 3.97 -4.56 5.39
CA VAL A 74 4.62 -4.99 4.11
C VAL A 74 4.02 -6.29 3.57
N ALA A 75 4.33 -6.61 2.34
CA ALA A 75 3.79 -7.84 1.72
C ALA A 75 4.85 -8.46 0.80
N LYS A 1 6.58 -6.70 -1.73
CA LYS A 1 5.22 -6.10 -1.74
C LYS A 1 4.86 -5.72 -0.31
N ILE A 2 3.90 -4.86 -0.13
CA ILE A 2 3.54 -4.50 1.26
C ILE A 2 2.00 -4.43 1.40
N PHE A 3 1.50 -4.32 2.60
CA PHE A 3 0.01 -4.22 2.77
C PHE A 3 -0.34 -2.86 3.36
N VAL A 4 -1.55 -2.41 3.12
CA VAL A 4 -1.96 -1.09 3.69
C VAL A 4 -3.35 -1.19 4.30
N GLY A 5 -3.55 -0.64 5.45
CA GLY A 5 -4.90 -0.68 6.05
C GLY A 5 -5.60 0.63 5.74
N GLY A 6 -5.37 1.10 4.56
CA GLY A 6 -5.98 2.39 4.11
C GLY A 6 -7.38 2.11 3.57
N LEU A 7 -7.54 1.00 2.89
CA LEU A 7 -8.87 0.60 2.32
C LEU A 7 -9.79 1.81 2.12
N SER A 8 -9.25 2.86 1.58
CA SER A 8 -10.06 4.09 1.34
C SER A 8 -11.12 3.82 0.26
N PRO A 9 -12.05 4.75 0.12
CA PRO A 9 -13.11 4.60 -0.89
C PRO A 9 -12.53 4.52 -2.30
N ASP A 10 -11.34 5.02 -2.50
CA ASP A 10 -10.72 4.97 -3.85
C ASP A 10 -9.23 4.68 -3.75
N THR A 11 -8.84 3.44 -3.88
CA THR A 11 -7.39 3.08 -3.82
C THR A 11 -6.56 4.13 -4.58
N PRO A 12 -5.91 5.01 -3.86
CA PRO A 12 -5.10 6.09 -4.48
C PRO A 12 -3.87 5.57 -5.24
N GLU A 13 -3.99 4.51 -6.00
CA GLU A 13 -2.81 3.97 -6.76
C GLU A 13 -1.94 5.07 -7.29
N GLU A 14 -2.43 5.84 -8.21
CA GLU A 14 -1.57 6.90 -8.78
C GLU A 14 -0.87 7.65 -7.66
N LYS A 15 -1.60 7.97 -6.63
CA LYS A 15 -0.97 8.67 -5.48
C LYS A 15 -0.13 7.65 -4.71
N ILE A 16 -0.49 6.40 -4.83
CA ILE A 16 0.26 5.31 -4.18
C ILE A 16 1.64 5.25 -4.81
N ARG A 17 1.70 5.09 -6.10
CA ARG A 17 3.01 5.05 -6.79
C ARG A 17 3.79 6.29 -6.37
N GLU A 18 3.12 7.39 -6.21
CA GLU A 18 3.82 8.63 -5.77
C GLU A 18 4.47 8.41 -4.42
N TYR A 19 3.82 7.74 -3.54
CA TYR A 19 4.46 7.52 -2.24
C TYR A 19 5.24 6.21 -2.27
N PHE A 20 4.56 5.11 -2.27
CA PHE A 20 5.27 3.81 -2.32
C PHE A 20 6.22 3.81 -3.50
N GLY A 21 5.73 4.10 -4.67
CA GLY A 21 6.62 4.15 -5.85
C GLY A 21 7.74 5.15 -5.54
N GLY A 22 7.48 6.03 -4.60
CA GLY A 22 8.50 7.03 -4.20
C GLY A 22 9.63 6.31 -3.46
N PHE A 23 9.30 5.44 -2.53
CA PHE A 23 10.37 4.71 -1.80
C PHE A 23 11.24 3.98 -2.81
N GLY A 24 10.63 3.50 -3.85
CA GLY A 24 11.38 2.77 -4.91
C GLY A 24 10.41 2.45 -6.03
N GLU A 25 10.83 2.57 -7.27
CA GLU A 25 9.90 2.28 -8.39
C GLU A 25 9.08 1.03 -8.07
N VAL A 26 7.83 1.03 -8.45
CA VAL A 26 6.97 -0.14 -8.15
C VAL A 26 6.82 -1.01 -9.40
N GLU A 27 6.66 -2.28 -9.22
CA GLU A 27 6.43 -3.16 -10.38
C GLU A 27 4.93 -3.19 -10.60
N SER A 28 4.19 -3.49 -9.57
CA SER A 28 2.72 -3.47 -9.68
C SER A 28 2.17 -3.21 -8.28
N ILE A 29 0.91 -2.93 -8.15
CA ILE A 29 0.37 -2.70 -6.79
C ILE A 29 -0.75 -3.69 -6.52
N GLU A 30 -1.46 -3.50 -5.45
CA GLU A 30 -2.57 -4.43 -5.14
C GLU A 30 -3.66 -3.70 -4.35
N LEU A 31 -4.87 -3.82 -4.76
CA LEU A 31 -5.96 -3.13 -4.01
C LEU A 31 -6.76 -4.13 -3.22
N PRO A 32 -7.74 -3.66 -2.49
CA PRO A 32 -8.52 -4.58 -1.68
C PRO A 32 -9.30 -5.57 -2.55
N MET A 33 -10.13 -6.38 -1.96
CA MET A 33 -10.91 -7.37 -2.77
C MET A 33 -12.30 -6.83 -3.07
N ASP A 34 -12.98 -7.41 -4.02
CA ASP A 34 -14.35 -6.94 -4.38
C ASP A 34 -15.35 -7.31 -3.28
N ASN A 35 -16.62 -7.25 -3.59
CA ASN A 35 -17.67 -7.60 -2.58
C ASN A 35 -17.25 -7.12 -1.19
N LYS A 36 -17.67 -5.94 -0.81
CA LYS A 36 -17.31 -5.41 0.54
C LYS A 36 -18.21 -4.23 0.91
N THR A 37 -19.49 -4.44 0.90
CA THR A 37 -20.42 -3.32 1.27
C THR A 37 -21.30 -3.75 2.44
N ASN A 38 -20.71 -4.45 3.37
CA ASN A 38 -21.48 -4.90 4.57
C ASN A 38 -20.53 -5.03 5.77
N LYS A 39 -19.40 -5.64 5.55
CA LYS A 39 -18.42 -5.82 6.65
C LYS A 39 -17.25 -4.85 6.47
N ARG A 40 -16.14 -5.13 7.12
CA ARG A 40 -14.96 -4.23 6.99
C ARG A 40 -14.67 -3.93 5.52
N ARG A 41 -13.65 -3.17 5.24
CA ARG A 41 -13.33 -2.84 3.82
C ARG A 41 -11.94 -3.39 3.43
N GLY A 42 -11.69 -4.63 3.74
CA GLY A 42 -10.39 -5.27 3.39
C GLY A 42 -9.25 -4.26 3.51
N PHE A 43 -8.28 -4.34 2.64
CA PHE A 43 -7.11 -3.41 2.66
C PHE A 43 -6.58 -3.24 1.24
N CYS A 44 -5.42 -2.70 1.10
CA CYS A 44 -4.84 -2.53 -0.27
C CYS A 44 -3.34 -2.81 -0.21
N PHE A 45 -2.85 -3.83 -0.88
CA PHE A 45 -1.39 -4.12 -0.85
C PHE A 45 -0.70 -3.41 -2.03
N ILE A 46 0.52 -3.80 -2.30
CA ILE A 46 1.28 -3.21 -3.43
C ILE A 46 2.52 -4.10 -3.64
N THR A 47 2.93 -4.39 -4.84
CA THR A 47 4.13 -5.25 -5.00
C THR A 47 5.26 -4.47 -5.62
N PHE A 48 6.46 -4.75 -5.23
CA PHE A 48 7.60 -3.99 -5.81
C PHE A 48 8.45 -4.86 -6.76
N LYS A 49 9.74 -4.94 -6.51
CA LYS A 49 10.61 -5.74 -7.40
C LYS A 49 12.03 -5.79 -6.84
N GLU A 50 12.58 -4.66 -6.49
CA GLU A 50 13.96 -4.63 -5.92
C GLU A 50 13.93 -5.21 -4.52
N GLU A 51 12.79 -5.12 -3.87
CA GLU A 51 12.59 -5.64 -2.47
C GLU A 51 12.97 -4.53 -1.47
N GLU A 52 13.86 -3.66 -1.90
CA GLU A 52 14.33 -2.53 -1.05
C GLU A 52 13.22 -1.53 -0.72
N PRO A 53 12.35 -1.23 -1.67
CA PRO A 53 11.28 -0.25 -1.38
C PRO A 53 10.50 -0.69 -0.15
N VAL A 54 10.49 -1.96 0.15
CA VAL A 54 9.80 -2.42 1.38
C VAL A 54 10.73 -2.19 2.55
N LYS A 55 11.99 -2.48 2.38
CA LYS A 55 12.95 -2.25 3.50
C LYS A 55 12.64 -0.90 4.12
N LYS A 56 12.44 0.07 3.28
CA LYS A 56 12.12 1.43 3.80
C LYS A 56 10.70 1.45 4.34
N ILE A 57 9.75 1.19 3.49
CA ILE A 57 8.34 1.21 3.94
C ILE A 57 8.23 0.47 5.27
N MET A 58 8.49 -0.81 5.28
CA MET A 58 8.42 -1.58 6.56
C MET A 58 9.09 -0.77 7.68
N GLU A 59 10.16 -0.09 7.38
CA GLU A 59 10.85 0.72 8.44
C GLU A 59 9.93 1.83 8.96
N LYS A 60 8.81 2.04 8.32
CA LYS A 60 7.87 3.10 8.76
C LYS A 60 6.45 2.55 8.72
N LYS A 61 6.26 1.42 9.33
CA LYS A 61 4.92 0.74 9.36
C LYS A 61 3.74 1.72 9.23
N TYR A 62 3.83 2.89 9.79
CA TYR A 62 2.69 3.84 9.68
C TYR A 62 3.11 5.08 8.90
N HIS A 63 2.77 5.16 7.64
CA HIS A 63 3.16 6.35 6.82
C HIS A 63 1.98 7.31 6.64
N ASN A 64 2.03 8.13 5.63
CA ASN A 64 0.92 9.10 5.39
C ASN A 64 0.63 9.18 3.88
N VAL A 65 -0.60 9.44 3.51
CA VAL A 65 -0.93 9.53 2.05
C VAL A 65 -1.99 10.62 1.83
N GLY A 66 -1.69 11.58 1.00
CA GLY A 66 -2.68 12.66 0.73
C GLY A 66 -3.18 13.22 2.06
N LEU A 67 -4.28 12.72 2.54
CA LEU A 67 -4.83 13.22 3.84
C LEU A 67 -5.17 12.04 4.75
N SER A 68 -4.43 10.97 4.67
CA SER A 68 -4.71 9.79 5.53
C SER A 68 -3.40 9.03 5.82
N LYS A 69 -3.34 8.31 6.89
CA LYS A 69 -2.08 7.57 7.19
C LYS A 69 -2.34 6.06 7.28
N CYS A 70 -2.89 5.48 6.25
CA CYS A 70 -3.14 4.01 6.24
C CYS A 70 -1.99 3.28 6.95
N GLU A 71 -2.22 2.10 7.44
CA GLU A 71 -1.09 1.38 8.11
C GLU A 71 -0.34 0.58 7.07
N ILE A 72 0.76 0.00 7.45
CA ILE A 72 1.53 -0.77 6.44
C ILE A 72 2.24 -1.99 7.05
N LYS A 73 2.05 -3.11 6.44
CA LYS A 73 2.71 -4.38 6.89
C LYS A 73 3.19 -5.09 5.63
N VAL A 74 4.46 -5.05 5.37
CA VAL A 74 4.98 -5.67 4.12
C VAL A 74 4.21 -6.93 3.69
N ALA A 75 4.33 -7.29 2.44
CA ALA A 75 3.63 -8.49 1.91
C ALA A 75 4.52 -9.20 0.90
N LYS A 1 6.66 -6.72 -1.53
CA LYS A 1 5.31 -6.09 -1.65
C LYS A 1 4.88 -5.65 -0.26
N ILE A 2 3.94 -4.78 -0.15
CA ILE A 2 3.51 -4.37 1.20
C ILE A 2 1.98 -4.38 1.30
N PHE A 3 1.44 -4.04 2.44
CA PHE A 3 -0.06 -4.02 2.58
C PHE A 3 -0.51 -2.74 3.29
N VAL A 4 -1.48 -2.06 2.72
CA VAL A 4 -1.97 -0.82 3.37
C VAL A 4 -3.30 -1.09 4.07
N GLY A 5 -3.35 -0.82 5.35
CA GLY A 5 -4.62 -1.05 6.10
C GLY A 5 -5.37 0.28 6.18
N GLY A 6 -5.35 0.99 5.10
CA GLY A 6 -6.05 2.30 5.04
C GLY A 6 -7.13 2.25 3.95
N LEU A 7 -7.03 1.26 3.08
CA LEU A 7 -8.02 1.04 1.95
C LEU A 7 -9.12 2.09 1.87
N SER A 8 -8.74 3.30 1.78
CA SER A 8 -9.73 4.41 1.68
C SER A 8 -10.84 4.03 0.68
N PRO A 9 -11.87 4.84 0.63
CA PRO A 9 -13.00 4.58 -0.30
C PRO A 9 -12.53 4.58 -1.76
N ASP A 10 -11.32 5.01 -2.01
CA ASP A 10 -10.81 5.03 -3.41
C ASP A 10 -9.36 4.55 -3.46
N THR A 11 -9.15 3.27 -3.67
CA THR A 11 -7.75 2.73 -3.74
C THR A 11 -6.84 3.71 -4.48
N PRO A 12 -6.12 4.52 -3.73
CA PRO A 12 -5.20 5.52 -4.32
C PRO A 12 -3.97 4.86 -4.93
N GLU A 13 -3.93 4.76 -6.24
CA GLU A 13 -2.77 4.16 -6.97
C GLU A 13 -1.80 5.24 -7.39
N GLU A 14 -2.23 6.08 -8.29
CA GLU A 14 -1.32 7.12 -8.78
C GLU A 14 -0.71 7.83 -7.59
N LYS A 15 -1.52 8.18 -6.63
CA LYS A 15 -0.98 8.84 -5.41
C LYS A 15 -0.13 7.79 -4.67
N ILE A 16 -0.47 6.55 -4.89
CA ILE A 16 0.30 5.43 -4.27
C ILE A 16 1.71 5.41 -4.85
N ARG A 17 1.80 5.27 -6.15
CA ARG A 17 3.14 5.25 -6.78
C ARG A 17 3.91 6.50 -6.36
N GLU A 18 3.21 7.59 -6.18
CA GLU A 18 3.90 8.84 -5.75
C GLU A 18 4.57 8.61 -4.41
N TYR A 19 3.93 7.95 -3.52
CA TYR A 19 4.60 7.72 -2.23
C TYR A 19 5.36 6.41 -2.27
N PHE A 20 4.66 5.31 -2.30
CA PHE A 20 5.34 4.00 -2.36
C PHE A 20 6.31 3.99 -3.54
N GLY A 21 5.81 4.29 -4.71
CA GLY A 21 6.72 4.32 -5.89
C GLY A 21 7.85 5.30 -5.55
N GLY A 22 7.60 6.17 -4.62
CA GLY A 22 8.64 7.15 -4.20
C GLY A 22 9.75 6.41 -3.45
N PHE A 23 9.40 5.54 -2.54
CA PHE A 23 10.46 4.80 -1.80
C PHE A 23 11.35 4.08 -2.82
N GLY A 24 10.74 3.57 -3.84
CA GLY A 24 11.49 2.85 -4.90
C GLY A 24 10.52 2.52 -6.03
N GLU A 25 10.95 2.61 -7.25
CA GLU A 25 10.01 2.32 -8.38
C GLU A 25 9.17 1.09 -8.05
N VAL A 26 7.94 1.10 -8.43
CA VAL A 26 7.05 -0.04 -8.14
C VAL A 26 6.85 -0.91 -9.38
N GLU A 27 6.61 -2.16 -9.18
CA GLU A 27 6.35 -3.05 -10.34
C GLU A 27 4.85 -2.96 -10.58
N SER A 28 4.07 -3.35 -9.62
CA SER A 28 2.60 -3.23 -9.76
C SER A 28 2.03 -3.11 -8.35
N ILE A 29 0.84 -2.64 -8.20
CA ILE A 29 0.28 -2.54 -6.83
C ILE A 29 -0.78 -3.62 -6.63
N GLU A 30 -1.51 -3.51 -5.57
CA GLU A 30 -2.57 -4.52 -5.31
C GLU A 30 -3.70 -3.89 -4.51
N LEU A 31 -4.91 -4.06 -4.93
CA LEU A 31 -6.04 -3.46 -4.18
C LEU A 31 -6.72 -4.53 -3.35
N PRO A 32 -7.71 -4.13 -2.58
CA PRO A 32 -8.37 -5.10 -1.72
C PRO A 32 -9.15 -6.12 -2.56
N MET A 33 -9.57 -7.20 -1.95
CA MET A 33 -10.33 -8.23 -2.72
C MET A 33 -11.83 -7.96 -2.62
N ASP A 34 -12.22 -6.73 -2.41
CA ASP A 34 -13.68 -6.42 -2.31
C ASP A 34 -14.38 -7.47 -1.45
N ASN A 35 -15.61 -7.79 -1.78
CA ASN A 35 -16.35 -8.81 -0.98
C ASN A 35 -16.09 -8.59 0.52
N LYS A 36 -16.94 -7.85 1.17
CA LYS A 36 -16.74 -7.61 2.63
C LYS A 36 -18.03 -7.90 3.38
N THR A 37 -18.67 -8.98 3.06
CA THR A 37 -19.93 -9.34 3.75
C THR A 37 -19.78 -10.72 4.41
N ASN A 38 -18.64 -10.96 4.98
CA ASN A 38 -18.40 -12.26 5.65
C ASN A 38 -17.41 -12.09 6.80
N LYS A 39 -16.39 -11.30 6.60
CA LYS A 39 -15.39 -11.08 7.69
C LYS A 39 -14.78 -9.68 7.57
N ARG A 40 -13.81 -9.37 8.38
CA ARG A 40 -13.18 -8.02 8.32
C ARG A 40 -12.00 -8.04 7.34
N ARG A 41 -12.19 -7.57 6.15
CA ARG A 41 -11.07 -7.56 5.16
C ARG A 41 -11.38 -6.60 4.00
N GLY A 42 -10.45 -5.76 3.66
CA GLY A 42 -10.68 -4.79 2.54
C GLY A 42 -9.46 -3.87 2.43
N PHE A 43 -8.29 -4.40 2.65
CA PHE A 43 -7.04 -3.56 2.56
C PHE A 43 -6.50 -3.55 1.13
N CYS A 44 -5.49 -2.77 0.89
CA CYS A 44 -4.90 -2.72 -0.49
C CYS A 44 -3.38 -2.97 -0.42
N PHE A 45 -2.87 -4.00 -1.05
CA PHE A 45 -1.39 -4.22 -0.99
C PHE A 45 -0.70 -3.53 -2.18
N ILE A 46 0.55 -3.82 -2.37
CA ILE A 46 1.31 -3.23 -3.49
C ILE A 46 2.59 -4.06 -3.67
N THR A 47 2.97 -4.44 -4.87
CA THR A 47 4.20 -5.26 -4.98
C THR A 47 5.30 -4.44 -5.63
N PHE A 48 6.49 -4.61 -5.16
CA PHE A 48 7.61 -3.82 -5.75
C PHE A 48 8.39 -4.64 -6.79
N LYS A 49 9.70 -4.53 -6.82
CA LYS A 49 10.48 -5.28 -7.84
C LYS A 49 11.59 -6.12 -7.18
N GLU A 50 12.43 -5.51 -6.40
CA GLU A 50 13.54 -6.28 -5.76
C GLU A 50 13.16 -6.67 -4.33
N GLU A 51 13.06 -5.70 -3.45
CA GLU A 51 12.69 -5.98 -2.02
C GLU A 51 13.09 -4.77 -1.15
N GLU A 52 14.09 -4.05 -1.59
CA GLU A 52 14.59 -2.86 -0.83
C GLU A 52 13.47 -1.82 -0.60
N PRO A 53 12.67 -1.53 -1.60
CA PRO A 53 11.61 -0.51 -1.41
C PRO A 53 10.77 -0.82 -0.18
N VAL A 54 10.58 -2.07 0.14
CA VAL A 54 9.80 -2.38 1.38
C VAL A 54 10.69 -2.16 2.58
N LYS A 55 11.96 -2.44 2.43
CA LYS A 55 12.89 -2.24 3.57
C LYS A 55 12.60 -0.89 4.19
N LYS A 56 12.50 0.10 3.36
CA LYS A 56 12.21 1.46 3.87
C LYS A 56 10.79 1.53 4.37
N ILE A 57 9.86 1.32 3.47
CA ILE A 57 8.44 1.39 3.88
C ILE A 57 8.23 0.64 5.19
N MET A 58 8.42 -0.65 5.18
CA MET A 58 8.26 -1.44 6.43
C MET A 58 8.86 -0.70 7.63
N GLU A 59 10.02 -0.11 7.45
CA GLU A 59 10.65 0.64 8.59
C GLU A 59 9.71 1.73 9.11
N LYS A 60 8.70 2.06 8.36
CA LYS A 60 7.74 3.11 8.81
C LYS A 60 6.31 2.61 8.63
N LYS A 61 6.06 1.43 9.10
CA LYS A 61 4.71 0.79 8.99
C LYS A 61 3.56 1.82 8.92
N TYR A 62 3.67 2.92 9.62
CA TYR A 62 2.57 3.92 9.56
C TYR A 62 3.03 5.19 8.85
N HIS A 63 2.76 5.33 7.58
CA HIS A 63 3.20 6.55 6.85
C HIS A 63 2.01 7.50 6.63
N ASN A 64 2.06 8.26 5.56
CA ASN A 64 0.95 9.22 5.27
C ASN A 64 0.50 9.04 3.81
N VAL A 65 -0.78 9.12 3.55
CA VAL A 65 -1.26 8.94 2.14
C VAL A 65 -2.54 9.75 1.90
N GLY A 66 -2.50 10.69 0.99
CA GLY A 66 -3.71 11.50 0.69
C GLY A 66 -4.45 11.85 1.98
N LEU A 67 -3.96 12.79 2.75
CA LEU A 67 -4.66 13.18 4.00
C LEU A 67 -5.08 11.94 4.80
N SER A 68 -4.43 10.83 4.58
CA SER A 68 -4.79 9.59 5.34
C SER A 68 -3.53 8.80 5.64
N LYS A 69 -3.27 8.55 6.90
CA LYS A 69 -2.03 7.80 7.25
C LYS A 69 -2.29 6.28 7.26
N CYS A 70 -2.84 5.76 6.19
CA CYS A 70 -3.10 4.29 6.11
C CYS A 70 -1.93 3.54 6.75
N GLU A 71 -2.15 2.35 7.24
CA GLU A 71 -1.01 1.60 7.84
C GLU A 71 -0.30 0.83 6.75
N ILE A 72 0.85 0.30 7.04
CA ILE A 72 1.59 -0.42 5.98
C ILE A 72 2.32 -1.66 6.52
N LYS A 73 1.69 -2.80 6.42
CA LYS A 73 2.34 -4.07 6.87
C LYS A 73 2.91 -4.74 5.63
N VAL A 74 4.20 -4.78 5.48
CA VAL A 74 4.77 -5.39 4.24
C VAL A 74 3.99 -6.64 3.80
N ALA A 75 4.21 -7.07 2.59
CA ALA A 75 3.49 -8.27 2.07
C ALA A 75 4.37 -9.02 1.07
N LYS A 1 6.75 -6.35 -1.63
CA LYS A 1 5.42 -5.70 -1.80
C LYS A 1 5.00 -5.19 -0.43
N ILE A 2 4.13 -4.25 -0.35
CA ILE A 2 3.73 -3.77 0.97
C ILE A 2 2.20 -3.83 1.11
N PHE A 3 1.69 -3.78 2.31
CA PHE A 3 0.22 -3.86 2.49
C PHE A 3 -0.27 -2.70 3.34
N VAL A 4 -1.36 -2.07 2.93
CA VAL A 4 -1.91 -0.93 3.71
C VAL A 4 -3.21 -1.30 4.39
N GLY A 5 -3.37 -0.89 5.62
CA GLY A 5 -4.64 -1.17 6.34
C GLY A 5 -5.42 0.13 6.44
N GLY A 6 -5.49 0.82 5.33
CA GLY A 6 -6.21 2.12 5.30
C GLY A 6 -7.44 1.98 4.41
N LEU A 7 -7.47 0.94 3.60
CA LEU A 7 -8.63 0.67 2.68
C LEU A 7 -9.45 1.91 2.39
N SER A 8 -8.79 3.00 2.12
CA SER A 8 -9.51 4.26 1.82
C SER A 8 -10.61 3.97 0.78
N PRO A 9 -11.39 4.98 0.47
CA PRO A 9 -12.49 4.80 -0.52
C PRO A 9 -11.94 4.32 -1.87
N ASP A 10 -10.79 4.78 -2.25
CA ASP A 10 -10.21 4.35 -3.55
C ASP A 10 -8.68 4.38 -3.50
N THR A 11 -8.05 3.25 -3.29
CA THR A 11 -6.56 3.24 -3.23
C THR A 11 -5.98 4.13 -4.36
N PRO A 12 -5.56 5.32 -3.99
CA PRO A 12 -5.02 6.29 -4.98
C PRO A 12 -3.74 5.78 -5.65
N GLU A 13 -3.82 4.72 -6.39
CA GLU A 13 -2.62 4.15 -7.09
C GLU A 13 -1.69 5.24 -7.57
N GLU A 14 -2.10 5.97 -8.56
CA GLU A 14 -1.19 7.00 -9.11
C GLU A 14 -0.56 7.78 -7.97
N LYS A 15 -1.33 8.09 -6.97
CA LYS A 15 -0.76 8.81 -5.79
C LYS A 15 0.03 7.79 -4.96
N ILE A 16 -0.41 6.56 -5.02
CA ILE A 16 0.29 5.48 -4.28
C ILE A 16 1.71 5.35 -4.85
N ARG A 17 1.81 5.22 -6.13
CA ARG A 17 3.14 5.12 -6.78
C ARG A 17 3.98 6.34 -6.39
N GLU A 18 3.35 7.48 -6.32
CA GLU A 18 4.11 8.71 -5.92
C GLU A 18 4.77 8.49 -4.59
N TYR A 19 4.11 7.85 -3.68
CA TYR A 19 4.77 7.64 -2.38
C TYR A 19 5.52 6.31 -2.38
N PHE A 20 4.79 5.23 -2.38
CA PHE A 20 5.45 3.90 -2.37
C PHE A 20 6.36 3.78 -3.58
N GLY A 21 5.84 4.02 -4.75
CA GLY A 21 6.70 3.95 -5.96
C GLY A 21 7.92 4.84 -5.70
N GLY A 22 7.78 5.78 -4.81
CA GLY A 22 8.91 6.69 -4.48
C GLY A 22 9.98 5.88 -3.73
N PHE A 23 9.60 5.10 -2.75
CA PHE A 23 10.62 4.30 -2.02
C PHE A 23 11.37 3.42 -3.03
N GLY A 24 10.71 3.09 -4.10
CA GLY A 24 11.34 2.25 -5.15
C GLY A 24 10.32 2.06 -6.27
N GLU A 25 10.71 2.23 -7.50
CA GLU A 25 9.74 2.06 -8.61
C GLU A 25 8.85 0.86 -8.34
N VAL A 26 7.60 0.97 -8.68
CA VAL A 26 6.66 -0.15 -8.43
C VAL A 26 6.49 -1.01 -9.67
N GLU A 27 6.31 -2.29 -9.48
CA GLU A 27 6.08 -3.17 -10.65
C GLU A 27 4.57 -3.15 -10.87
N SER A 28 3.84 -3.45 -9.83
CA SER A 28 2.36 -3.40 -9.93
C SER A 28 1.83 -3.14 -8.52
N ILE A 29 0.58 -2.82 -8.38
CA ILE A 29 0.08 -2.59 -7.01
C ILE A 29 -0.92 -3.68 -6.64
N GLU A 30 -1.63 -3.48 -5.58
CA GLU A 30 -2.61 -4.49 -5.13
C GLU A 30 -3.73 -3.77 -4.37
N LEU A 31 -4.95 -3.94 -4.75
CA LEU A 31 -6.03 -3.21 -4.01
C LEU A 31 -6.83 -4.19 -3.17
N PRO A 32 -7.73 -3.66 -2.40
CA PRO A 32 -8.53 -4.52 -1.52
C PRO A 32 -9.54 -5.34 -2.32
N MET A 33 -9.08 -6.25 -3.13
CA MET A 33 -10.02 -7.08 -3.93
C MET A 33 -9.56 -8.54 -3.94
N ASP A 34 -8.87 -8.95 -2.90
CA ASP A 34 -8.40 -10.37 -2.84
C ASP A 34 -8.24 -10.81 -1.39
N ASN A 35 -9.12 -10.37 -0.54
CA ASN A 35 -9.04 -10.77 0.89
C ASN A 35 -9.69 -12.13 1.08
N LYS A 36 -10.94 -12.24 0.71
CA LYS A 36 -11.65 -13.54 0.84
C LYS A 36 -11.90 -13.85 2.32
N THR A 37 -12.50 -12.94 3.02
CA THR A 37 -12.78 -13.15 4.47
C THR A 37 -14.26 -13.29 4.69
N ASN A 38 -14.90 -12.19 4.82
CA ASN A 38 -16.37 -12.17 5.05
C ASN A 38 -17.00 -10.96 4.35
N LYS A 39 -17.38 -9.94 5.08
CA LYS A 39 -18.00 -8.76 4.43
C LYS A 39 -17.10 -7.53 4.60
N ARG A 40 -17.54 -6.38 4.14
CA ARG A 40 -16.71 -5.16 4.28
C ARG A 40 -15.39 -5.32 3.53
N ARG A 41 -15.03 -4.38 2.71
CA ARG A 41 -13.75 -4.49 1.95
C ARG A 41 -12.61 -4.88 2.89
N GLY A 42 -11.45 -5.18 2.35
CA GLY A 42 -10.30 -5.57 3.21
C GLY A 42 -9.25 -4.46 3.16
N PHE A 43 -8.01 -4.82 2.93
CA PHE A 43 -6.91 -3.79 2.88
C PHE A 43 -6.42 -3.63 1.44
N CYS A 44 -5.45 -2.78 1.22
CA CYS A 44 -4.93 -2.57 -0.18
C CYS A 44 -3.41 -2.78 -0.19
N PHE A 45 -2.89 -3.72 -0.92
CA PHE A 45 -1.40 -3.93 -0.95
C PHE A 45 -0.77 -3.21 -2.15
N ILE A 46 0.45 -3.55 -2.44
CA ILE A 46 1.19 -2.96 -3.60
C ILE A 46 2.48 -3.78 -3.79
N THR A 47 2.83 -4.15 -4.99
CA THR A 47 4.09 -4.95 -5.13
C THR A 47 5.14 -4.14 -5.86
N PHE A 48 6.37 -4.27 -5.49
CA PHE A 48 7.41 -3.47 -6.20
C PHE A 48 8.30 -4.37 -7.08
N LYS A 49 9.59 -4.20 -7.03
CA LYS A 49 10.48 -5.03 -7.90
C LYS A 49 11.62 -5.74 -7.12
N GLU A 50 12.59 -4.99 -6.63
CA GLU A 50 13.75 -5.63 -5.90
C GLU A 50 13.40 -6.16 -4.50
N GLU A 51 13.35 -5.30 -3.50
CA GLU A 51 13.05 -5.75 -2.10
C GLU A 51 13.51 -4.65 -1.11
N GLU A 52 14.49 -3.87 -1.52
CA GLU A 52 15.05 -2.79 -0.64
C GLU A 52 13.98 -1.79 -0.17
N PRO A 53 13.27 -1.19 -1.10
CA PRO A 53 12.24 -0.19 -0.73
C PRO A 53 11.30 -0.76 0.32
N VAL A 54 10.90 -2.01 0.21
CA VAL A 54 10.02 -2.56 1.27
C VAL A 54 10.72 -2.38 2.61
N LYS A 55 11.97 -2.73 2.66
CA LYS A 55 12.74 -2.55 3.92
C LYS A 55 12.43 -1.17 4.46
N LYS A 56 12.40 -0.21 3.58
CA LYS A 56 12.13 1.18 4.01
C LYS A 56 10.68 1.30 4.43
N ILE A 57 9.79 1.08 3.52
CA ILE A 57 8.34 1.18 3.84
C ILE A 57 8.07 0.46 5.16
N MET A 58 8.27 -0.83 5.17
CA MET A 58 8.05 -1.60 6.42
C MET A 58 8.64 -0.84 7.63
N GLU A 59 9.75 -0.19 7.45
CA GLU A 59 10.36 0.56 8.58
C GLU A 59 9.45 1.70 9.03
N LYS A 60 8.40 1.97 8.31
CA LYS A 60 7.46 3.06 8.70
C LYS A 60 6.03 2.56 8.60
N LYS A 61 5.79 1.39 9.15
CA LYS A 61 4.43 0.76 9.12
C LYS A 61 3.30 1.80 9.07
N TYR A 62 3.45 2.94 9.68
CA TYR A 62 2.33 3.93 9.65
C TYR A 62 2.77 5.21 8.93
N HIS A 63 2.63 5.27 7.63
CA HIS A 63 3.03 6.50 6.89
C HIS A 63 1.83 7.43 6.72
N ASN A 64 1.76 8.12 5.60
CA ASN A 64 0.62 9.04 5.35
C ASN A 64 0.24 8.99 3.86
N VAL A 65 -1.02 8.90 3.54
CA VAL A 65 -1.42 8.84 2.11
C VAL A 65 -2.77 9.52 1.88
N GLY A 66 -2.86 10.35 0.88
CA GLY A 66 -4.14 11.06 0.57
C GLY A 66 -4.79 11.54 1.87
N LEU A 67 -4.14 12.41 2.59
CA LEU A 67 -4.74 12.93 3.86
C LEU A 67 -5.18 11.76 4.75
N SER A 68 -4.59 10.62 4.60
CA SER A 68 -4.97 9.45 5.45
C SER A 68 -3.71 8.71 5.88
N LYS A 69 -3.57 8.47 7.17
CA LYS A 69 -2.34 7.75 7.62
C LYS A 69 -2.57 6.24 7.63
N CYS A 70 -3.16 5.73 6.59
CA CYS A 70 -3.41 4.25 6.50
C CYS A 70 -2.21 3.51 7.10
N GLU A 71 -2.38 2.30 7.53
CA GLU A 71 -1.21 1.56 8.09
C GLU A 71 -0.49 0.88 6.95
N ILE A 72 0.65 0.33 7.22
CA ILE A 72 1.41 -0.29 6.12
C ILE A 72 2.25 -1.48 6.61
N LYS A 73 1.71 -2.66 6.55
CA LYS A 73 2.49 -3.85 6.94
C LYS A 73 2.99 -4.49 5.65
N VAL A 74 4.28 -4.48 5.43
CA VAL A 74 4.82 -5.03 4.15
C VAL A 74 4.04 -6.26 3.68
N ALA A 75 4.18 -6.59 2.42
CA ALA A 75 3.44 -7.76 1.86
C ALA A 75 4.36 -8.55 0.92
N LYS A 1 6.61 -6.51 -1.62
CA LYS A 1 5.28 -5.86 -1.81
C LYS A 1 4.82 -5.37 -0.45
N ILE A 2 3.93 -4.44 -0.39
CA ILE A 2 3.49 -3.97 0.95
C ILE A 2 1.96 -4.10 1.10
N PHE A 3 1.44 -3.88 2.27
CA PHE A 3 -0.03 -3.99 2.47
C PHE A 3 -0.54 -2.86 3.38
N VAL A 4 -1.48 -2.09 2.91
CA VAL A 4 -2.02 -0.97 3.73
C VAL A 4 -3.29 -1.38 4.47
N GLY A 5 -3.21 -1.54 5.77
CA GLY A 5 -4.40 -1.92 6.57
C GLY A 5 -5.34 -0.73 6.66
N GLY A 6 -4.77 0.43 6.66
CA GLY A 6 -5.55 1.68 6.72
C GLY A 6 -5.70 2.20 5.29
N LEU A 7 -5.70 1.28 4.37
CA LEU A 7 -5.83 1.63 2.93
C LEU A 7 -6.81 2.79 2.72
N SER A 8 -6.87 3.28 1.52
CA SER A 8 -7.82 4.39 1.20
C SER A 8 -9.14 3.83 0.68
N PRO A 9 -10.13 4.67 0.58
CA PRO A 9 -11.45 4.25 0.06
C PRO A 9 -11.28 3.79 -1.38
N ASP A 10 -10.33 4.36 -2.07
CA ASP A 10 -10.06 3.99 -3.48
C ASP A 10 -8.56 4.11 -3.76
N THR A 11 -7.79 3.17 -3.29
CA THR A 11 -6.32 3.22 -3.48
C THR A 11 -5.96 3.79 -4.87
N PRO A 12 -5.67 5.07 -4.90
CA PRO A 12 -5.32 5.76 -6.17
C PRO A 12 -3.93 5.33 -6.66
N GLU A 13 -3.85 4.22 -7.35
CA GLU A 13 -2.52 3.73 -7.86
C GLU A 13 -1.64 4.88 -8.28
N GLU A 14 -2.05 5.61 -9.27
CA GLU A 14 -1.18 6.71 -9.73
C GLU A 14 -0.70 7.51 -8.54
N LYS A 15 -1.58 7.80 -7.63
CA LYS A 15 -1.16 8.54 -6.41
C LYS A 15 -0.41 7.56 -5.49
N ILE A 16 -0.73 6.30 -5.61
CA ILE A 16 -0.05 5.29 -4.78
C ILE A 16 1.42 5.26 -5.19
N ARG A 17 1.66 5.13 -6.47
CA ARG A 17 3.06 5.13 -6.98
C ARG A 17 3.76 6.39 -6.48
N GLU A 18 3.06 7.49 -6.45
CA GLU A 18 3.69 8.75 -5.95
C GLU A 18 4.22 8.54 -4.57
N TYR A 19 3.51 7.87 -3.73
CA TYR A 19 4.05 7.67 -2.37
C TYR A 19 4.86 6.39 -2.32
N PHE A 20 4.20 5.27 -2.41
CA PHE A 20 4.92 3.98 -2.36
C PHE A 20 5.95 3.93 -3.48
N GLY A 21 5.53 4.16 -4.69
CA GLY A 21 6.51 4.16 -5.81
C GLY A 21 7.64 5.12 -5.41
N GLY A 22 7.32 6.06 -4.56
CA GLY A 22 8.35 7.02 -4.09
C GLY A 22 9.42 6.24 -3.33
N PHE A 23 9.02 5.34 -2.46
CA PHE A 23 10.04 4.54 -1.73
C PHE A 23 10.91 3.80 -2.73
N GLY A 24 10.33 3.43 -3.83
CA GLY A 24 11.08 2.71 -4.89
C GLY A 24 10.13 2.47 -6.06
N GLU A 25 10.58 2.62 -7.28
CA GLU A 25 9.67 2.40 -8.44
C GLU A 25 8.80 1.17 -8.19
N VAL A 26 7.57 1.23 -8.60
CA VAL A 26 6.64 0.09 -8.38
C VAL A 26 6.50 -0.74 -9.65
N GLU A 27 6.33 -2.02 -9.49
CA GLU A 27 6.11 -2.88 -10.68
C GLU A 27 4.60 -2.89 -10.90
N SER A 28 3.86 -3.26 -9.89
CA SER A 28 2.39 -3.22 -9.99
C SER A 28 1.84 -3.06 -8.58
N ILE A 29 0.62 -2.65 -8.42
CA ILE A 29 0.11 -2.51 -7.05
C ILE A 29 -1.01 -3.50 -6.79
N GLU A 30 -1.67 -3.37 -5.69
CA GLU A 30 -2.78 -4.30 -5.36
C GLU A 30 -3.82 -3.60 -4.50
N LEU A 31 -5.07 -3.84 -4.76
CA LEU A 31 -6.12 -3.17 -3.93
C LEU A 31 -6.83 -4.19 -3.07
N PRO A 32 -7.67 -3.71 -2.18
CA PRO A 32 -8.38 -4.63 -1.30
C PRO A 32 -9.03 -5.76 -2.10
N MET A 33 -10.15 -5.51 -2.70
CA MET A 33 -10.82 -6.59 -3.49
C MET A 33 -12.00 -6.02 -4.28
N ASP A 34 -13.06 -5.65 -3.61
CA ASP A 34 -14.24 -5.09 -4.32
C ASP A 34 -15.32 -4.69 -3.32
N ASN A 35 -16.32 -3.98 -3.75
CA ASN A 35 -17.40 -3.55 -2.80
C ASN A 35 -16.77 -3.00 -1.52
N LYS A 36 -16.36 -1.77 -1.53
CA LYS A 36 -15.74 -1.18 -0.31
C LYS A 36 -16.40 0.16 0.01
N THR A 37 -17.71 0.21 -0.06
CA THR A 37 -18.44 1.47 0.23
C THR A 37 -19.58 1.20 1.22
N ASN A 38 -19.30 0.44 2.24
CA ASN A 38 -20.36 0.13 3.24
C ASN A 38 -19.71 -0.11 4.62
N LYS A 39 -19.54 -1.33 5.03
CA LYS A 39 -18.92 -1.61 6.35
C LYS A 39 -17.79 -2.63 6.22
N ARG A 40 -17.19 -3.03 7.31
CA ARG A 40 -16.09 -4.03 7.23
C ARG A 40 -15.12 -3.67 6.12
N ARG A 41 -14.23 -2.74 6.35
CA ARG A 41 -13.26 -2.34 5.29
C ARG A 41 -12.04 -3.27 5.32
N GLY A 42 -11.32 -3.35 4.23
CA GLY A 42 -10.13 -4.24 4.20
C GLY A 42 -8.86 -3.39 4.04
N PHE A 43 -8.07 -3.68 3.05
CA PHE A 43 -6.80 -2.90 2.84
C PHE A 43 -6.40 -2.90 1.37
N CYS A 44 -5.20 -2.50 1.08
CA CYS A 44 -4.74 -2.48 -0.33
C CYS A 44 -3.23 -2.80 -0.35
N PHE A 45 -2.80 -3.76 -1.12
CA PHE A 45 -1.33 -4.06 -1.13
C PHE A 45 -0.68 -3.39 -2.33
N ILE A 46 0.56 -3.67 -2.55
CA ILE A 46 1.28 -3.09 -3.71
C ILE A 46 2.55 -3.91 -3.91
N THR A 47 2.87 -4.33 -5.10
CA THR A 47 4.12 -5.13 -5.25
C THR A 47 5.16 -4.30 -5.94
N PHE A 48 6.36 -4.40 -5.50
CA PHE A 48 7.42 -3.57 -6.17
C PHE A 48 8.32 -4.46 -7.04
N LYS A 49 9.62 -4.35 -6.92
CA LYS A 49 10.51 -5.18 -7.79
C LYS A 49 11.64 -5.86 -6.99
N GLU A 50 12.55 -5.09 -6.42
CA GLU A 50 13.71 -5.70 -5.69
C GLU A 50 13.34 -6.23 -4.29
N GLU A 51 13.26 -5.35 -3.30
CA GLU A 51 12.95 -5.79 -1.89
C GLU A 51 13.35 -4.64 -0.92
N GLU A 52 14.29 -3.83 -1.34
CA GLU A 52 14.80 -2.71 -0.50
C GLU A 52 13.69 -1.75 -0.02
N PRO A 53 13.02 -1.11 -0.94
CA PRO A 53 11.96 -0.15 -0.58
C PRO A 53 11.03 -0.75 0.47
N VAL A 54 10.69 -2.00 0.36
CA VAL A 54 9.82 -2.61 1.41
C VAL A 54 10.52 -2.44 2.74
N LYS A 55 11.78 -2.77 2.79
CA LYS A 55 12.53 -2.61 4.06
C LYS A 55 12.22 -1.25 4.63
N LYS A 56 12.15 -0.26 3.77
CA LYS A 56 11.86 1.10 4.24
C LYS A 56 10.40 1.20 4.66
N ILE A 57 9.53 1.02 3.73
CA ILE A 57 8.08 1.10 4.04
C ILE A 57 7.81 0.31 5.33
N MET A 58 8.00 -0.98 5.29
CA MET A 58 7.77 -1.80 6.52
C MET A 58 8.36 -1.08 7.74
N GLU A 59 9.51 -0.48 7.60
CA GLU A 59 10.14 0.23 8.75
C GLU A 59 9.23 1.37 9.24
N LYS A 60 8.27 1.76 8.46
CA LYS A 60 7.35 2.86 8.89
C LYS A 60 5.90 2.50 8.52
N LYS A 61 5.51 1.30 8.82
CA LYS A 61 4.12 0.83 8.50
C LYS A 61 3.10 1.96 8.51
N TYR A 62 3.25 2.94 9.35
CA TYR A 62 2.24 4.04 9.39
C TYR A 62 2.75 5.25 8.59
N HIS A 63 2.54 5.27 7.30
CA HIS A 63 3.03 6.43 6.48
C HIS A 63 1.96 7.51 6.41
N ASN A 64 1.92 8.24 5.32
CA ASN A 64 0.90 9.31 5.16
C ASN A 64 0.40 9.32 3.71
N VAL A 65 -0.89 9.32 3.51
CA VAL A 65 -1.43 9.31 2.12
C VAL A 65 -2.79 10.01 2.06
N GLY A 66 -2.93 10.95 1.16
CA GLY A 66 -4.23 11.67 1.02
C GLY A 66 -4.79 12.00 2.41
N LEU A 67 -4.16 12.89 3.12
CA LEU A 67 -4.66 13.25 4.48
C LEU A 67 -5.04 11.98 5.26
N SER A 68 -4.44 10.87 4.92
CA SER A 68 -4.75 9.60 5.65
C SER A 68 -3.47 8.82 5.89
N LYS A 69 -3.12 8.57 7.12
CA LYS A 69 -1.85 7.83 7.39
C LYS A 69 -2.11 6.32 7.45
N CYS A 70 -2.88 5.82 6.52
CA CYS A 70 -3.19 4.35 6.46
C CYS A 70 -2.03 3.54 7.05
N GLU A 71 -2.31 2.42 7.66
CA GLU A 71 -1.17 1.62 8.20
C GLU A 71 -0.66 0.74 7.09
N ILE A 72 0.52 0.24 7.22
CA ILE A 72 1.07 -0.57 6.11
C ILE A 72 1.98 -1.71 6.60
N LYS A 73 1.48 -2.91 6.56
CA LYS A 73 2.31 -4.08 6.94
C LYS A 73 2.82 -4.69 5.63
N VAL A 74 4.11 -4.67 5.41
CA VAL A 74 4.64 -5.20 4.12
C VAL A 74 3.88 -6.44 3.65
N ALA A 75 4.03 -6.77 2.39
CA ALA A 75 3.30 -7.95 1.84
C ALA A 75 4.23 -8.77 0.93
N LYS A 1 6.73 -6.74 -1.53
CA LYS A 1 5.42 -6.02 -1.67
C LYS A 1 4.99 -5.57 -0.28
N ILE A 2 4.11 -4.62 -0.19
CA ILE A 2 3.67 -4.19 1.16
C ILE A 2 2.14 -4.23 1.26
N PHE A 3 1.62 -4.15 2.45
CA PHE A 3 0.14 -4.17 2.61
C PHE A 3 -0.31 -2.98 3.46
N VAL A 4 -1.39 -2.36 3.08
CA VAL A 4 -1.88 -1.20 3.88
C VAL A 4 -3.22 -1.53 4.53
N GLY A 5 -3.32 -1.27 5.81
CA GLY A 5 -4.61 -1.55 6.51
C GLY A 5 -5.37 -0.24 6.66
N GLY A 6 -5.38 0.53 5.62
CA GLY A 6 -6.10 1.83 5.62
C GLY A 6 -7.12 1.84 4.48
N LEU A 7 -7.07 0.84 3.64
CA LEU A 7 -8.02 0.69 2.49
C LEU A 7 -8.82 1.96 2.21
N SER A 8 -8.16 3.05 1.95
CA SER A 8 -8.89 4.32 1.64
C SER A 8 -10.06 4.01 0.69
N PRO A 9 -10.97 4.94 0.57
CA PRO A 9 -12.14 4.73 -0.30
C PRO A 9 -11.70 4.35 -1.72
N ASP A 10 -10.57 4.83 -2.16
CA ASP A 10 -10.10 4.48 -3.53
C ASP A 10 -8.57 4.50 -3.60
N THR A 11 -7.93 3.41 -3.24
CA THR A 11 -6.44 3.36 -3.29
C THR A 11 -5.93 4.08 -4.55
N PRO A 12 -5.52 5.31 -4.37
CA PRO A 12 -5.03 6.15 -5.51
C PRO A 12 -3.72 5.62 -6.09
N GLU A 13 -3.76 4.52 -6.79
CA GLU A 13 -2.51 3.95 -7.40
C GLU A 13 -1.58 5.04 -7.89
N GLU A 14 -1.98 5.74 -8.90
CA GLU A 14 -1.08 6.76 -9.45
C GLU A 14 -0.50 7.59 -8.32
N LYS A 15 -1.33 7.96 -7.38
CA LYS A 15 -0.83 8.72 -6.21
C LYS A 15 -0.06 7.75 -5.31
N ILE A 16 -0.42 6.51 -5.37
CA ILE A 16 0.28 5.48 -4.57
C ILE A 16 1.73 5.40 -5.07
N ARG A 17 1.89 5.19 -6.35
CA ARG A 17 3.26 5.14 -6.92
C ARG A 17 4.02 6.39 -6.48
N GLU A 18 3.34 7.51 -6.44
CA GLU A 18 4.02 8.76 -5.99
C GLU A 18 4.61 8.54 -4.62
N TYR A 19 3.91 7.88 -3.76
CA TYR A 19 4.50 7.66 -2.43
C TYR A 19 5.28 6.35 -2.41
N PHE A 20 4.57 5.25 -2.44
CA PHE A 20 5.27 3.95 -2.42
C PHE A 20 6.28 3.90 -3.56
N GLY A 21 5.83 4.15 -4.77
CA GLY A 21 6.77 4.17 -5.90
C GLY A 21 7.89 5.14 -5.55
N GLY A 22 7.59 6.06 -4.67
CA GLY A 22 8.62 7.04 -4.24
C GLY A 22 9.72 6.30 -3.48
N PHE A 23 9.35 5.42 -2.59
CA PHE A 23 10.38 4.66 -1.84
C PHE A 23 11.26 3.91 -2.83
N GLY A 24 10.67 3.43 -3.87
CA GLY A 24 11.42 2.68 -4.91
C GLY A 24 10.45 2.37 -6.05
N GLU A 25 10.90 2.43 -7.27
CA GLU A 25 9.98 2.14 -8.41
C GLU A 25 9.12 0.93 -8.07
N VAL A 26 7.88 0.96 -8.47
CA VAL A 26 6.98 -0.17 -8.16
C VAL A 26 6.74 -1.02 -9.40
N GLU A 27 6.50 -2.28 -9.22
CA GLU A 27 6.20 -3.14 -10.39
C GLU A 27 4.70 -3.04 -10.61
N SER A 28 3.94 -3.39 -9.62
CA SER A 28 2.48 -3.25 -9.72
C SER A 28 1.91 -3.07 -8.32
N ILE A 29 0.66 -2.81 -8.19
CA ILE A 29 0.12 -2.65 -6.82
C ILE A 29 -0.97 -3.67 -6.58
N GLU A 30 -1.66 -3.54 -5.50
CA GLU A 30 -2.76 -4.49 -5.19
C GLU A 30 -3.83 -3.80 -4.36
N LEU A 31 -5.06 -3.90 -4.74
CA LEU A 31 -6.12 -3.23 -3.94
C LEU A 31 -6.90 -4.25 -3.14
N PRO A 32 -7.79 -3.77 -2.32
CA PRO A 32 -8.56 -4.67 -1.48
C PRO A 32 -9.55 -5.49 -2.32
N MET A 33 -10.63 -5.91 -1.73
CA MET A 33 -11.64 -6.71 -2.48
C MET A 33 -12.93 -5.92 -2.61
N ASP A 34 -14.06 -6.58 -2.63
CA ASP A 34 -15.35 -5.86 -2.74
C ASP A 34 -16.37 -6.47 -1.79
N ASN A 35 -17.53 -5.88 -1.70
CA ASN A 35 -18.56 -6.40 -0.76
C ASN A 35 -18.10 -6.16 0.68
N LYS A 36 -18.23 -4.94 1.15
CA LYS A 36 -17.79 -4.62 2.53
C LYS A 36 -18.56 -3.40 3.05
N THR A 37 -19.86 -3.48 3.06
CA THR A 37 -20.67 -2.33 3.57
C THR A 37 -21.36 -2.75 4.86
N ASN A 38 -20.68 -3.49 5.67
CA ASN A 38 -21.26 -3.95 6.95
C ASN A 38 -20.16 -4.09 8.01
N LYS A 39 -19.05 -4.65 7.64
CA LYS A 39 -17.94 -4.83 8.61
C LYS A 39 -16.61 -4.38 7.97
N ARG A 40 -15.52 -4.56 8.66
CA ARG A 40 -14.20 -4.16 8.09
C ARG A 40 -13.36 -5.39 7.74
N ARG A 41 -12.85 -5.46 6.55
CA ARG A 41 -12.02 -6.64 6.16
C ARG A 41 -11.62 -6.53 4.68
N GLY A 42 -10.88 -5.52 4.34
CA GLY A 42 -10.45 -5.36 2.91
C GLY A 42 -9.30 -4.36 2.84
N PHE A 43 -8.08 -4.83 2.95
CA PHE A 43 -6.91 -3.90 2.89
C PHE A 43 -6.42 -3.74 1.44
N CYS A 44 -5.38 -2.99 1.25
CA CYS A 44 -4.85 -2.79 -0.14
C CYS A 44 -3.33 -3.06 -0.14
N PHE A 45 -2.87 -4.02 -0.89
CA PHE A 45 -1.39 -4.27 -0.90
C PHE A 45 -0.74 -3.56 -2.08
N ILE A 46 0.50 -3.82 -2.31
CA ILE A 46 1.23 -3.19 -3.45
C ILE A 46 2.53 -3.96 -3.66
N THR A 47 2.88 -4.33 -4.86
CA THR A 47 4.16 -5.07 -5.02
C THR A 47 5.18 -4.15 -5.65
N PHE A 48 6.37 -4.20 -5.16
CA PHE A 48 7.43 -3.30 -5.71
C PHE A 48 8.29 -4.00 -6.75
N LYS A 49 9.44 -3.44 -7.04
CA LYS A 49 10.35 -4.05 -8.03
C LYS A 49 11.40 -4.89 -7.31
N GLU A 50 11.98 -4.35 -6.28
CA GLU A 50 13.00 -5.10 -5.51
C GLU A 50 12.56 -5.20 -4.05
N GLU A 51 13.19 -6.04 -3.27
CA GLU A 51 12.78 -6.17 -1.84
C GLU A 51 13.15 -4.87 -1.09
N GLU A 52 13.99 -4.07 -1.67
CA GLU A 52 14.44 -2.80 -1.03
C GLU A 52 13.26 -1.86 -0.69
N PRO A 53 12.49 -1.48 -1.68
CA PRO A 53 11.34 -0.57 -1.47
C PRO A 53 10.54 -0.98 -0.24
N VAL A 54 10.58 -2.23 0.13
CA VAL A 54 9.84 -2.68 1.34
C VAL A 54 10.68 -2.39 2.57
N LYS A 55 11.95 -2.64 2.48
CA LYS A 55 12.83 -2.37 3.65
C LYS A 55 12.49 -1.00 4.20
N LYS A 56 12.34 -0.06 3.32
CA LYS A 56 12.01 1.31 3.77
C LYS A 56 10.57 1.35 4.27
N ILE A 57 9.66 1.10 3.39
CA ILE A 57 8.23 1.13 3.78
C ILE A 57 8.05 0.40 5.12
N MET A 58 8.31 -0.88 5.13
CA MET A 58 8.18 -1.65 6.40
C MET A 58 8.83 -0.88 7.56
N GLU A 59 9.91 -0.20 7.30
CA GLU A 59 10.59 0.58 8.38
C GLU A 59 9.66 1.68 8.91
N LYS A 60 8.55 1.91 8.25
CA LYS A 60 7.61 2.96 8.71
C LYS A 60 6.18 2.45 8.54
N LYS A 61 5.91 1.29 9.07
CA LYS A 61 4.56 0.67 8.95
C LYS A 61 3.40 1.68 8.91
N TYR A 62 3.56 2.85 9.46
CA TYR A 62 2.42 3.82 9.43
C TYR A 62 2.83 5.13 8.73
N HIS A 63 2.69 5.20 7.43
CA HIS A 63 3.07 6.47 6.71
C HIS A 63 1.87 7.42 6.63
N ASN A 64 1.82 8.21 5.60
CA ASN A 64 0.68 9.16 5.42
C ASN A 64 0.38 9.30 3.92
N VAL A 65 -0.86 9.46 3.55
CA VAL A 65 -1.19 9.60 2.11
C VAL A 65 -2.28 10.64 1.89
N GLY A 66 -2.04 11.60 1.04
CA GLY A 66 -3.06 12.65 0.80
C GLY A 66 -3.62 13.14 2.14
N LEU A 67 -4.72 12.59 2.57
CA LEU A 67 -5.30 13.02 3.88
C LEU A 67 -5.63 11.80 4.73
N SER A 68 -4.85 10.76 4.63
CA SER A 68 -5.13 9.55 5.45
C SER A 68 -3.82 8.83 5.75
N LYS A 69 -3.63 8.40 6.97
CA LYS A 69 -2.36 7.69 7.31
C LYS A 69 -2.59 6.19 7.40
N CYS A 70 -3.19 5.61 6.40
CA CYS A 70 -3.43 4.14 6.39
C CYS A 70 -2.25 3.41 7.03
N GLU A 71 -2.44 2.21 7.51
CA GLU A 71 -1.28 1.48 8.12
C GLU A 71 -0.56 0.74 7.02
N ILE A 72 0.56 0.17 7.30
CA ILE A 72 1.30 -0.53 6.22
C ILE A 72 2.14 -1.70 6.73
N LYS A 73 1.62 -2.90 6.67
CA LYS A 73 2.41 -4.09 7.08
C LYS A 73 2.92 -4.73 5.79
N VAL A 74 4.20 -4.76 5.58
CA VAL A 74 4.74 -5.32 4.31
C VAL A 74 3.97 -6.55 3.83
N ALA A 75 4.20 -6.94 2.60
CA ALA A 75 3.49 -8.11 2.02
C ALA A 75 4.45 -8.93 1.14
N LYS A 1 6.75 -6.67 -1.68
CA LYS A 1 5.42 -6.01 -1.85
C LYS A 1 4.95 -5.56 -0.48
N ILE A 2 4.00 -4.67 -0.40
CA ILE A 2 3.54 -4.24 0.94
C ILE A 2 2.00 -4.26 1.03
N PHE A 3 1.46 -3.83 2.15
CA PHE A 3 -0.03 -3.81 2.29
C PHE A 3 -0.47 -2.66 3.20
N VAL A 4 -1.56 -2.01 2.87
CA VAL A 4 -2.05 -0.89 3.73
C VAL A 4 -3.33 -1.30 4.44
N GLY A 5 -3.37 -1.12 5.74
CA GLY A 5 -4.60 -1.48 6.49
C GLY A 5 -5.36 -0.22 6.89
N GLY A 6 -5.74 0.54 5.92
CA GLY A 6 -6.49 1.80 6.18
C GLY A 6 -6.78 2.48 4.84
N LEU A 7 -7.64 1.90 4.07
CA LEU A 7 -7.96 2.47 2.73
C LEU A 7 -9.35 3.12 2.71
N SER A 8 -9.53 4.06 1.84
CA SER A 8 -10.84 4.74 1.72
C SER A 8 -11.70 3.97 0.71
N PRO A 9 -12.79 4.54 0.25
CA PRO A 9 -13.65 3.83 -0.72
C PRO A 9 -12.88 3.58 -2.03
N ASP A 10 -11.74 4.19 -2.18
CA ASP A 10 -10.93 3.99 -3.41
C ASP A 10 -9.43 4.16 -3.11
N THR A 11 -8.61 3.25 -3.57
CA THR A 11 -7.14 3.38 -3.29
C THR A 11 -6.47 4.24 -4.39
N PRO A 12 -5.98 5.40 -4.00
CA PRO A 12 -5.34 6.33 -4.97
C PRO A 12 -4.06 5.75 -5.57
N GLU A 13 -4.15 4.64 -6.26
CA GLU A 13 -2.94 4.02 -6.89
C GLU A 13 -2.01 5.07 -7.45
N GLU A 14 -2.44 5.80 -8.42
CA GLU A 14 -1.54 6.80 -9.02
C GLU A 14 -0.90 7.60 -7.90
N LYS A 15 -1.68 7.97 -6.93
CA LYS A 15 -1.12 8.71 -5.76
C LYS A 15 -0.31 7.73 -4.92
N ILE A 16 -0.68 6.48 -4.98
CA ILE A 16 0.05 5.43 -4.23
C ILE A 16 1.45 5.31 -4.82
N ARG A 17 1.54 5.06 -6.10
CA ARG A 17 2.86 4.96 -6.75
C ARG A 17 3.68 6.19 -6.38
N GLU A 18 3.04 7.32 -6.27
CA GLU A 18 3.76 8.56 -5.88
C GLU A 18 4.36 8.38 -4.50
N TYR A 19 3.68 7.71 -3.63
CA TYR A 19 4.28 7.54 -2.29
C TYR A 19 5.09 6.25 -2.26
N PHE A 20 4.43 5.12 -2.26
CA PHE A 20 5.16 3.84 -2.22
C PHE A 20 6.10 3.77 -3.43
N GLY A 21 5.59 4.02 -4.60
CA GLY A 21 6.46 3.99 -5.80
C GLY A 21 7.59 4.97 -5.55
N GLY A 22 7.39 5.89 -4.64
CA GLY A 22 8.45 6.88 -4.31
C GLY A 22 9.56 6.18 -3.55
N PHE A 23 9.23 5.37 -2.57
CA PHE A 23 10.30 4.66 -1.82
C PHE A 23 11.17 3.89 -2.81
N GLY A 24 10.55 3.37 -3.82
CA GLY A 24 11.29 2.61 -4.86
C GLY A 24 10.33 2.34 -6.01
N GLU A 25 10.73 2.59 -7.22
CA GLU A 25 9.80 2.35 -8.36
C GLU A 25 9.02 1.06 -8.14
N VAL A 26 7.78 1.04 -8.52
CA VAL A 26 6.96 -0.16 -8.30
C VAL A 26 6.91 -1.00 -9.56
N GLU A 27 6.84 -2.29 -9.42
CA GLU A 27 6.72 -3.16 -10.61
C GLU A 27 5.23 -3.28 -10.89
N SER A 28 4.47 -3.54 -9.87
CA SER A 28 3.01 -3.61 -10.00
C SER A 28 2.40 -3.28 -8.66
N ILE A 29 1.12 -3.08 -8.59
CA ILE A 29 0.53 -2.78 -7.26
C ILE A 29 -0.65 -3.70 -6.99
N GLU A 30 -1.34 -3.45 -5.92
CA GLU A 30 -2.50 -4.31 -5.58
C GLU A 30 -3.53 -3.51 -4.77
N LEU A 31 -4.78 -3.63 -5.08
CA LEU A 31 -5.80 -2.86 -4.31
C LEU A 31 -6.57 -3.79 -3.39
N PRO A 32 -7.38 -3.20 -2.55
CA PRO A 32 -8.16 -4.00 -1.61
C PRO A 32 -8.93 -5.10 -2.35
N MET A 33 -9.42 -4.81 -3.53
CA MET A 33 -10.17 -5.83 -4.30
C MET A 33 -11.44 -6.26 -3.54
N ASP A 34 -12.01 -7.38 -3.91
CA ASP A 34 -13.25 -7.85 -3.21
C ASP A 34 -12.88 -8.90 -2.16
N ASN A 35 -11.63 -8.99 -1.80
CA ASN A 35 -11.23 -9.99 -0.77
C ASN A 35 -11.47 -9.44 0.63
N LYS A 36 -12.53 -9.87 1.27
CA LYS A 36 -12.82 -9.36 2.65
C LYS A 36 -14.15 -9.94 3.15
N THR A 37 -14.18 -11.22 3.39
CA THR A 37 -15.44 -11.84 3.89
C THR A 37 -15.13 -12.82 5.03
N ASN A 38 -14.31 -12.41 5.96
CA ASN A 38 -13.95 -13.29 7.09
C ASN A 38 -13.64 -12.44 8.34
N LYS A 39 -12.91 -11.39 8.16
CA LYS A 39 -12.57 -10.51 9.31
C LYS A 39 -12.41 -9.06 8.84
N ARG A 40 -11.87 -8.21 9.68
CA ARG A 40 -11.68 -6.79 9.28
C ARG A 40 -11.19 -6.70 7.83
N ARG A 41 -11.41 -5.59 7.18
CA ARG A 41 -10.96 -5.46 5.77
C ARG A 41 -10.71 -3.99 5.42
N GLY A 42 -10.54 -3.70 4.15
CA GLY A 42 -10.28 -2.29 3.74
C GLY A 42 -8.77 -2.06 3.68
N PHE A 43 -8.13 -2.52 2.63
CA PHE A 43 -6.66 -2.34 2.53
C PHE A 43 -6.22 -2.24 1.07
N CYS A 44 -4.94 -2.36 0.84
CA CYS A 44 -4.43 -2.30 -0.56
C CYS A 44 -2.95 -2.69 -0.55
N PHE A 45 -2.55 -3.66 -1.33
CA PHE A 45 -1.11 -4.04 -1.33
C PHE A 45 -0.41 -3.41 -2.52
N ILE A 46 0.83 -3.69 -2.69
CA ILE A 46 1.58 -3.14 -3.84
C ILE A 46 2.86 -3.96 -3.99
N THR A 47 3.23 -4.36 -5.17
CA THR A 47 4.47 -5.17 -5.29
C THR A 47 5.57 -4.33 -5.91
N PHE A 48 6.76 -4.48 -5.40
CA PHE A 48 7.89 -3.68 -5.97
C PHE A 48 8.71 -4.54 -6.93
N LYS A 49 10.00 -4.39 -6.93
CA LYS A 49 10.86 -5.18 -7.86
C LYS A 49 11.74 -6.16 -7.07
N GLU A 50 12.63 -5.66 -6.26
CA GLU A 50 13.53 -6.57 -5.50
C GLU A 50 13.07 -6.70 -4.05
N GLU A 51 13.21 -5.65 -3.28
CA GLU A 51 12.79 -5.71 -1.84
C GLU A 51 13.20 -4.41 -1.13
N GLU A 52 14.27 -3.81 -1.57
CA GLU A 52 14.77 -2.55 -0.96
C GLU A 52 13.63 -1.59 -0.55
N PRO A 53 12.78 -1.25 -1.49
CA PRO A 53 11.68 -0.31 -1.19
C PRO A 53 10.87 -0.77 0.03
N VAL A 54 10.68 -2.04 0.18
CA VAL A 54 9.93 -2.54 1.38
C VAL A 54 10.76 -2.27 2.62
N LYS A 55 12.03 -2.54 2.54
CA LYS A 55 12.90 -2.31 3.73
C LYS A 55 12.57 -0.94 4.31
N LYS A 56 12.48 0.03 3.45
CA LYS A 56 12.17 1.39 3.92
C LYS A 56 10.74 1.44 4.43
N ILE A 57 9.82 1.10 3.59
CA ILE A 57 8.40 1.13 3.99
C ILE A 57 8.22 0.40 5.32
N MET A 58 8.49 -0.87 5.35
CA MET A 58 8.36 -1.63 6.63
C MET A 58 8.97 -0.83 7.77
N GLU A 59 10.03 -0.11 7.52
CA GLU A 59 10.68 0.69 8.60
C GLU A 59 9.75 1.82 9.06
N LYS A 60 8.65 2.00 8.39
CA LYS A 60 7.68 3.07 8.80
C LYS A 60 6.26 2.53 8.72
N LYS A 61 6.05 1.38 9.30
CA LYS A 61 4.70 0.73 9.28
C LYS A 61 3.54 1.73 9.19
N TYR A 62 3.68 2.89 9.77
CA TYR A 62 2.55 3.86 9.70
C TYR A 62 2.98 5.12 8.92
N HIS A 63 2.79 5.13 7.62
CA HIS A 63 3.21 6.32 6.81
C HIS A 63 2.02 7.26 6.60
N ASN A 64 2.03 7.96 5.49
CA ASN A 64 0.91 8.90 5.17
C ASN A 64 0.47 8.70 3.72
N VAL A 65 -0.82 8.69 3.47
CA VAL A 65 -1.30 8.49 2.07
C VAL A 65 -2.59 9.29 1.83
N GLY A 66 -2.61 10.12 0.83
CA GLY A 66 -3.83 10.92 0.55
C GLY A 66 -4.36 11.56 1.83
N LEU A 67 -3.70 12.58 2.31
CA LEU A 67 -4.17 13.25 3.56
C LEU A 67 -4.60 12.22 4.60
N SER A 68 -3.93 11.10 4.64
CA SER A 68 -4.30 10.04 5.63
C SER A 68 -3.05 9.28 6.08
N LYS A 69 -3.15 8.52 7.13
CA LYS A 69 -1.96 7.76 7.60
C LYS A 69 -2.28 6.26 7.69
N CYS A 70 -2.92 5.73 6.68
CA CYS A 70 -3.25 4.28 6.67
C CYS A 70 -2.08 3.48 7.24
N GLU A 71 -2.31 2.26 7.65
CA GLU A 71 -1.17 1.46 8.19
C GLU A 71 -0.48 0.74 7.06
N ILE A 72 0.64 0.14 7.31
CA ILE A 72 1.36 -0.54 6.20
C ILE A 72 2.06 -1.82 6.66
N LYS A 73 1.49 -2.94 6.35
CA LYS A 73 2.12 -4.24 6.68
C LYS A 73 2.76 -4.78 5.41
N VAL A 74 4.06 -4.76 5.31
CA VAL A 74 4.69 -5.25 4.05
C VAL A 74 4.03 -6.55 3.58
N ALA A 75 4.29 -6.96 2.37
CA ALA A 75 3.65 -8.19 1.85
C ALA A 75 4.63 -9.00 0.98
N LYS A 1 6.75 -5.86 -1.63
CA LYS A 1 5.36 -5.39 -1.89
C LYS A 1 4.85 -4.91 -0.55
N ILE A 2 3.88 -4.08 -0.49
CA ILE A 2 3.43 -3.65 0.84
C ILE A 2 1.90 -3.75 0.97
N PHE A 3 1.36 -3.44 2.13
CA PHE A 3 -0.13 -3.54 2.30
C PHE A 3 -0.63 -2.48 3.28
N VAL A 4 -1.47 -1.58 2.84
CA VAL A 4 -2.00 -0.54 3.78
C VAL A 4 -3.28 -1.05 4.44
N GLY A 5 -3.35 -1.04 5.73
CA GLY A 5 -4.57 -1.54 6.42
C GLY A 5 -5.44 -0.37 6.92
N GLY A 6 -5.85 0.47 6.03
CA GLY A 6 -6.71 1.63 6.42
C GLY A 6 -7.08 2.42 5.17
N LEU A 7 -7.79 1.83 4.27
CA LEU A 7 -8.16 2.57 3.02
C LEU A 7 -9.63 2.35 2.66
N SER A 8 -10.16 3.20 1.82
CA SER A 8 -11.58 3.07 1.37
C SER A 8 -11.63 2.19 0.11
N PRO A 9 -12.82 1.86 -0.32
CA PRO A 9 -12.98 1.04 -1.54
C PRO A 9 -12.22 1.65 -2.71
N ASP A 10 -11.87 2.92 -2.61
CA ASP A 10 -11.12 3.59 -3.71
C ASP A 10 -9.68 3.86 -3.26
N THR A 11 -8.74 3.05 -3.68
CA THR A 11 -7.33 3.28 -3.27
C THR A 11 -6.64 4.27 -4.22
N PRO A 12 -6.01 5.29 -3.66
CA PRO A 12 -5.32 6.32 -4.47
C PRO A 12 -4.07 5.76 -5.19
N GLU A 13 -4.23 4.69 -5.92
CA GLU A 13 -3.05 4.10 -6.67
C GLU A 13 -2.13 5.17 -7.19
N GLU A 14 -2.60 5.95 -8.12
CA GLU A 14 -1.70 6.98 -8.69
C GLU A 14 -1.00 7.71 -7.56
N LYS A 15 -1.73 8.00 -6.51
CA LYS A 15 -1.12 8.67 -5.33
C LYS A 15 -0.28 7.63 -4.58
N ILE A 16 -0.67 6.40 -4.69
CA ILE A 16 0.08 5.31 -4.03
C ILE A 16 1.46 5.19 -4.70
N ARG A 17 1.48 5.00 -5.98
CA ARG A 17 2.77 4.93 -6.71
C ARG A 17 3.61 6.14 -6.35
N GLU A 18 2.98 7.27 -6.17
CA GLU A 18 3.73 8.51 -5.80
C GLU A 18 4.42 8.32 -4.47
N TYR A 19 3.81 7.67 -3.54
CA TYR A 19 4.51 7.49 -2.27
C TYR A 19 5.28 6.19 -2.29
N PHE A 20 4.59 5.09 -2.25
CA PHE A 20 5.29 3.78 -2.28
C PHE A 20 6.15 3.71 -3.54
N GLY A 21 5.58 3.97 -4.67
CA GLY A 21 6.39 3.95 -5.91
C GLY A 21 7.53 4.93 -5.71
N GLY A 22 7.38 5.85 -4.79
CA GLY A 22 8.45 6.83 -4.51
C GLY A 22 9.62 6.10 -3.85
N PHE A 23 9.34 5.25 -2.88
CA PHE A 23 10.46 4.51 -2.23
C PHE A 23 11.22 3.71 -3.29
N GLY A 24 10.50 3.26 -4.28
CA GLY A 24 11.13 2.47 -5.38
C GLY A 24 10.10 2.29 -6.48
N GLU A 25 10.43 2.59 -7.70
CA GLU A 25 9.44 2.44 -8.80
C GLU A 25 8.64 1.15 -8.61
N VAL A 26 7.38 1.20 -8.91
CA VAL A 26 6.53 -0.01 -8.73
C VAL A 26 6.46 -0.83 -10.01
N GLU A 27 6.41 -2.13 -9.87
CA GLU A 27 6.25 -2.98 -11.07
C GLU A 27 4.76 -3.10 -11.29
N SER A 28 4.06 -3.42 -10.23
CA SER A 28 2.58 -3.49 -10.30
C SER A 28 2.05 -3.21 -8.90
N ILE A 29 0.84 -2.80 -8.76
CA ILE A 29 0.33 -2.55 -7.38
C ILE A 29 -0.78 -3.52 -7.07
N GLU A 30 -1.44 -3.31 -5.97
CA GLU A 30 -2.55 -4.21 -5.59
C GLU A 30 -3.57 -3.44 -4.77
N LEU A 31 -4.83 -3.64 -5.02
CA LEU A 31 -5.84 -2.88 -4.23
C LEU A 31 -6.54 -3.78 -3.24
N PRO A 32 -7.34 -3.18 -2.41
CA PRO A 32 -8.08 -3.96 -1.40
C PRO A 32 -8.81 -5.14 -2.04
N MET A 33 -8.12 -6.24 -2.25
CA MET A 33 -8.76 -7.44 -2.87
C MET A 33 -9.74 -7.02 -3.97
N ASP A 34 -11.00 -6.86 -3.63
CA ASP A 34 -12.00 -6.46 -4.65
C ASP A 34 -13.37 -6.25 -3.98
N ASN A 35 -14.37 -5.92 -4.75
CA ASN A 35 -15.72 -5.70 -4.15
C ASN A 35 -15.67 -4.52 -3.16
N LYS A 36 -15.12 -4.74 -2.01
CA LYS A 36 -15.04 -3.64 -1.00
C LYS A 36 -16.45 -3.23 -0.57
N THR A 37 -17.25 -4.19 -0.20
CA THR A 37 -18.64 -3.88 0.23
C THR A 37 -19.05 -4.79 1.39
N ASN A 38 -18.23 -4.87 2.39
CA ASN A 38 -18.56 -5.74 3.57
C ASN A 38 -18.10 -5.06 4.86
N LYS A 39 -16.96 -4.43 4.84
CA LYS A 39 -16.46 -3.75 6.07
C LYS A 39 -15.96 -2.34 5.73
N ARG A 40 -15.31 -1.69 6.66
CA ARG A 40 -14.81 -0.32 6.39
C ARG A 40 -13.28 -0.30 6.38
N ARG A 41 -12.70 0.87 6.23
CA ARG A 41 -11.21 1.00 6.22
C ARG A 41 -10.53 -0.26 5.65
N GLY A 42 -10.82 -0.58 4.42
CA GLY A 42 -10.19 -1.79 3.81
C GLY A 42 -8.67 -1.60 3.72
N PHE A 43 -8.06 -2.13 2.71
CA PHE A 43 -6.57 -1.98 2.57
C PHE A 43 -6.18 -1.94 1.10
N CYS A 44 -4.91 -2.08 0.84
CA CYS A 44 -4.42 -2.08 -0.55
C CYS A 44 -2.94 -2.48 -0.56
N PHE A 45 -2.56 -3.43 -1.36
CA PHE A 45 -1.11 -3.81 -1.37
C PHE A 45 -0.45 -3.17 -2.59
N ILE A 46 0.78 -3.50 -2.81
CA ILE A 46 1.50 -2.97 -4.00
C ILE A 46 2.76 -3.82 -4.18
N THR A 47 3.10 -4.21 -5.37
CA THR A 47 4.32 -5.03 -5.52
C THR A 47 5.39 -4.28 -6.28
N PHE A 48 6.61 -4.56 -5.98
CA PHE A 48 7.73 -3.85 -6.67
C PHE A 48 8.60 -4.86 -7.44
N LYS A 49 9.85 -5.04 -7.08
CA LYS A 49 10.72 -5.99 -7.82
C LYS A 49 11.99 -6.36 -7.02
N GLU A 50 12.59 -5.41 -6.34
CA GLU A 50 13.83 -5.72 -5.56
C GLU A 50 13.51 -6.22 -4.14
N GLU A 51 13.53 -5.34 -3.17
CA GLU A 51 13.20 -5.75 -1.77
C GLU A 51 13.56 -4.62 -0.78
N GLU A 52 14.47 -3.76 -1.17
CA GLU A 52 14.91 -2.64 -0.28
C GLU A 52 13.77 -1.64 0.01
N PRO A 53 13.12 -1.14 -1.01
CA PRO A 53 12.03 -0.16 -0.80
C PRO A 53 11.00 -0.66 0.23
N VAL A 54 10.92 -1.95 0.45
CA VAL A 54 9.98 -2.47 1.47
C VAL A 54 10.64 -2.31 2.83
N LYS A 55 11.84 -2.80 2.95
CA LYS A 55 12.56 -2.68 4.25
C LYS A 55 12.31 -1.29 4.82
N LYS A 56 12.36 -0.32 3.96
CA LYS A 56 12.13 1.07 4.42
C LYS A 56 10.69 1.24 4.82
N ILE A 57 9.80 1.00 3.90
CA ILE A 57 8.37 1.15 4.19
C ILE A 57 8.02 0.35 5.46
N MET A 58 8.20 -0.94 5.41
CA MET A 58 7.89 -1.78 6.60
C MET A 58 8.46 -1.13 7.88
N GLU A 59 9.57 -0.44 7.78
CA GLU A 59 10.17 0.19 8.99
C GLU A 59 9.33 1.39 9.46
N LYS A 60 8.35 1.79 8.70
CA LYS A 60 7.49 2.93 9.12
C LYS A 60 6.02 2.55 8.97
N LYS A 61 5.68 1.38 9.45
CA LYS A 61 4.28 0.85 9.36
C LYS A 61 3.23 1.97 9.30
N TYR A 62 3.44 3.08 9.96
CA TYR A 62 2.39 4.15 9.92
C TYR A 62 2.92 5.36 9.15
N HIS A 63 2.81 5.35 7.84
CA HIS A 63 3.30 6.51 7.03
C HIS A 63 2.17 7.52 6.78
N ASN A 64 2.21 8.16 5.63
CA ASN A 64 1.16 9.15 5.26
C ASN A 64 0.91 9.06 3.75
N VAL A 65 -0.29 8.75 3.34
CA VAL A 65 -0.56 8.62 1.88
C VAL A 65 -1.49 9.75 1.40
N GLY A 66 -0.98 10.65 0.61
CA GLY A 66 -1.82 11.76 0.10
C GLY A 66 -2.28 12.65 1.26
N LEU A 67 -3.13 12.14 2.10
CA LEU A 67 -3.62 12.97 3.24
C LEU A 67 -4.05 12.07 4.41
N SER A 68 -3.54 10.87 4.48
CA SER A 68 -3.91 9.96 5.59
C SER A 68 -2.72 9.09 5.99
N LYS A 69 -2.64 8.74 7.25
CA LYS A 69 -1.51 7.89 7.68
C LYS A 69 -1.99 6.45 7.86
N CYS A 70 -2.65 5.92 6.85
CA CYS A 70 -3.14 4.51 6.93
C CYS A 70 -2.02 3.62 7.51
N GLU A 71 -2.33 2.39 7.83
CA GLU A 71 -1.24 1.53 8.36
C GLU A 71 -0.53 0.87 7.21
N ILE A 72 0.60 0.32 7.43
CA ILE A 72 1.34 -0.30 6.29
C ILE A 72 2.06 -1.59 6.69
N LYS A 73 1.46 -2.70 6.41
CA LYS A 73 2.10 -4.00 6.69
C LYS A 73 2.73 -4.48 5.39
N VAL A 74 4.02 -4.45 5.27
CA VAL A 74 4.62 -4.87 3.97
C VAL A 74 3.94 -6.14 3.44
N ALA A 75 4.20 -6.47 2.20
CA ALA A 75 3.56 -7.67 1.60
C ALA A 75 4.53 -8.34 0.62
N LYS A 1 6.65 -6.58 -1.81
CA LYS A 1 5.30 -5.97 -1.86
C LYS A 1 4.92 -5.55 -0.45
N ILE A 2 3.99 -4.66 -0.30
CA ILE A 2 3.61 -4.26 1.08
C ILE A 2 2.09 -4.33 1.24
N PHE A 3 1.61 -4.09 2.43
CA PHE A 3 0.14 -4.14 2.65
C PHE A 3 -0.30 -2.95 3.53
N VAL A 4 -1.36 -2.32 3.16
CA VAL A 4 -1.86 -1.16 3.96
C VAL A 4 -3.19 -1.53 4.63
N GLY A 5 -3.30 -1.33 5.92
CA GLY A 5 -4.57 -1.67 6.60
C GLY A 5 -5.38 -0.40 6.81
N GLY A 6 -5.44 0.40 5.80
CA GLY A 6 -6.22 1.68 5.87
C GLY A 6 -7.12 1.80 4.64
N LEU A 7 -7.10 0.78 3.80
CA LEU A 7 -7.94 0.75 2.56
C LEU A 7 -8.74 2.03 2.34
N SER A 8 -8.07 3.13 2.11
CA SER A 8 -8.78 4.40 1.88
C SER A 8 -9.98 4.18 0.93
N PRO A 9 -10.81 5.17 0.80
CA PRO A 9 -12.00 5.03 -0.08
C PRO A 9 -11.60 4.64 -1.50
N ASP A 10 -10.49 5.11 -1.99
CA ASP A 10 -10.07 4.74 -3.38
C ASP A 10 -8.55 4.72 -3.51
N THR A 11 -7.91 3.67 -3.07
CA THR A 11 -6.42 3.59 -3.19
C THR A 11 -5.96 4.17 -4.54
N PRO A 12 -5.56 5.42 -4.52
CA PRO A 12 -5.12 6.10 -5.76
C PRO A 12 -3.78 5.57 -6.28
N GLU A 13 -3.79 4.45 -6.95
CA GLU A 13 -2.51 3.87 -7.49
C GLU A 13 -1.58 4.96 -7.96
N GLU A 14 -1.97 5.72 -8.93
CA GLU A 14 -1.06 6.74 -9.45
C GLU A 14 -0.49 7.53 -8.28
N LYS A 15 -1.32 7.91 -7.36
CA LYS A 15 -0.84 8.65 -6.17
C LYS A 15 -0.13 7.66 -5.25
N ILE A 16 -0.53 6.42 -5.33
CA ILE A 16 0.12 5.38 -4.50
C ILE A 16 1.58 5.27 -4.94
N ARG A 17 1.79 5.15 -6.23
CA ARG A 17 3.16 5.08 -6.77
C ARG A 17 3.92 6.33 -6.33
N GLU A 18 3.25 7.45 -6.25
CA GLU A 18 3.92 8.70 -5.81
C GLU A 18 4.48 8.51 -4.42
N TYR A 19 3.77 7.84 -3.57
CA TYR A 19 4.34 7.65 -2.23
C TYR A 19 5.14 6.36 -2.19
N PHE A 20 4.46 5.25 -2.24
CA PHE A 20 5.16 3.95 -2.21
C PHE A 20 6.15 3.89 -3.37
N GLY A 21 5.70 4.14 -4.55
CA GLY A 21 6.64 4.12 -5.70
C GLY A 21 7.77 5.09 -5.39
N GLY A 22 7.52 6.02 -4.49
CA GLY A 22 8.56 6.99 -4.10
C GLY A 22 9.66 6.25 -3.34
N PHE A 23 9.28 5.41 -2.41
CA PHE A 23 10.33 4.66 -1.65
C PHE A 23 11.16 3.83 -2.62
N GLY A 24 10.53 3.34 -3.66
CA GLY A 24 11.25 2.52 -4.67
C GLY A 24 10.29 2.27 -5.83
N GLU A 25 10.75 2.42 -7.05
CA GLU A 25 9.85 2.18 -8.21
C GLU A 25 8.98 0.95 -7.96
N VAL A 26 7.75 1.00 -8.36
CA VAL A 26 6.85 -0.14 -8.14
C VAL A 26 6.63 -0.92 -9.44
N GLU A 27 6.50 -2.21 -9.34
CA GLU A 27 6.21 -3.00 -10.57
C GLU A 27 4.71 -2.99 -10.75
N SER A 28 4.00 -3.32 -9.70
CA SER A 28 2.52 -3.28 -9.77
C SER A 28 1.98 -3.05 -8.37
N ILE A 29 0.71 -2.87 -8.23
CA ILE A 29 0.17 -2.67 -6.87
C ILE A 29 -0.97 -3.64 -6.60
N GLU A 30 -1.65 -3.46 -5.51
CA GLU A 30 -2.78 -4.37 -5.19
C GLU A 30 -3.82 -3.61 -4.36
N LEU A 31 -5.05 -3.65 -4.75
CA LEU A 31 -6.07 -2.93 -3.95
C LEU A 31 -6.90 -3.88 -3.13
N PRO A 32 -7.70 -3.32 -2.27
CA PRO A 32 -8.53 -4.13 -1.39
C PRO A 32 -9.72 -4.72 -2.16
N MET A 33 -9.81 -4.42 -3.43
CA MET A 33 -10.96 -4.94 -4.24
C MET A 33 -12.25 -4.22 -3.83
N ASP A 34 -13.38 -4.77 -4.18
CA ASP A 34 -14.66 -4.12 -3.81
C ASP A 34 -15.78 -5.16 -3.76
N ASN A 35 -15.45 -6.39 -3.50
CA ASN A 35 -16.50 -7.44 -3.43
C ASN A 35 -17.05 -7.53 -2.00
N LYS A 36 -16.18 -7.66 -1.04
CA LYS A 36 -16.64 -7.73 0.37
C LYS A 36 -17.48 -8.99 0.56
N THR A 37 -16.97 -10.12 0.13
CA THR A 37 -17.74 -11.38 0.28
C THR A 37 -16.79 -12.55 0.55
N ASN A 38 -15.92 -12.40 1.50
CA ASN A 38 -14.96 -13.51 1.82
C ASN A 38 -14.59 -13.47 3.30
N LYS A 39 -14.23 -12.32 3.81
CA LYS A 39 -13.85 -12.22 5.24
C LYS A 39 -14.16 -10.82 5.79
N ARG A 40 -13.73 -10.53 6.98
CA ARG A 40 -13.99 -9.19 7.57
C ARG A 40 -13.38 -8.10 6.69
N ARG A 41 -13.29 -6.91 7.20
CA ARG A 41 -12.71 -5.78 6.41
C ARG A 41 -11.51 -6.27 5.58
N GLY A 42 -11.12 -5.53 4.58
CA GLY A 42 -9.97 -5.97 3.75
C GLY A 42 -8.84 -4.95 3.84
N PHE A 43 -7.91 -5.00 2.92
CA PHE A 43 -6.77 -4.04 2.93
C PHE A 43 -6.27 -3.81 1.50
N CYS A 44 -5.34 -2.91 1.32
CA CYS A 44 -4.81 -2.65 -0.06
C CYS A 44 -3.29 -2.93 -0.09
N PHE A 45 -2.84 -3.88 -0.87
CA PHE A 45 -1.35 -4.16 -0.91
C PHE A 45 -0.72 -3.43 -2.10
N ILE A 46 0.50 -3.76 -2.37
CA ILE A 46 1.23 -3.15 -3.52
C ILE A 46 2.50 -3.98 -3.75
N THR A 47 2.88 -4.29 -4.96
CA THR A 47 4.11 -5.11 -5.13
C THR A 47 5.22 -4.29 -5.75
N PHE A 48 6.42 -4.52 -5.34
CA PHE A 48 7.55 -3.74 -5.92
C PHE A 48 8.33 -4.57 -6.94
N LYS A 49 9.63 -4.52 -6.90
CA LYS A 49 10.44 -5.28 -7.89
C LYS A 49 11.82 -5.61 -7.32
N GLU A 50 12.49 -4.65 -6.76
CA GLU A 50 13.84 -4.92 -6.17
C GLU A 50 13.68 -5.57 -4.80
N GLU A 51 12.95 -4.91 -3.92
CA GLU A 51 12.65 -5.40 -2.52
C GLU A 51 12.96 -4.25 -1.54
N GLU A 52 13.87 -3.41 -1.95
CA GLU A 52 14.32 -2.25 -1.11
C GLU A 52 13.17 -1.32 -0.69
N PRO A 53 12.31 -0.97 -1.62
CA PRO A 53 11.21 -0.04 -1.28
C PRO A 53 10.42 -0.59 -0.09
N VAL A 54 10.41 -1.89 0.06
CA VAL A 54 9.71 -2.48 1.23
C VAL A 54 10.54 -2.23 2.47
N LYS A 55 11.81 -2.42 2.36
CA LYS A 55 12.70 -2.18 3.54
C LYS A 55 12.30 -0.88 4.19
N LYS A 56 12.15 0.13 3.38
CA LYS A 56 11.77 1.45 3.94
C LYS A 56 10.33 1.42 4.43
N ILE A 57 9.43 1.16 3.54
CA ILE A 57 8.00 1.12 3.92
C ILE A 57 7.84 0.34 5.23
N MET A 58 8.14 -0.93 5.20
CA MET A 58 8.02 -1.75 6.43
C MET A 58 8.65 -1.02 7.63
N GLU A 59 9.69 -0.26 7.39
CA GLU A 59 10.33 0.48 8.53
C GLU A 59 9.46 1.65 8.99
N LYS A 60 8.30 1.83 8.41
CA LYS A 60 7.41 2.95 8.81
C LYS A 60 5.96 2.46 8.83
N LYS A 61 5.72 1.37 9.50
CA LYS A 61 4.36 0.76 9.58
C LYS A 61 3.22 1.79 9.42
N TYR A 62 3.37 2.99 9.90
CA TYR A 62 2.27 3.98 9.76
C TYR A 62 2.74 5.20 8.96
N HIS A 63 2.53 5.23 7.67
CA HIS A 63 2.98 6.41 6.86
C HIS A 63 1.82 7.37 6.62
N ASN A 64 1.84 8.04 5.50
CA ASN A 64 0.76 9.00 5.17
C ASN A 64 0.51 8.99 3.66
N VAL A 65 -0.73 9.04 3.23
CA VAL A 65 -1.01 9.02 1.76
C VAL A 65 -2.01 10.11 1.40
N GLY A 66 -1.64 11.02 0.55
CA GLY A 66 -2.57 12.12 0.15
C GLY A 66 -3.10 12.79 1.41
N LEU A 67 -4.20 12.32 1.92
CA LEU A 67 -4.77 12.92 3.16
C LEU A 67 -5.21 11.82 4.13
N SER A 68 -4.52 10.72 4.13
CA SER A 68 -4.88 9.60 5.04
C SER A 68 -3.62 8.83 5.42
N LYS A 69 -3.55 8.32 6.62
CA LYS A 69 -2.33 7.57 7.03
C LYS A 69 -2.65 6.09 7.26
N CYS A 70 -3.22 5.43 6.28
CA CYS A 70 -3.54 3.98 6.42
C CYS A 70 -2.37 3.29 7.14
N GLU A 71 -2.57 2.12 7.68
CA GLU A 71 -1.41 1.45 8.34
C GLU A 71 -0.65 0.64 7.32
N ILE A 72 0.42 0.03 7.70
CA ILE A 72 1.20 -0.74 6.69
C ILE A 72 1.93 -1.94 7.31
N LYS A 73 2.05 -2.96 6.53
CA LYS A 73 2.75 -4.21 6.93
C LYS A 73 3.21 -4.88 5.66
N VAL A 74 4.47 -4.82 5.36
CA VAL A 74 4.99 -5.39 4.09
C VAL A 74 4.25 -6.66 3.65
N ALA A 75 4.38 -7.02 2.40
CA ALA A 75 3.70 -8.22 1.87
C ALA A 75 4.63 -8.97 0.91
N LYS A 1 6.86 -6.20 -1.49
CA LYS A 1 5.51 -5.62 -1.64
C LYS A 1 5.06 -5.19 -0.26
N ILE A 2 4.12 -4.32 -0.14
CA ILE A 2 3.68 -3.92 1.20
C ILE A 2 2.16 -3.95 1.30
N PHE A 3 1.61 -3.79 2.47
CA PHE A 3 0.13 -3.80 2.61
C PHE A 3 -0.34 -2.62 3.46
N VAL A 4 -1.37 -1.96 3.01
CA VAL A 4 -1.91 -0.81 3.79
C VAL A 4 -3.25 -1.17 4.44
N GLY A 5 -3.40 -0.89 5.70
CA GLY A 5 -4.69 -1.19 6.36
C GLY A 5 -5.56 0.05 6.35
N GLY A 6 -5.66 0.66 5.21
CA GLY A 6 -6.48 1.89 5.07
C GLY A 6 -7.58 1.61 4.04
N LEU A 7 -7.29 0.75 3.10
CA LEU A 7 -8.27 0.35 2.03
C LEU A 7 -9.35 1.39 1.81
N SER A 8 -8.99 2.62 1.86
CA SER A 8 -9.96 3.72 1.65
C SER A 8 -10.93 3.37 0.51
N PRO A 9 -11.99 4.13 0.40
CA PRO A 9 -12.98 3.89 -0.67
C PRO A 9 -12.32 3.91 -2.05
N ASP A 10 -11.16 4.48 -2.16
CA ASP A 10 -10.48 4.52 -3.49
C ASP A 10 -8.95 4.52 -3.31
N THR A 11 -8.35 3.37 -3.21
CA THR A 11 -6.87 3.33 -3.05
C THR A 11 -6.21 4.26 -4.09
N PRO A 12 -5.73 5.39 -3.64
CA PRO A 12 -5.09 6.38 -4.54
C PRO A 12 -3.82 5.82 -5.22
N GLU A 13 -3.93 4.70 -5.89
CA GLU A 13 -2.74 4.11 -6.58
C GLU A 13 -1.87 5.20 -7.17
N GLU A 14 -2.42 5.97 -8.05
CA GLU A 14 -1.59 7.02 -8.68
C GLU A 14 -0.85 7.79 -7.58
N LYS A 15 -1.57 8.14 -6.54
CA LYS A 15 -0.92 8.85 -5.41
C LYS A 15 -0.08 7.84 -4.62
N ILE A 16 -0.44 6.59 -4.73
CA ILE A 16 0.31 5.52 -4.03
C ILE A 16 1.69 5.41 -4.68
N ARG A 17 1.71 5.29 -5.98
CA ARG A 17 3.00 5.21 -6.71
C ARG A 17 3.82 6.46 -6.35
N GLU A 18 3.14 7.57 -6.17
CA GLU A 18 3.86 8.82 -5.79
C GLU A 18 4.62 8.59 -4.51
N TYR A 19 4.03 7.94 -3.56
CA TYR A 19 4.77 7.72 -2.32
C TYR A 19 5.52 6.40 -2.39
N PHE A 20 4.82 5.31 -2.28
CA PHE A 20 5.48 3.99 -2.34
C PHE A 20 6.37 3.93 -3.58
N GLY A 21 5.83 4.27 -4.72
CA GLY A 21 6.65 4.27 -5.95
C GLY A 21 7.86 5.15 -5.70
N GLY A 22 7.78 6.03 -4.74
CA GLY A 22 8.92 6.92 -4.40
C GLY A 22 9.98 6.11 -3.65
N PHE A 23 9.56 5.31 -2.70
CA PHE A 23 10.57 4.50 -1.95
C PHE A 23 11.34 3.62 -2.94
N GLY A 24 10.71 3.29 -4.03
CA GLY A 24 11.36 2.45 -5.06
C GLY A 24 10.36 2.23 -6.19
N GLU A 25 10.77 2.42 -7.42
CA GLU A 25 9.81 2.23 -8.54
C GLU A 25 8.93 1.01 -8.29
N VAL A 26 7.68 1.09 -8.65
CA VAL A 26 6.75 -0.04 -8.43
C VAL A 26 6.51 -0.81 -9.71
N GLU A 27 6.30 -2.09 -9.59
CA GLU A 27 5.98 -2.89 -10.80
C GLU A 27 4.47 -2.84 -10.94
N SER A 28 3.77 -3.20 -9.91
CA SER A 28 2.30 -3.10 -9.93
C SER A 28 1.81 -2.96 -8.50
N ILE A 29 0.64 -2.44 -8.29
CA ILE A 29 0.17 -2.33 -6.89
C ILE A 29 -0.88 -3.39 -6.63
N GLU A 30 -1.56 -3.28 -5.53
CA GLU A 30 -2.61 -4.28 -5.22
C GLU A 30 -3.70 -3.64 -4.36
N LEU A 31 -4.94 -3.87 -4.67
CA LEU A 31 -6.03 -3.26 -3.87
C LEU A 31 -6.73 -4.33 -3.07
N PRO A 32 -7.68 -3.93 -2.28
CA PRO A 32 -8.38 -4.90 -1.46
C PRO A 32 -9.25 -5.83 -2.31
N MET A 33 -10.05 -6.65 -1.69
CA MET A 33 -10.91 -7.57 -2.47
C MET A 33 -12.29 -6.93 -2.70
N ASP A 34 -13.23 -7.69 -3.20
CA ASP A 34 -14.59 -7.11 -3.45
C ASP A 34 -15.59 -7.68 -2.43
N ASN A 35 -15.18 -8.65 -1.65
CA ASN A 35 -16.12 -9.22 -0.64
C ASN A 35 -16.25 -8.28 0.56
N LYS A 36 -17.40 -7.68 0.72
CA LYS A 36 -17.58 -6.75 1.87
C LYS A 36 -18.92 -7.03 2.55
N THR A 37 -19.21 -8.27 2.80
CA THR A 37 -20.50 -8.61 3.46
C THR A 37 -20.32 -9.80 4.40
N ASN A 38 -19.32 -9.75 5.23
CA ASN A 38 -19.08 -10.89 6.18
C ASN A 38 -18.43 -10.37 7.46
N LYS A 39 -17.42 -9.55 7.32
CA LYS A 39 -16.73 -9.00 8.52
C LYS A 39 -16.16 -7.62 8.21
N ARG A 40 -15.43 -7.04 9.12
CA ARG A 40 -14.84 -5.70 8.86
C ARG A 40 -13.36 -5.81 8.50
N ARG A 41 -13.06 -6.63 7.52
CA ARG A 41 -11.63 -6.79 7.11
C ARG A 41 -11.44 -6.31 5.66
N GLY A 42 -10.23 -6.14 5.25
CA GLY A 42 -9.98 -5.68 3.85
C GLY A 42 -8.83 -4.67 3.85
N PHE A 43 -7.93 -4.77 2.90
CA PHE A 43 -6.79 -3.83 2.84
C PHE A 43 -6.31 -3.65 1.39
N CYS A 44 -5.29 -2.87 1.19
CA CYS A 44 -4.77 -2.66 -0.20
C CYS A 44 -3.25 -2.88 -0.20
N PHE A 45 -2.73 -3.80 -0.98
CA PHE A 45 -1.25 -4.00 -0.98
C PHE A 45 -0.62 -3.28 -2.17
N ILE A 46 0.63 -3.57 -2.42
CA ILE A 46 1.35 -2.96 -3.56
C ILE A 46 2.63 -3.78 -3.79
N THR A 47 2.97 -4.14 -5.00
CA THR A 47 4.21 -4.95 -5.16
C THR A 47 5.23 -4.18 -5.97
N PHE A 48 6.48 -4.37 -5.66
CA PHE A 48 7.54 -3.64 -6.43
C PHE A 48 8.39 -4.64 -7.23
N LYS A 49 9.70 -4.59 -7.09
CA LYS A 49 10.53 -5.53 -7.90
C LYS A 49 11.80 -6.01 -7.15
N GLU A 50 12.51 -5.14 -6.49
CA GLU A 50 13.78 -5.58 -5.81
C GLU A 50 13.52 -6.21 -4.43
N GLU A 51 13.39 -5.39 -3.41
CA GLU A 51 13.16 -5.90 -2.01
C GLU A 51 13.49 -4.76 -1.04
N GLU A 52 14.38 -3.90 -1.45
CA GLU A 52 14.81 -2.74 -0.60
C GLU A 52 13.65 -1.78 -0.31
N PRO A 53 12.97 -1.31 -1.33
CA PRO A 53 11.85 -0.37 -1.12
C PRO A 53 10.92 -0.89 -0.03
N VAL A 54 10.77 -2.18 0.08
CA VAL A 54 9.91 -2.73 1.16
C VAL A 54 10.60 -2.46 2.50
N LYS A 55 11.86 -2.78 2.56
CA LYS A 55 12.61 -2.52 3.82
C LYS A 55 12.26 -1.14 4.33
N LYS A 56 12.22 -0.19 3.44
CA LYS A 56 11.89 1.19 3.85
C LYS A 56 10.44 1.25 4.29
N ILE A 57 9.56 0.95 3.39
CA ILE A 57 8.12 1.00 3.73
C ILE A 57 7.89 0.25 5.05
N MET A 58 8.15 -1.01 5.06
CA MET A 58 7.96 -1.81 6.31
C MET A 58 8.60 -1.08 7.51
N GLU A 59 9.62 -0.31 7.28
CA GLU A 59 10.28 0.41 8.41
C GLU A 59 9.46 1.62 8.86
N LYS A 60 8.28 1.79 8.32
CA LYS A 60 7.43 2.94 8.73
C LYS A 60 5.98 2.47 8.84
N LYS A 61 5.77 1.45 9.62
CA LYS A 61 4.40 0.86 9.81
C LYS A 61 3.27 1.87 9.55
N TYR A 62 3.42 3.11 9.94
CA TYR A 62 2.31 4.09 9.69
C TYR A 62 2.79 5.24 8.81
N HIS A 63 2.55 5.16 7.51
CA HIS A 63 3.01 6.27 6.61
C HIS A 63 1.89 7.29 6.40
N ASN A 64 2.04 8.13 5.41
CA ASN A 64 1.00 9.16 5.12
C ASN A 64 0.75 9.22 3.61
N VAL A 65 -0.48 9.23 3.19
CA VAL A 65 -0.76 9.28 1.73
C VAL A 65 -2.08 10.02 1.46
N GLY A 66 -2.07 10.95 0.54
CA GLY A 66 -3.32 11.70 0.23
C GLY A 66 -4.03 12.08 1.53
N LEU A 67 -3.40 12.87 2.36
CA LEU A 67 -4.04 13.27 3.64
C LEU A 67 -4.60 12.03 4.35
N SER A 68 -4.08 10.87 4.04
CA SER A 68 -4.57 9.64 4.71
C SER A 68 -3.37 8.81 5.18
N LYS A 69 -3.25 8.59 6.46
CA LYS A 69 -2.09 7.81 6.97
C LYS A 69 -2.49 6.34 7.20
N CYS A 70 -3.05 5.71 6.20
CA CYS A 70 -3.44 4.28 6.35
C CYS A 70 -2.32 3.53 7.11
N GLU A 71 -2.59 2.36 7.61
CA GLU A 71 -1.49 1.63 8.32
C GLU A 71 -0.70 0.85 7.30
N ILE A 72 0.37 0.23 7.70
CA ILE A 72 1.17 -0.50 6.68
C ILE A 72 1.92 -1.70 7.28
N LYS A 73 1.76 -2.82 6.64
CA LYS A 73 2.47 -4.06 7.05
C LYS A 73 3.01 -4.68 5.76
N VAL A 74 4.30 -4.61 5.56
CA VAL A 74 4.88 -5.13 4.30
C VAL A 74 4.18 -6.40 3.80
N ALA A 75 4.39 -6.73 2.55
CA ALA A 75 3.75 -7.94 1.97
C ALA A 75 4.74 -8.66 1.05
N LYS A 1 6.65 -6.83 -1.68
CA LYS A 1 5.31 -6.21 -1.76
C LYS A 1 4.90 -5.78 -0.37
N ILE A 2 3.91 -4.94 -0.24
CA ILE A 2 3.49 -4.52 1.11
C ILE A 2 1.96 -4.46 1.22
N PHE A 3 1.43 -4.20 2.38
CA PHE A 3 -0.04 -4.13 2.54
C PHE A 3 -0.43 -2.84 3.27
N VAL A 4 -1.49 -2.21 2.84
CA VAL A 4 -1.94 -0.96 3.51
C VAL A 4 -3.30 -1.19 4.18
N GLY A 5 -3.43 -0.80 5.41
CA GLY A 5 -4.74 -0.98 6.10
C GLY A 5 -5.43 0.38 6.19
N GLY A 6 -5.38 1.11 5.12
CA GLY A 6 -6.03 2.46 5.08
C GLY A 6 -7.13 2.44 4.02
N LEU A 7 -7.11 1.44 3.16
CA LEU A 7 -8.14 1.27 2.09
C LEU A 7 -9.06 2.49 1.93
N SER A 8 -8.49 3.63 1.65
CA SER A 8 -9.34 4.84 1.48
C SER A 8 -10.55 4.49 0.59
N PRO A 9 -11.51 5.37 0.53
CA PRO A 9 -12.71 5.14 -0.28
C PRO A 9 -12.34 4.89 -1.75
N ASP A 10 -11.11 5.16 -2.13
CA ASP A 10 -10.70 4.94 -3.55
C ASP A 10 -9.21 4.59 -3.62
N THR A 11 -8.89 3.34 -3.86
CA THR A 11 -7.45 2.94 -3.96
C THR A 11 -6.66 4.01 -4.72
N PRO A 12 -5.97 4.86 -3.98
CA PRO A 12 -5.19 5.97 -4.59
C PRO A 12 -3.95 5.47 -5.36
N GLU A 13 -4.08 4.45 -6.16
CA GLU A 13 -2.90 3.92 -6.93
C GLU A 13 -1.99 5.04 -7.39
N GLU A 14 -2.44 5.84 -8.30
CA GLU A 14 -1.54 6.89 -8.82
C GLU A 14 -0.91 7.62 -7.64
N LYS A 15 -1.68 7.85 -6.62
CA LYS A 15 -1.12 8.52 -5.40
C LYS A 15 -0.29 7.48 -4.64
N ILE A 16 -0.63 6.24 -4.81
CA ILE A 16 0.11 5.15 -4.15
C ILE A 16 1.51 5.08 -4.75
N ARG A 17 1.59 4.97 -6.04
CA ARG A 17 2.92 4.93 -6.72
C ARG A 17 3.71 6.16 -6.29
N GLU A 18 3.05 7.28 -6.16
CA GLU A 18 3.75 8.53 -5.74
C GLU A 18 4.40 8.32 -4.38
N TYR A 19 3.73 7.66 -3.49
CA TYR A 19 4.38 7.47 -2.18
C TYR A 19 5.17 6.16 -2.20
N PHE A 20 4.48 5.05 -2.18
CA PHE A 20 5.20 3.76 -2.21
C PHE A 20 6.14 3.73 -3.40
N GLY A 21 5.63 3.99 -4.58
CA GLY A 21 6.52 4.02 -5.75
C GLY A 21 7.62 5.02 -5.47
N GLY A 22 7.36 5.92 -4.55
CA GLY A 22 8.38 6.93 -4.18
C GLY A 22 9.52 6.24 -3.44
N PHE A 23 9.21 5.39 -2.49
CA PHE A 23 10.31 4.68 -1.77
C PHE A 23 11.17 3.94 -2.79
N GLY A 24 10.56 3.51 -3.86
CA GLY A 24 11.30 2.78 -4.92
C GLY A 24 10.32 2.47 -6.04
N GLU A 25 10.72 2.62 -7.27
CA GLU A 25 9.77 2.34 -8.39
C GLU A 25 9.01 1.06 -8.10
N VAL A 26 7.76 1.02 -8.45
CA VAL A 26 6.94 -0.20 -8.17
C VAL A 26 6.80 -1.04 -9.44
N GLU A 27 6.61 -2.31 -9.26
CA GLU A 27 6.40 -3.19 -10.44
C GLU A 27 4.90 -3.17 -10.70
N SER A 28 4.14 -3.52 -9.71
CA SER A 28 2.67 -3.47 -9.84
C SER A 28 2.09 -3.28 -8.45
N ILE A 29 0.89 -2.82 -8.33
CA ILE A 29 0.33 -2.67 -6.96
C ILE A 29 -0.77 -3.69 -6.75
N GLU A 30 -1.48 -3.55 -5.68
CA GLU A 30 -2.57 -4.51 -5.40
C GLU A 30 -3.66 -3.83 -4.58
N LEU A 31 -4.88 -3.93 -4.99
CA LEU A 31 -5.96 -3.28 -4.19
C LEU A 31 -6.68 -4.36 -3.39
N PRO A 32 -7.63 -3.97 -2.59
CA PRO A 32 -8.32 -4.96 -1.77
C PRO A 32 -9.09 -5.95 -2.65
N MET A 33 -9.98 -6.71 -2.07
CA MET A 33 -10.76 -7.71 -2.88
C MET A 33 -12.25 -7.40 -2.82
N ASP A 34 -13.06 -8.23 -3.41
CA ASP A 34 -14.53 -7.98 -3.39
C ASP A 34 -15.12 -8.39 -2.02
N ASN A 35 -16.41 -8.58 -1.96
CA ASN A 35 -17.03 -8.98 -0.66
C ASN A 35 -16.68 -7.95 0.42
N LYS A 36 -17.44 -6.88 0.52
CA LYS A 36 -17.15 -5.86 1.56
C LYS A 36 -18.39 -5.62 2.41
N THR A 37 -19.07 -6.67 2.76
CA THR A 37 -20.29 -6.54 3.59
C THR A 37 -20.41 -7.74 4.53
N ASN A 38 -19.34 -8.08 5.19
CA ASN A 38 -19.38 -9.23 6.14
C ASN A 38 -18.38 -9.01 7.27
N LYS A 39 -17.19 -8.59 6.95
CA LYS A 39 -16.15 -8.36 7.99
C LYS A 39 -15.29 -7.15 7.62
N ARG A 40 -14.24 -6.93 8.35
CA ARG A 40 -13.35 -5.76 8.04
C ARG A 40 -12.08 -6.24 7.32
N ARG A 41 -12.22 -6.75 6.13
CA ARG A 41 -11.02 -7.23 5.39
C ARG A 41 -11.00 -6.62 3.98
N GLY A 42 -10.63 -5.37 3.87
CA GLY A 42 -10.58 -4.73 2.53
C GLY A 42 -9.35 -3.82 2.44
N PHE A 43 -8.19 -4.38 2.61
CA PHE A 43 -6.93 -3.56 2.54
C PHE A 43 -6.39 -3.52 1.11
N CYS A 44 -5.33 -2.81 0.90
CA CYS A 44 -4.74 -2.73 -0.48
C CYS A 44 -3.23 -3.01 -0.42
N PHE A 45 -2.75 -4.02 -1.11
CA PHE A 45 -1.28 -4.29 -1.07
C PHE A 45 -0.59 -3.63 -2.27
N ILE A 46 0.67 -3.88 -2.43
CA ILE A 46 1.44 -3.32 -3.59
C ILE A 46 2.72 -4.15 -3.76
N THR A 47 3.08 -4.56 -4.95
CA THR A 47 4.32 -5.38 -5.06
C THR A 47 5.44 -4.56 -5.68
N PHE A 48 6.61 -4.70 -5.17
CA PHE A 48 7.74 -3.89 -5.75
C PHE A 48 8.60 -4.72 -6.72
N LYS A 49 9.84 -5.00 -6.39
CA LYS A 49 10.70 -5.76 -7.33
C LYS A 49 12.12 -5.85 -6.77
N GLU A 50 12.71 -4.75 -6.42
CA GLU A 50 14.09 -4.77 -5.86
C GLU A 50 14.01 -5.25 -4.41
N GLU A 51 12.84 -5.10 -3.82
CA GLU A 51 12.60 -5.52 -2.39
C GLU A 51 12.98 -4.34 -1.46
N GLU A 52 13.82 -3.46 -1.96
CA GLU A 52 14.29 -2.29 -1.15
C GLU A 52 13.15 -1.37 -0.72
N PRO A 53 12.25 -1.04 -1.62
CA PRO A 53 11.14 -0.13 -1.26
C PRO A 53 10.41 -0.68 -0.04
N VAL A 54 10.48 -1.95 0.18
CA VAL A 54 9.82 -2.53 1.38
C VAL A 54 10.69 -2.24 2.59
N LYS A 55 11.96 -2.49 2.48
CA LYS A 55 12.87 -2.23 3.64
C LYS A 55 12.51 -0.88 4.23
N LYS A 56 12.37 0.09 3.38
CA LYS A 56 12.03 1.44 3.86
C LYS A 56 10.60 1.47 4.37
N ILE A 57 9.68 1.21 3.49
CA ILE A 57 8.25 1.22 3.89
C ILE A 57 8.10 0.51 5.24
N MET A 58 8.37 -0.76 5.28
CA MET A 58 8.26 -1.50 6.56
C MET A 58 8.95 -0.71 7.69
N GLU A 59 10.01 0.00 7.37
CA GLU A 59 10.72 0.79 8.42
C GLU A 59 9.79 1.85 9.02
N LYS A 60 8.66 2.07 8.41
CA LYS A 60 7.71 3.09 8.94
C LYS A 60 6.28 2.57 8.81
N LYS A 61 6.05 1.38 9.33
CA LYS A 61 4.71 0.73 9.25
C LYS A 61 3.55 1.73 9.19
N TYR A 62 3.65 2.87 9.83
CA TYR A 62 2.52 3.84 9.77
C TYR A 62 2.96 5.12 9.06
N HIS A 63 2.75 5.20 7.76
CA HIS A 63 3.17 6.43 7.02
C HIS A 63 1.98 7.38 6.82
N ASN A 64 2.04 8.19 5.81
CA ASN A 64 0.93 9.15 5.52
C ASN A 64 0.64 9.14 4.01
N VAL A 65 -0.60 9.26 3.63
CA VAL A 65 -0.91 9.26 2.16
C VAL A 65 -1.99 10.30 1.84
N GLY A 66 -1.75 11.12 0.85
CA GLY A 66 -2.76 12.15 0.48
C GLY A 66 -3.23 12.87 1.75
N LEU A 67 -4.30 12.42 2.33
CA LEU A 67 -4.81 13.08 3.58
C LEU A 67 -5.14 12.02 4.63
N SER A 68 -4.39 10.96 4.68
CA SER A 68 -4.68 9.89 5.69
C SER A 68 -3.37 9.18 6.06
N LYS A 69 -3.38 8.39 7.10
CA LYS A 69 -2.13 7.69 7.49
C LYS A 69 -2.34 6.16 7.46
N CYS A 70 -2.91 5.68 6.39
CA CYS A 70 -3.13 4.20 6.25
C CYS A 70 -1.99 3.44 6.91
N GLU A 71 -2.24 2.24 7.38
CA GLU A 71 -1.12 1.48 8.02
C GLU A 71 -0.37 0.72 6.93
N ILE A 72 0.74 0.15 7.28
CA ILE A 72 1.51 -0.56 6.23
C ILE A 72 2.22 -1.81 6.79
N LYS A 73 1.80 -2.96 6.34
CA LYS A 73 2.44 -4.24 6.76
C LYS A 73 2.96 -4.89 5.49
N VAL A 74 4.25 -4.90 5.27
CA VAL A 74 4.79 -5.48 4.00
C VAL A 74 4.03 -6.75 3.58
N ALA A 75 4.28 -7.20 2.39
CA ALA A 75 3.60 -8.43 1.88
C ALA A 75 4.50 -9.17 0.90
N LYS A 1 6.57 -6.63 -1.61
CA LYS A 1 5.26 -5.97 -1.82
C LYS A 1 4.77 -5.52 -0.45
N ILE A 2 3.89 -4.57 -0.37
CA ILE A 2 3.44 -4.18 0.99
C ILE A 2 1.90 -4.15 1.06
N PHE A 3 1.37 -3.73 2.18
CA PHE A 3 -0.12 -3.70 2.32
C PHE A 3 -0.58 -2.60 3.28
N VAL A 4 -1.43 -1.72 2.83
CA VAL A 4 -1.94 -0.65 3.73
C VAL A 4 -3.25 -1.10 4.39
N GLY A 5 -3.33 -1.01 5.69
CA GLY A 5 -4.58 -1.47 6.38
C GLY A 5 -5.40 -0.27 6.84
N GLY A 6 -5.79 0.56 5.92
CA GLY A 6 -6.61 1.76 6.29
C GLY A 6 -6.91 2.57 5.03
N LEU A 7 -7.70 2.03 4.14
CA LEU A 7 -8.01 2.77 2.88
C LEU A 7 -9.47 2.62 2.49
N SER A 8 -9.93 3.47 1.61
CA SER A 8 -11.34 3.39 1.14
C SER A 8 -11.45 2.30 0.07
N PRO A 9 -12.66 1.99 -0.33
CA PRO A 9 -12.87 0.95 -1.36
C PRO A 9 -12.08 1.28 -2.63
N ASP A 10 -11.64 2.51 -2.77
CA ASP A 10 -10.85 2.88 -3.97
C ASP A 10 -9.41 3.22 -3.57
N THR A 11 -8.45 2.47 -4.05
CA THR A 11 -7.03 2.76 -3.69
C THR A 11 -6.45 3.85 -4.60
N PRO A 12 -5.92 4.89 -4.00
CA PRO A 12 -5.34 6.01 -4.77
C PRO A 12 -4.08 5.60 -5.53
N GLU A 13 -4.17 4.64 -6.40
CA GLU A 13 -2.98 4.18 -7.18
C GLU A 13 -2.09 5.33 -7.56
N GLU A 14 -2.55 6.18 -8.42
CA GLU A 14 -1.69 7.29 -8.86
C GLU A 14 -1.06 7.94 -7.63
N LYS A 15 -1.81 8.05 -6.57
CA LYS A 15 -1.27 8.63 -5.32
C LYS A 15 -0.41 7.56 -4.65
N ILE A 16 -0.74 6.32 -4.89
CA ILE A 16 0.03 5.19 -4.31
C ILE A 16 1.42 5.19 -4.94
N ARG A 17 1.49 5.15 -6.23
CA ARG A 17 2.80 5.19 -6.92
C ARG A 17 3.56 6.44 -6.48
N GLU A 18 2.86 7.53 -6.31
CA GLU A 18 3.50 8.79 -5.85
C GLU A 18 4.31 8.55 -4.60
N TYR A 19 3.75 7.91 -3.63
CA TYR A 19 4.55 7.69 -2.42
C TYR A 19 5.29 6.37 -2.52
N PHE A 20 4.57 5.28 -2.44
CA PHE A 20 5.23 3.96 -2.53
C PHE A 20 6.13 3.92 -3.77
N GLY A 21 5.59 4.20 -4.92
CA GLY A 21 6.44 4.21 -6.14
C GLY A 21 7.60 5.16 -5.88
N GLY A 22 7.42 6.06 -4.94
CA GLY A 22 8.50 7.02 -4.60
C GLY A 22 9.60 6.29 -3.83
N PHE A 23 9.25 5.50 -2.85
CA PHE A 23 10.30 4.76 -2.09
C PHE A 23 11.18 4.01 -3.08
N GLY A 24 10.57 3.51 -4.12
CA GLY A 24 11.31 2.77 -5.16
C GLY A 24 10.34 2.46 -6.30
N GLU A 25 10.74 2.65 -7.52
CA GLU A 25 9.80 2.38 -8.65
C GLU A 25 9.01 1.11 -8.37
N VAL A 26 7.77 1.10 -8.72
CA VAL A 26 6.92 -0.09 -8.47
C VAL A 26 6.88 -0.98 -9.70
N GLU A 27 6.83 -2.26 -9.50
CA GLU A 27 6.73 -3.18 -10.66
C GLU A 27 5.24 -3.33 -10.95
N SER A 28 4.48 -3.63 -9.93
CA SER A 28 3.02 -3.73 -10.09
C SER A 28 2.41 -3.43 -8.74
N ILE A 29 1.12 -3.28 -8.67
CA ILE A 29 0.52 -3.00 -7.34
C ILE A 29 -0.55 -4.02 -7.01
N GLU A 30 -1.26 -3.77 -5.96
CA GLU A 30 -2.33 -4.70 -5.53
C GLU A 30 -3.41 -3.89 -4.80
N LEU A 31 -4.66 -4.17 -5.03
CA LEU A 31 -5.70 -3.36 -4.35
C LEU A 31 -6.44 -4.18 -3.30
N PRO A 32 -7.23 -3.49 -2.52
CA PRO A 32 -8.01 -4.15 -1.48
C PRO A 32 -8.75 -5.37 -2.03
N MET A 33 -8.12 -6.52 -2.02
CA MET A 33 -8.79 -7.75 -2.53
C MET A 33 -9.58 -7.44 -3.81
N ASP A 34 -10.73 -8.02 -3.97
CA ASP A 34 -11.53 -7.76 -5.20
C ASP A 34 -12.90 -7.18 -4.82
N ASN A 35 -13.62 -6.67 -5.77
CA ASN A 35 -14.97 -6.08 -5.47
C ASN A 35 -14.82 -4.87 -4.55
N LYS A 36 -14.41 -5.09 -3.33
CA LYS A 36 -14.24 -3.95 -2.37
C LYS A 36 -15.60 -3.30 -2.10
N THR A 37 -16.59 -4.10 -1.84
CA THR A 37 -17.94 -3.54 -1.55
C THR A 37 -18.71 -4.47 -0.61
N ASN A 38 -18.13 -4.80 0.51
CA ASN A 38 -18.82 -5.72 1.45
C ASN A 38 -18.78 -5.17 2.87
N LYS A 39 -17.70 -4.56 3.26
CA LYS A 39 -17.60 -4.01 4.64
C LYS A 39 -17.06 -2.56 4.63
N ARG A 40 -16.77 -2.02 5.77
CA ARG A 40 -16.25 -0.63 5.84
C ARG A 40 -15.01 -0.47 4.96
N ARG A 41 -14.27 0.58 5.16
CA ARG A 41 -13.03 0.81 4.36
C ARG A 41 -12.25 -0.49 4.22
N GLY A 42 -11.26 -0.51 3.36
CA GLY A 42 -10.46 -1.76 3.20
C GLY A 42 -8.97 -1.43 3.19
N PHE A 43 -8.19 -2.20 2.47
CA PHE A 43 -6.72 -1.95 2.42
C PHE A 43 -6.24 -1.93 0.98
N CYS A 44 -4.96 -2.05 0.78
CA CYS A 44 -4.44 -2.08 -0.61
C CYS A 44 -2.96 -2.52 -0.57
N PHE A 45 -2.59 -3.49 -1.35
CA PHE A 45 -1.17 -3.92 -1.33
C PHE A 45 -0.46 -3.32 -2.55
N ILE A 46 0.78 -3.66 -2.73
CA ILE A 46 1.54 -3.15 -3.90
C ILE A 46 2.81 -3.98 -4.03
N THR A 47 3.19 -4.41 -5.20
CA THR A 47 4.42 -5.23 -5.29
C THR A 47 5.54 -4.42 -5.90
N PHE A 48 6.70 -4.57 -5.38
CA PHE A 48 7.85 -3.79 -5.94
C PHE A 48 8.66 -4.65 -6.93
N LYS A 49 9.96 -4.69 -6.81
CA LYS A 49 10.77 -5.49 -7.77
C LYS A 49 11.84 -6.29 -7.05
N GLU A 50 12.65 -5.65 -6.24
CA GLU A 50 13.71 -6.40 -5.51
C GLU A 50 13.23 -6.77 -4.10
N GLU A 51 13.09 -5.79 -3.24
CA GLU A 51 12.64 -6.05 -1.83
C GLU A 51 12.99 -4.84 -0.96
N GLU A 52 14.01 -4.13 -1.35
CA GLU A 52 14.47 -2.93 -0.58
C GLU A 52 13.36 -1.88 -0.40
N PRO A 53 12.60 -1.59 -1.42
CA PRO A 53 11.55 -0.55 -1.29
C PRO A 53 10.64 -0.84 -0.10
N VAL A 54 10.39 -2.09 0.20
CA VAL A 54 9.54 -2.39 1.38
C VAL A 54 10.38 -2.19 2.63
N LYS A 55 11.64 -2.50 2.55
CA LYS A 55 12.51 -2.30 3.75
C LYS A 55 12.21 -0.93 4.32
N LYS A 56 12.11 0.03 3.44
CA LYS A 56 11.84 1.41 3.89
C LYS A 56 10.40 1.55 4.36
N ILE A 57 9.49 1.35 3.45
CA ILE A 57 8.05 1.49 3.80
C ILE A 57 7.75 0.67 5.07
N MET A 58 7.95 -0.61 5.02
CA MET A 58 7.69 -1.46 6.22
C MET A 58 8.38 -0.87 7.46
N GLU A 59 9.52 -0.26 7.31
CA GLU A 59 10.23 0.32 8.49
C GLU A 59 9.41 1.47 9.11
N LYS A 60 8.34 1.86 8.48
CA LYS A 60 7.50 2.95 9.04
C LYS A 60 6.03 2.52 8.96
N LYS A 61 5.75 1.36 9.50
CA LYS A 61 4.36 0.80 9.48
C LYS A 61 3.27 1.88 9.41
N TYR A 62 3.47 3.02 10.02
CA TYR A 62 2.41 4.07 9.96
C TYR A 62 2.94 5.29 9.20
N HIS A 63 2.75 5.33 7.91
CA HIS A 63 3.27 6.48 7.10
C HIS A 63 2.22 7.59 7.00
N ASN A 64 2.34 8.42 5.99
CA ASN A 64 1.38 9.54 5.79
C ASN A 64 1.16 9.75 4.29
N VAL A 65 -0.05 9.61 3.82
CA VAL A 65 -0.31 9.81 2.37
C VAL A 65 -1.63 10.56 2.17
N GLY A 66 -1.59 11.68 1.49
CA GLY A 66 -2.85 12.45 1.27
C GLY A 66 -3.49 12.79 2.62
N LEU A 67 -2.74 13.40 3.50
CA LEU A 67 -3.30 13.75 4.84
C LEU A 67 -3.88 12.50 5.50
N SER A 68 -3.43 11.35 5.10
CA SER A 68 -3.95 10.09 5.72
C SER A 68 -2.78 9.17 6.08
N LYS A 69 -2.62 8.87 7.34
CA LYS A 69 -1.49 7.98 7.74
C LYS A 69 -1.96 6.53 7.80
N CYS A 70 -2.57 6.05 6.76
CA CYS A 70 -3.03 4.62 6.72
C CYS A 70 -1.94 3.73 7.33
N GLU A 71 -2.26 2.51 7.68
CA GLU A 71 -1.20 1.64 8.26
C GLU A 71 -0.47 0.92 7.15
N ILE A 72 0.67 0.37 7.46
CA ILE A 72 1.45 -0.33 6.41
C ILE A 72 2.07 -1.63 6.93
N LYS A 73 1.67 -2.72 6.36
CA LYS A 73 2.24 -4.04 6.74
C LYS A 73 2.72 -4.70 5.44
N VAL A 74 4.00 -4.87 5.29
CA VAL A 74 4.52 -5.45 4.02
C VAL A 74 3.64 -6.59 3.51
N ALA A 75 3.85 -6.99 2.28
CA ALA A 75 3.05 -8.08 1.68
C ALA A 75 3.91 -8.91 0.72
N LYS A 1 6.69 -6.75 -1.38
CA LYS A 1 5.36 -6.09 -1.62
C LYS A 1 4.83 -5.65 -0.27
N ILE A 2 3.91 -4.73 -0.23
CA ILE A 2 3.40 -4.31 1.10
C ILE A 2 1.87 -4.34 1.15
N PHE A 3 1.29 -3.98 2.27
CA PHE A 3 -0.19 -4.02 2.38
C PHE A 3 -0.71 -2.95 3.36
N VAL A 4 -1.61 -2.11 2.93
CA VAL A 4 -2.14 -1.05 3.84
C VAL A 4 -3.43 -1.54 4.51
N GLY A 5 -3.53 -1.37 5.81
CA GLY A 5 -4.76 -1.83 6.53
C GLY A 5 -5.60 -0.62 6.93
N GLY A 6 -5.97 0.16 5.95
CA GLY A 6 -6.81 1.37 6.21
C GLY A 6 -7.10 2.05 4.88
N LEU A 7 -7.82 1.38 4.03
CA LEU A 7 -8.12 1.96 2.69
C LEU A 7 -9.57 2.45 2.61
N SER A 8 -9.81 3.42 1.78
CA SER A 8 -11.19 3.96 1.60
C SER A 8 -11.88 3.16 0.48
N PRO A 9 -13.02 3.65 0.03
CA PRO A 9 -13.75 2.94 -1.05
C PRO A 9 -12.93 2.96 -2.36
N ASP A 10 -11.83 3.66 -2.38
CA ASP A 10 -10.99 3.71 -3.61
C ASP A 10 -9.52 3.92 -3.25
N THR A 11 -8.66 3.01 -3.62
CA THR A 11 -7.21 3.18 -3.29
C THR A 11 -6.55 4.15 -4.29
N PRO A 12 -6.02 5.24 -3.79
CA PRO A 12 -5.37 6.25 -4.66
C PRO A 12 -4.12 5.71 -5.36
N GLU A 13 -4.24 4.62 -6.07
CA GLU A 13 -3.06 4.02 -6.77
C GLU A 13 -2.15 5.10 -7.30
N GLU A 14 -2.61 5.86 -8.25
CA GLU A 14 -1.73 6.89 -8.80
C GLU A 14 -1.06 7.66 -7.66
N LYS A 15 -1.80 7.88 -6.61
CA LYS A 15 -1.21 8.58 -5.44
C LYS A 15 -0.38 7.56 -4.66
N ILE A 16 -0.76 6.32 -4.74
CA ILE A 16 0.00 5.24 -4.08
C ILE A 16 1.39 5.17 -4.70
N ARG A 17 1.43 5.04 -6.00
CA ARG A 17 2.74 4.99 -6.70
C ARG A 17 3.53 6.26 -6.35
N GLU A 18 2.84 7.36 -6.21
CA GLU A 18 3.52 8.63 -5.86
C GLU A 18 4.22 8.50 -4.53
N TYR A 19 3.62 7.87 -3.58
CA TYR A 19 4.33 7.73 -2.30
C TYR A 19 5.13 6.44 -2.30
N PHE A 20 4.45 5.33 -2.23
CA PHE A 20 5.17 4.04 -2.25
C PHE A 20 6.08 4.00 -3.48
N GLY A 21 5.53 4.19 -4.65
CA GLY A 21 6.36 4.20 -5.86
C GLY A 21 7.47 5.23 -5.62
N GLY A 22 7.22 6.16 -4.73
CA GLY A 22 8.23 7.20 -4.40
C GLY A 22 9.40 6.53 -3.67
N PHE A 23 9.11 5.73 -2.68
CA PHE A 23 10.23 5.04 -1.96
C PHE A 23 11.12 4.37 -2.99
N GLY A 24 10.52 3.90 -4.05
CA GLY A 24 11.28 3.23 -5.13
C GLY A 24 10.28 2.85 -6.23
N GLU A 25 10.63 3.07 -7.47
CA GLU A 25 9.66 2.73 -8.55
C GLU A 25 8.99 1.40 -8.25
N VAL A 26 7.74 1.29 -8.55
CA VAL A 26 7.01 0.03 -8.26
C VAL A 26 6.99 -0.87 -9.48
N GLU A 27 6.95 -2.15 -9.28
CA GLU A 27 6.85 -3.07 -10.43
C GLU A 27 5.37 -3.23 -10.73
N SER A 28 4.61 -3.56 -9.72
CA SER A 28 3.16 -3.67 -9.89
C SER A 28 2.52 -3.38 -8.53
N ILE A 29 1.26 -3.14 -8.48
CA ILE A 29 0.65 -2.88 -7.15
C ILE A 29 -0.53 -3.81 -6.94
N GLU A 30 -1.23 -3.59 -5.88
CA GLU A 30 -2.39 -4.46 -5.57
C GLU A 30 -3.43 -3.67 -4.77
N LEU A 31 -4.66 -3.72 -5.15
CA LEU A 31 -5.68 -2.96 -4.38
C LEU A 31 -6.49 -3.89 -3.51
N PRO A 32 -7.26 -3.30 -2.63
CA PRO A 32 -8.08 -4.12 -1.74
C PRO A 32 -9.09 -4.96 -2.53
N MET A 33 -8.68 -6.11 -2.98
CA MET A 33 -9.62 -6.98 -3.76
C MET A 33 -9.05 -8.39 -3.88
N ASP A 34 -9.91 -9.38 -3.90
CA ASP A 34 -9.44 -10.78 -4.03
C ASP A 34 -10.63 -11.71 -4.23
N ASN A 35 -11.49 -11.81 -3.25
CA ASN A 35 -12.68 -12.70 -3.40
C ASN A 35 -13.61 -12.11 -4.46
N LYS A 36 -13.60 -10.82 -4.61
CA LYS A 36 -14.48 -10.17 -5.62
C LYS A 36 -15.94 -10.47 -5.32
N THR A 37 -16.30 -10.46 -4.07
CA THR A 37 -17.72 -10.73 -3.69
C THR A 37 -18.07 -10.00 -2.40
N ASN A 38 -17.66 -8.77 -2.29
CA ASN A 38 -17.98 -7.98 -1.06
C ASN A 38 -18.09 -6.48 -1.38
N LYS A 39 -17.05 -5.73 -1.15
CA LYS A 39 -17.10 -4.28 -1.45
C LYS A 39 -15.73 -3.77 -1.88
N ARG A 40 -15.62 -2.51 -2.19
CA ARG A 40 -14.29 -1.95 -2.62
C ARG A 40 -13.61 -1.25 -1.45
N ARG A 41 -13.19 -2.00 -0.46
CA ARG A 41 -12.51 -1.37 0.71
C ARG A 41 -11.81 -2.44 1.56
N GLY A 42 -10.99 -2.03 2.49
CA GLY A 42 -10.28 -3.02 3.34
C GLY A 42 -8.78 -2.67 3.40
N PHE A 43 -8.00 -3.27 2.55
CA PHE A 43 -6.54 -2.97 2.56
C PHE A 43 -5.99 -3.01 1.13
N CYS A 44 -4.95 -2.30 0.85
CA CYS A 44 -4.39 -2.32 -0.52
C CYS A 44 -2.92 -2.77 -0.49
N PHE A 45 -2.55 -3.76 -1.26
CA PHE A 45 -1.13 -4.18 -1.25
C PHE A 45 -0.40 -3.54 -2.41
N ILE A 46 0.83 -3.85 -2.58
CA ILE A 46 1.61 -3.28 -3.71
C ILE A 46 2.89 -4.12 -3.86
N THR A 47 3.26 -4.51 -5.03
CA THR A 47 4.49 -5.33 -5.14
C THR A 47 5.58 -4.50 -5.78
N PHE A 48 6.76 -4.60 -5.28
CA PHE A 48 7.87 -3.80 -5.85
C PHE A 48 8.76 -4.63 -6.78
N LYS A 49 9.90 -4.08 -7.12
CA LYS A 49 10.86 -4.80 -8.00
C LYS A 49 11.80 -5.62 -7.12
N GLU A 50 12.37 -4.99 -6.13
CA GLU A 50 13.29 -5.70 -5.21
C GLU A 50 12.72 -5.64 -3.79
N GLU A 51 13.32 -6.30 -2.86
CA GLU A 51 12.80 -6.27 -1.47
C GLU A 51 13.14 -4.91 -0.81
N GLU A 52 14.09 -4.21 -1.37
CA GLU A 52 14.52 -2.89 -0.82
C GLU A 52 13.34 -1.93 -0.54
N PRO A 53 12.51 -1.71 -1.53
CA PRO A 53 11.38 -0.77 -1.36
C PRO A 53 10.61 -1.02 -0.06
N VAL A 54 10.35 -2.25 0.28
CA VAL A 54 9.62 -2.51 1.55
C VAL A 54 10.53 -2.24 2.73
N LYS A 55 11.80 -2.47 2.57
CA LYS A 55 12.73 -2.21 3.69
C LYS A 55 12.46 -0.82 4.22
N LYS A 56 12.34 0.12 3.33
CA LYS A 56 12.09 1.52 3.76
C LYS A 56 10.68 1.66 4.29
N ILE A 57 9.72 1.48 3.42
CA ILE A 57 8.32 1.62 3.86
C ILE A 57 8.11 0.83 5.17
N MET A 58 8.26 -0.47 5.11
CA MET A 58 8.10 -1.29 6.35
C MET A 58 8.76 -0.60 7.54
N GLU A 59 9.92 -0.01 7.36
CA GLU A 59 10.59 0.67 8.50
C GLU A 59 9.67 1.72 9.12
N LYS A 60 8.63 2.10 8.42
CA LYS A 60 7.68 3.09 8.95
C LYS A 60 6.25 2.61 8.69
N LYS A 61 5.97 1.40 9.07
CA LYS A 61 4.62 0.78 8.85
C LYS A 61 3.50 1.82 8.75
N TYR A 62 3.54 2.87 9.51
CA TYR A 62 2.44 3.87 9.43
C TYR A 62 2.95 5.09 8.63
N HIS A 63 2.77 5.09 7.33
CA HIS A 63 3.28 6.24 6.51
C HIS A 63 2.24 7.34 6.40
N ASN A 64 2.44 8.25 5.50
CA ASN A 64 1.47 9.37 5.29
C ASN A 64 1.28 9.60 3.79
N VAL A 65 0.11 9.37 3.27
CA VAL A 65 -0.10 9.57 1.82
C VAL A 65 -1.35 10.42 1.57
N GLY A 66 -1.21 11.50 0.85
CA GLY A 66 -2.38 12.37 0.57
C GLY A 66 -3.07 12.75 1.89
N LEU A 67 -2.33 13.24 2.84
CA LEU A 67 -2.94 13.61 4.14
C LEU A 67 -3.59 12.39 4.79
N SER A 68 -3.11 11.22 4.46
CA SER A 68 -3.70 9.99 5.07
C SER A 68 -2.57 9.01 5.43
N LYS A 69 -2.50 8.63 6.67
CA LYS A 69 -1.41 7.68 7.08
C LYS A 69 -1.97 6.28 7.35
N CYS A 70 -2.65 5.70 6.39
CA CYS A 70 -3.19 4.32 6.60
C CYS A 70 -2.12 3.45 7.21
N GLU A 71 -2.45 2.26 7.65
CA GLU A 71 -1.39 1.39 8.22
C GLU A 71 -0.78 0.60 7.08
N ILE A 72 0.32 -0.04 7.31
CA ILE A 72 0.93 -0.80 6.19
C ILE A 72 1.73 -2.01 6.68
N LYS A 73 1.17 -3.17 6.56
CA LYS A 73 1.91 -4.40 6.94
C LYS A 73 2.47 -4.99 5.64
N VAL A 74 3.76 -5.06 5.51
CA VAL A 74 4.34 -5.57 4.24
C VAL A 74 3.56 -6.77 3.68
N ALA A 75 3.86 -7.12 2.47
CA ALA A 75 3.16 -8.27 1.83
C ALA A 75 4.14 -9.05 0.93
N LYS A 1 6.76 -6.65 -1.57
CA LYS A 1 5.43 -6.02 -1.70
C LYS A 1 5.00 -5.57 -0.31
N ILE A 2 4.11 -4.63 -0.22
CA ILE A 2 3.68 -4.21 1.13
C ILE A 2 2.15 -4.21 1.23
N PHE A 3 1.62 -3.97 2.39
CA PHE A 3 0.14 -3.96 2.52
C PHE A 3 -0.33 -2.74 3.32
N VAL A 4 -1.35 -2.09 2.85
CA VAL A 4 -1.87 -0.90 3.57
C VAL A 4 -3.21 -1.20 4.23
N GLY A 5 -3.38 -0.76 5.44
CA GLY A 5 -4.67 -0.99 6.14
C GLY A 5 -5.40 0.34 6.27
N GLY A 6 -5.46 1.07 5.19
CA GLY A 6 -6.14 2.39 5.20
C GLY A 6 -7.28 2.37 4.19
N LEU A 7 -7.28 1.40 3.31
CA LEU A 7 -8.37 1.26 2.27
C LEU A 7 -9.23 2.50 2.14
N SER A 8 -8.62 3.63 1.91
CA SER A 8 -9.40 4.90 1.77
C SER A 8 -10.63 4.67 0.87
N PRO A 9 -11.50 5.64 0.80
CA PRO A 9 -12.72 5.53 -0.03
C PRO A 9 -12.36 5.27 -1.50
N ASP A 10 -11.12 5.46 -1.86
CA ASP A 10 -10.72 5.24 -3.29
C ASP A 10 -9.26 4.79 -3.35
N THR A 11 -9.02 3.51 -3.25
CA THR A 11 -7.62 2.99 -3.31
C THR A 11 -6.81 3.75 -4.37
N PRO A 12 -6.07 4.74 -3.91
CA PRO A 12 -5.26 5.58 -4.82
C PRO A 12 -4.03 4.82 -5.36
N GLU A 13 -3.92 4.76 -6.67
CA GLU A 13 -2.76 4.09 -7.34
C GLU A 13 -1.73 5.14 -7.68
N GLU A 14 -2.08 6.03 -8.55
CA GLU A 14 -1.12 7.05 -8.97
C GLU A 14 -0.52 7.69 -7.73
N LYS A 15 -1.36 8.10 -6.83
CA LYS A 15 -0.86 8.70 -5.56
C LYS A 15 -0.08 7.61 -4.83
N ILE A 16 -0.43 6.38 -5.12
CA ILE A 16 0.28 5.24 -4.49
C ILE A 16 1.69 5.18 -5.07
N ARG A 17 1.81 5.00 -6.34
CA ARG A 17 3.16 4.98 -6.95
C ARG A 17 3.88 6.26 -6.56
N GLU A 18 3.13 7.32 -6.40
CA GLU A 18 3.71 8.62 -5.99
C GLU A 18 4.36 8.47 -4.63
N TYR A 19 3.73 7.80 -3.74
CA TYR A 19 4.40 7.64 -2.42
C TYR A 19 5.21 6.35 -2.43
N PHE A 20 4.54 5.23 -2.44
CA PHE A 20 5.27 3.95 -2.44
C PHE A 20 6.25 3.91 -3.61
N GLY A 21 5.79 4.20 -4.79
CA GLY A 21 6.70 4.22 -5.95
C GLY A 21 7.85 5.18 -5.62
N GLY A 22 7.61 6.06 -4.69
CA GLY A 22 8.68 7.01 -4.27
C GLY A 22 9.74 6.25 -3.49
N PHE A 23 9.33 5.42 -2.57
CA PHE A 23 10.34 4.64 -1.79
C PHE A 23 11.23 3.87 -2.76
N GLY A 24 10.67 3.49 -3.87
CA GLY A 24 11.43 2.74 -4.90
C GLY A 24 10.47 2.41 -6.04
N GLU A 25 10.92 2.53 -7.27
CA GLU A 25 10.00 2.23 -8.41
C GLU A 25 9.19 0.98 -8.09
N VAL A 26 7.94 0.98 -8.46
CA VAL A 26 7.09 -0.19 -8.17
C VAL A 26 6.94 -1.07 -9.41
N GLU A 27 6.77 -2.34 -9.21
CA GLU A 27 6.57 -3.25 -10.36
C GLU A 27 5.07 -3.24 -10.64
N SER A 28 4.30 -3.55 -9.64
CA SER A 28 2.83 -3.50 -9.78
C SER A 28 2.23 -3.24 -8.42
N ILE A 29 0.95 -3.03 -8.33
CA ILE A 29 0.37 -2.80 -6.98
C ILE A 29 -0.74 -3.80 -6.72
N GLU A 30 -1.46 -3.60 -5.65
CA GLU A 30 -2.56 -4.53 -5.33
C GLU A 30 -3.66 -3.80 -4.55
N LEU A 31 -4.87 -3.91 -4.97
CA LEU A 31 -5.96 -3.22 -4.23
C LEU A 31 -6.73 -4.21 -3.40
N PRO A 32 -7.64 -3.71 -2.61
CA PRO A 32 -8.42 -4.58 -1.74
C PRO A 32 -9.37 -5.46 -2.54
N MET A 33 -9.45 -5.25 -3.83
CA MET A 33 -10.36 -6.08 -4.67
C MET A 33 -10.08 -7.57 -4.45
N ASP A 34 -10.76 -8.43 -5.15
CA ASP A 34 -10.54 -9.89 -4.98
C ASP A 34 -10.85 -10.30 -3.54
N ASN A 35 -11.28 -11.52 -3.33
CA ASN A 35 -11.59 -11.97 -1.95
C ASN A 35 -12.57 -10.99 -1.28
N LYS A 36 -13.83 -11.30 -1.29
CA LYS A 36 -14.83 -10.39 -0.67
C LYS A 36 -16.25 -10.96 -0.83
N THR A 37 -16.43 -12.21 -0.50
CA THR A 37 -17.79 -12.81 -0.62
C THR A 37 -18.33 -13.09 0.77
N ASN A 38 -18.05 -12.22 1.69
CA ASN A 38 -18.54 -12.40 3.09
C ASN A 38 -18.74 -11.04 3.75
N LYS A 39 -17.87 -10.11 3.47
CA LYS A 39 -17.99 -8.75 4.08
C LYS A 39 -17.89 -7.67 3.01
N ARG A 40 -17.71 -6.44 3.41
CA ARG A 40 -17.61 -5.34 2.41
C ARG A 40 -16.49 -4.37 2.80
N ARG A 41 -15.27 -4.84 2.81
CA ARG A 41 -14.13 -3.95 3.18
C ARG A 41 -12.82 -4.76 3.21
N GLY A 42 -11.74 -4.19 2.77
CA GLY A 42 -10.46 -4.93 2.77
C GLY A 42 -9.28 -3.96 2.66
N PHE A 43 -8.07 -4.47 2.78
CA PHE A 43 -6.87 -3.58 2.68
C PHE A 43 -6.37 -3.51 1.24
N CYS A 44 -5.34 -2.73 1.00
CA CYS A 44 -4.79 -2.62 -0.38
C CYS A 44 -3.28 -2.88 -0.35
N PHE A 45 -2.78 -3.88 -1.04
CA PHE A 45 -1.30 -4.11 -1.02
C PHE A 45 -0.64 -3.44 -2.22
N ILE A 46 0.61 -3.74 -2.42
CA ILE A 46 1.36 -3.17 -3.57
C ILE A 46 2.63 -3.99 -3.73
N THR A 47 3.05 -4.34 -4.91
CA THR A 47 4.29 -5.15 -5.03
C THR A 47 5.40 -4.32 -5.65
N PHE A 48 6.59 -4.53 -5.21
CA PHE A 48 7.73 -3.73 -5.77
C PHE A 48 8.56 -4.56 -6.75
N LYS A 49 9.83 -4.28 -6.85
CA LYS A 49 10.69 -5.03 -7.83
C LYS A 49 11.72 -5.91 -7.12
N GLU A 50 12.69 -5.31 -6.48
CA GLU A 50 13.74 -6.13 -5.79
C GLU A 50 13.30 -6.51 -4.38
N GLU A 51 13.21 -5.54 -3.50
CA GLU A 51 12.80 -5.82 -2.09
C GLU A 51 13.16 -4.61 -1.21
N GLU A 52 14.15 -3.88 -1.62
CA GLU A 52 14.62 -2.68 -0.85
C GLU A 52 13.48 -1.66 -0.59
N PRO A 53 12.70 -1.36 -1.60
CA PRO A 53 11.62 -0.35 -1.41
C PRO A 53 10.75 -0.71 -0.22
N VAL A 54 10.63 -1.98 0.11
CA VAL A 54 9.82 -2.34 1.30
C VAL A 54 10.68 -2.14 2.54
N LYS A 55 11.95 -2.41 2.43
CA LYS A 55 12.83 -2.23 3.60
C LYS A 55 12.52 -0.88 4.24
N LYS A 56 12.41 0.11 3.41
CA LYS A 56 12.10 1.46 3.93
C LYS A 56 10.64 1.52 4.36
N ILE A 57 9.75 1.31 3.43
CA ILE A 57 8.31 1.35 3.77
C ILE A 57 8.07 0.61 5.09
N MET A 58 8.27 -0.69 5.08
CA MET A 58 8.07 -1.47 6.33
C MET A 58 8.73 -0.75 7.51
N GLU A 59 9.87 -0.13 7.29
CA GLU A 59 10.54 0.59 8.40
C GLU A 59 9.63 1.69 8.96
N LYS A 60 8.58 2.01 8.26
CA LYS A 60 7.65 3.06 8.75
C LYS A 60 6.22 2.54 8.66
N LYS A 61 6.01 1.35 9.16
CA LYS A 61 4.67 0.69 9.13
C LYS A 61 3.49 1.69 9.08
N TYR A 62 3.62 2.84 9.69
CA TYR A 62 2.47 3.79 9.67
C TYR A 62 2.86 5.08 8.92
N HIS A 63 2.64 5.14 7.63
CA HIS A 63 3.01 6.37 6.87
C HIS A 63 1.77 7.27 6.66
N ASN A 64 1.70 7.94 5.54
CA ASN A 64 0.53 8.82 5.25
C ASN A 64 0.17 8.75 3.77
N VAL A 65 -1.10 8.72 3.45
CA VAL A 65 -1.52 8.66 2.03
C VAL A 65 -2.87 9.35 1.83
N GLY A 66 -2.95 10.30 0.95
CA GLY A 66 -4.24 11.00 0.70
C GLY A 66 -4.77 11.56 2.03
N LEU A 67 -4.06 12.46 2.64
CA LEU A 67 -4.54 13.04 3.92
C LEU A 67 -4.95 11.93 4.90
N SER A 68 -4.41 10.75 4.73
CA SER A 68 -4.77 9.62 5.65
C SER A 68 -3.50 8.92 6.12
N LYS A 69 -3.52 8.33 7.28
CA LYS A 69 -2.29 7.64 7.76
C LYS A 69 -2.47 6.11 7.71
N CYS A 70 -3.03 5.63 6.63
CA CYS A 70 -3.24 4.16 6.47
C CYS A 70 -2.06 3.40 7.09
N GLU A 71 -2.26 2.19 7.51
CA GLU A 71 -1.11 1.44 8.09
C GLU A 71 -0.36 0.75 6.97
N ILE A 72 0.77 0.21 7.25
CA ILE A 72 1.54 -0.44 6.14
C ILE A 72 2.35 -1.65 6.63
N LYS A 73 1.76 -2.82 6.57
CA LYS A 73 2.51 -4.03 6.98
C LYS A 73 3.00 -4.70 5.69
N VAL A 74 4.28 -4.76 5.49
CA VAL A 74 4.81 -5.34 4.22
C VAL A 74 4.01 -6.56 3.75
N ALA A 75 4.22 -6.96 2.53
CA ALA A 75 3.49 -8.12 1.97
C ALA A 75 4.41 -8.92 1.04
#